data_7UVN
#
_entry.id   7UVN
#
_cell.length_a   142.098
_cell.length_b   153.040
_cell.length_c   104.696
_cell.angle_alpha   90.00
_cell.angle_beta   117.92
_cell.angle_gamma   90.00
#
_symmetry.space_group_name_H-M   'C 1 2 1'
#
loop_
_entity.id
_entity.type
_entity.pdbx_description
1 polymer 'ATP-dependent Clp protease proteolytic subunit, mitochondrial'
2 non-polymer 3-({3-[(4-chlorophenyl)methyl]-1-methyl-2,4-dioxo-1,3,4,5,7,8-hexahydropyrido[4,3-d]pyrimidin-6(2H)-yl}methyl)benzonitrile
3 water water
#
_entity_poly.entity_id   1
_entity_poly.type   'polypeptide(L)'
_entity_poly.pdbx_seq_one_letter_code
;SLIPIVVEQTGRGERAYDIYSRLLRERIVCVMGPIDDSVASLVIAQLLFLQSESNKKPIHMYINSPGGVVTAGLAIYDTM
QYILNPICTWCVGQAASMGSLLLAAGTPGMRHSLPNSRIMIHQPSGGARGQATDIAIQAEEIMKLKKQLYNIYAKHTKQS
LQVIESAMERDRYMSPMEAQEFGILDKVLVHPPQDGEDEPTLVQKEPVEAAPAAEPVPAST
;
_entity_poly.pdbx_strand_id   A,B,C,D,E,F,G
#
loop_
_chem_comp.id
_chem_comp.type
_chem_comp.name
_chem_comp.formula
P3O non-polymer 3-({3-[(4-chlorophenyl)methyl]-1-methyl-2,4-dioxo-1,3,4,5,7,8-hexahydropyrido[4,3-d]pyrimidin-6(2H)-yl}methyl)benzonitrile 'C23 H21 Cl N4 O2'
#
# COMPACT_ATOMS: atom_id res chain seq x y z
N LEU A 2 11.05 -3.82 -4.64
CA LEU A 2 10.87 -2.64 -5.48
C LEU A 2 12.01 -2.57 -6.49
N ILE A 3 11.97 -1.53 -7.32
CA ILE A 3 12.82 -1.46 -8.51
C ILE A 3 14.02 -0.57 -8.24
N PRO A 4 15.22 -0.97 -8.64
CA PRO A 4 16.39 -0.10 -8.49
C PRO A 4 16.29 1.11 -9.41
N ILE A 5 17.12 2.11 -9.12
CA ILE A 5 17.13 3.37 -9.84
C ILE A 5 18.48 3.54 -10.52
N VAL A 6 18.46 3.78 -11.83
CA VAL A 6 19.67 4.02 -12.59
C VAL A 6 19.75 5.52 -12.89
N VAL A 7 20.97 6.00 -13.16
CA VAL A 7 21.23 7.41 -13.37
C VAL A 7 21.87 7.58 -14.74
N GLU A 8 21.25 8.41 -15.58
CA GLU A 8 21.79 8.70 -16.90
C GLU A 8 21.89 10.21 -17.12
N ARG A 15 19.38 12.90 -15.02
CA ARG A 15 18.07 12.26 -15.08
C ARG A 15 18.16 10.82 -14.56
N ALA A 16 17.10 10.35 -13.91
CA ALA A 16 17.08 9.02 -13.33
C ALA A 16 15.75 8.34 -13.62
N TYR A 17 15.81 7.13 -14.16
CA TYR A 17 14.66 6.24 -14.27
C TYR A 17 14.84 5.07 -13.31
N ASP A 18 13.79 4.26 -13.18
CA ASP A 18 13.98 2.94 -12.65
C ASP A 18 14.49 2.02 -13.77
N ILE A 19 14.82 0.78 -13.41
CA ILE A 19 15.46 -0.09 -14.40
C ILE A 19 14.47 -0.60 -15.44
N TYR A 20 13.17 -0.52 -15.18
CA TYR A 20 12.21 -0.92 -16.19
C TYR A 20 11.82 0.22 -17.13
N SER A 21 11.82 1.46 -16.65
CA SER A 21 11.75 2.59 -17.58
C SER A 21 13.04 2.71 -18.39
N ARG A 22 14.17 2.40 -17.78
CA ARG A 22 15.43 2.38 -18.50
C ARG A 22 15.44 1.27 -19.56
N LEU A 23 14.83 0.13 -19.25
CA LEU A 23 14.67 -0.92 -20.26
C LEU A 23 13.82 -0.43 -21.43
N LEU A 24 12.77 0.32 -21.13
CA LEU A 24 11.90 0.85 -22.19
C LEU A 24 12.64 1.84 -23.07
N ARG A 25 13.55 2.63 -22.47
CA ARG A 25 14.36 3.56 -23.25
C ARG A 25 15.28 2.84 -24.23
N GLU A 26 15.54 1.55 -24.02
CA GLU A 26 16.26 0.72 -24.97
C GLU A 26 15.32 0.00 -25.94
N ARG A 27 14.07 0.43 -26.00
CA ARG A 27 13.06 -0.16 -26.89
C ARG A 27 12.81 -1.63 -26.55
N ILE A 28 12.80 -1.95 -25.25
CA ILE A 28 12.59 -3.30 -24.76
C ILE A 28 11.25 -3.35 -24.02
N VAL A 29 10.39 -4.27 -24.44
CA VAL A 29 9.09 -4.49 -23.83
C VAL A 29 9.11 -5.86 -23.16
N CYS A 30 8.81 -5.90 -21.87
CA CYS A 30 8.80 -7.15 -21.12
C CYS A 30 7.41 -7.76 -21.13
N VAL A 31 7.37 -9.08 -21.31
CA VAL A 31 6.15 -9.86 -21.12
C VAL A 31 6.41 -10.88 -20.02
N MET A 32 6.38 -10.42 -18.78
CA MET A 32 6.75 -11.25 -17.63
C MET A 32 5.52 -11.91 -17.04
N GLY A 33 5.50 -13.24 -17.04
CA GLY A 33 4.49 -13.99 -16.34
C GLY A 33 3.14 -13.99 -17.03
N PRO A 34 2.09 -14.28 -16.26
CA PRO A 34 0.76 -14.46 -16.86
C PRO A 34 0.27 -13.22 -17.58
N ILE A 35 -0.53 -13.44 -18.62
CA ILE A 35 -1.02 -12.39 -19.52
C ILE A 35 -2.50 -12.19 -19.24
N ASP A 36 -2.87 -10.94 -18.92
CA ASP A 36 -4.26 -10.55 -18.73
C ASP A 36 -4.47 -9.21 -19.42
N ASP A 37 -5.63 -8.60 -19.22
CA ASP A 37 -5.95 -7.36 -19.90
C ASP A 37 -5.06 -6.21 -19.43
N SER A 38 -4.59 -6.26 -18.19
CA SER A 38 -3.68 -5.22 -17.71
C SER A 38 -2.30 -5.36 -18.34
N VAL A 39 -1.82 -6.60 -18.49
CA VAL A 39 -0.57 -6.83 -19.22
C VAL A 39 -0.74 -6.43 -20.67
N ALA A 40 -1.90 -6.70 -21.26
CA ALA A 40 -2.17 -6.28 -22.63
C ALA A 40 -2.15 -4.77 -22.75
N SER A 41 -2.83 -4.07 -21.83
CA SER A 41 -2.88 -2.62 -21.88
C SER A 41 -1.48 -2.01 -21.75
N LEU A 42 -0.66 -2.56 -20.86
CA LEU A 42 0.66 -1.98 -20.62
C LEU A 42 1.61 -2.28 -21.77
N VAL A 43 1.53 -3.48 -22.35
CA VAL A 43 2.42 -3.84 -23.45
C VAL A 43 2.04 -3.07 -24.71
N ILE A 44 0.75 -3.00 -25.01
CA ILE A 44 0.30 -2.27 -26.20
C ILE A 44 0.67 -0.79 -26.08
N ALA A 45 0.56 -0.23 -24.87
CA ALA A 45 0.92 1.18 -24.68
C ALA A 45 2.38 1.43 -25.01
N GLN A 46 3.27 0.51 -24.60
CA GLN A 46 4.67 0.65 -24.97
C GLN A 46 4.89 0.37 -26.45
N LEU A 47 4.10 -0.53 -27.03
CA LEU A 47 4.26 -0.87 -28.45
C LEU A 47 3.93 0.34 -29.33
N LEU A 48 2.81 1.01 -29.06
CA LEU A 48 2.45 2.20 -29.83
C LEU A 48 3.36 3.36 -29.51
N PHE A 49 3.82 3.48 -28.26
CA PHE A 49 4.77 4.54 -27.92
C PHE A 49 6.08 4.36 -28.65
N LEU A 50 6.57 3.12 -28.77
CA LEU A 50 7.84 2.87 -29.44
C LEU A 50 7.75 3.13 -30.94
N GLN A 51 6.57 2.94 -31.54
CA GLN A 51 6.43 3.18 -32.97
C GLN A 51 6.40 4.67 -33.29
N SER A 52 5.70 5.45 -32.46
CA SER A 52 5.62 6.89 -32.72
C SER A 52 6.99 7.55 -32.58
N GLU A 53 7.89 6.97 -31.78
CA GLU A 53 9.24 7.51 -31.70
C GLU A 53 10.04 7.17 -32.95
N SER A 54 9.80 5.99 -33.52
CA SER A 54 10.40 5.60 -34.80
C SER A 54 9.73 4.34 -35.32
N ASN A 55 9.11 4.42 -36.50
CA ASN A 55 8.44 3.27 -37.09
C ASN A 55 9.40 2.36 -37.85
N LYS A 56 10.71 2.55 -37.71
CA LYS A 56 11.67 1.74 -38.45
C LYS A 56 12.70 1.12 -37.51
N LYS A 57 13.02 1.79 -36.42
CA LYS A 57 13.89 1.19 -35.41
C LYS A 57 13.18 -0.02 -34.80
N PRO A 58 13.84 -1.17 -34.71
CA PRO A 58 13.17 -2.38 -34.23
C PRO A 58 12.73 -2.25 -32.77
N ILE A 59 11.90 -3.21 -32.36
CA ILE A 59 11.38 -3.27 -31.00
C ILE A 59 11.69 -4.66 -30.44
N HIS A 60 12.43 -4.69 -29.34
CA HIS A 60 12.79 -5.95 -28.70
C HIS A 60 11.77 -6.29 -27.62
N MET A 61 11.26 -7.51 -27.66
CA MET A 61 10.15 -7.92 -26.79
C MET A 61 10.54 -9.20 -26.08
N TYR A 62 10.70 -9.11 -24.75
CA TYR A 62 11.17 -10.22 -23.94
C TYR A 62 9.98 -11.01 -23.43
N ILE A 63 9.99 -12.33 -23.64
CA ILE A 63 8.88 -13.19 -23.30
C ILE A 63 9.35 -14.23 -22.31
N ASN A 64 8.75 -14.23 -21.11
CA ASN A 64 8.91 -15.29 -20.12
C ASN A 64 7.56 -15.44 -19.42
N SER A 65 6.70 -16.28 -19.99
CA SER A 65 5.31 -16.34 -19.56
C SER A 65 4.76 -17.76 -19.64
N PRO A 66 3.88 -18.14 -18.73
CA PRO A 66 3.20 -19.44 -18.82
C PRO A 66 1.89 -19.42 -19.59
N GLY A 67 1.55 -18.32 -20.25
CA GLY A 67 0.30 -18.15 -20.95
C GLY A 67 -0.54 -17.06 -20.32
N GLY A 68 -1.84 -17.15 -20.55
CA GLY A 68 -2.78 -16.24 -19.93
C GLY A 68 -4.09 -16.20 -20.70
N VAL A 69 -4.86 -15.14 -20.43
CA VAL A 69 -6.15 -14.95 -21.08
C VAL A 69 -5.96 -14.86 -22.58
N VAL A 70 -6.72 -15.68 -23.31
CA VAL A 70 -6.49 -15.81 -24.75
C VAL A 70 -6.77 -14.49 -25.47
N THR A 71 -7.84 -13.79 -25.07
CA THR A 71 -8.17 -12.52 -25.72
C THR A 71 -7.07 -11.50 -25.49
N ALA A 72 -6.59 -11.38 -24.25
CA ALA A 72 -5.54 -10.42 -23.94
C ALA A 72 -4.27 -10.73 -24.74
N GLY A 73 -3.95 -12.02 -24.90
CA GLY A 73 -2.83 -12.38 -25.76
C GLY A 73 -3.08 -12.04 -27.21
N LEU A 74 -4.30 -12.29 -27.69
CA LEU A 74 -4.66 -11.90 -29.04
C LEU A 74 -4.64 -10.38 -29.20
N ALA A 75 -4.95 -9.65 -28.12
CA ALA A 75 -4.85 -8.19 -28.15
C ALA A 75 -3.42 -7.75 -28.41
N ILE A 76 -2.45 -8.39 -27.75
CA ILE A 76 -1.06 -8.04 -27.96
C ILE A 76 -0.59 -8.50 -29.34
N TYR A 77 -1.09 -9.64 -29.80
CA TYR A 77 -0.72 -10.14 -31.13
C TYR A 77 -1.13 -9.18 -32.22
N ASP A 78 -2.35 -8.64 -32.15
CA ASP A 78 -2.83 -7.75 -33.19
C ASP A 78 -2.10 -6.42 -33.18
N THR A 79 -1.70 -5.93 -32.00
CA THR A 79 -0.92 -4.70 -31.94
C THR A 79 0.47 -4.92 -32.54
N MET A 80 1.06 -6.09 -32.32
CA MET A 80 2.29 -6.47 -33.01
C MET A 80 2.10 -6.37 -34.52
N GLN A 81 1.10 -7.09 -35.05
CA GLN A 81 0.86 -7.09 -36.49
C GLN A 81 0.52 -5.70 -37.00
N TYR A 82 -0.09 -4.86 -36.16
CA TYR A 82 -0.45 -3.51 -36.61
C TYR A 82 0.77 -2.65 -36.83
N ILE A 83 1.62 -2.51 -35.80
CA ILE A 83 2.75 -1.60 -35.88
C ILE A 83 3.72 -2.06 -36.96
N LEU A 84 4.44 -1.09 -37.53
CA LEU A 84 5.25 -1.31 -38.72
C LEU A 84 6.70 -1.63 -38.41
N ASN A 85 7.12 -1.52 -37.16
CA ASN A 85 8.52 -1.74 -36.81
C ASN A 85 8.89 -3.21 -36.99
N PRO A 86 10.15 -3.49 -37.28
CA PRO A 86 10.66 -4.85 -37.06
C PRO A 86 10.61 -5.17 -35.57
N ILE A 87 10.30 -6.42 -35.24
CA ILE A 87 10.11 -6.82 -33.86
C ILE A 87 10.93 -8.07 -33.58
N CYS A 88 11.86 -7.96 -32.63
CA CYS A 88 12.65 -9.10 -32.16
C CYS A 88 12.01 -9.65 -30.90
N THR A 89 11.56 -10.89 -30.96
CA THR A 89 11.01 -11.58 -29.80
C THR A 89 12.08 -12.47 -29.17
N TRP A 90 12.16 -12.45 -27.85
CA TRP A 90 13.15 -13.21 -27.10
C TRP A 90 12.46 -14.10 -26.08
N CYS A 91 12.83 -15.38 -26.06
CA CYS A 91 12.29 -16.35 -25.13
C CYS A 91 13.33 -16.67 -24.08
N VAL A 92 13.05 -16.33 -22.83
CA VAL A 92 13.88 -16.69 -21.70
C VAL A 92 13.02 -17.46 -20.70
N GLY A 93 13.64 -18.42 -20.03
CA GLY A 93 12.91 -19.26 -19.10
C GLY A 93 11.91 -20.16 -19.79
N GLN A 94 10.78 -19.59 -20.23
CA GLN A 94 9.78 -20.36 -20.96
C GLN A 94 8.87 -19.42 -21.71
N ALA A 95 8.18 -19.99 -22.71
CA ALA A 95 7.12 -19.29 -23.43
C ALA A 95 6.08 -20.35 -23.81
N ALA A 96 5.00 -20.42 -23.03
CA ALA A 96 3.99 -21.45 -23.20
C ALA A 96 2.63 -20.82 -23.42
N SER A 97 1.78 -21.54 -24.16
CA SER A 97 0.39 -21.14 -24.41
C SER A 97 0.39 -19.83 -25.19
N MET A 98 -0.28 -18.78 -24.71
CA MET A 98 -0.25 -17.49 -25.41
C MET A 98 1.16 -16.97 -25.57
N GLY A 99 2.08 -17.36 -24.68
CA GLY A 99 3.44 -16.87 -24.77
C GLY A 99 4.16 -17.34 -26.03
N SER A 100 3.94 -18.60 -26.42
CA SER A 100 4.58 -19.11 -27.62
C SER A 100 4.03 -18.46 -28.88
N LEU A 101 2.76 -18.02 -28.84
CA LEU A 101 2.18 -17.36 -30.01
C LEU A 101 2.85 -16.01 -30.26
N LEU A 102 2.94 -15.17 -29.23
CA LEU A 102 3.67 -13.91 -29.36
C LEU A 102 5.12 -14.15 -29.76
N LEU A 103 5.72 -15.23 -29.24
CA LEU A 103 7.09 -15.58 -29.60
C LEU A 103 7.21 -15.85 -31.10
N ALA A 104 6.27 -16.60 -31.66
CA ALA A 104 6.30 -16.90 -33.10
C ALA A 104 5.78 -15.74 -33.93
N ALA A 105 5.09 -14.77 -33.33
CA ALA A 105 4.55 -13.63 -34.05
C ALA A 105 5.58 -12.53 -34.28
N GLY A 106 6.84 -12.76 -33.92
CA GLY A 106 7.88 -11.78 -34.19
C GLY A 106 8.17 -11.66 -35.68
N THR A 107 8.97 -10.66 -36.01
CA THR A 107 9.37 -10.45 -37.39
C THR A 107 10.17 -11.64 -37.87
N PRO A 108 9.84 -12.22 -39.04
CA PRO A 108 10.53 -13.43 -39.49
C PRO A 108 12.03 -13.21 -39.61
N GLY A 109 12.80 -14.19 -39.12
CA GLY A 109 14.24 -14.09 -39.08
C GLY A 109 14.79 -13.41 -37.84
N MET A 110 13.93 -12.98 -36.91
CA MET A 110 14.36 -12.25 -35.73
C MET A 110 13.74 -12.81 -34.45
N ARG A 111 13.32 -14.06 -34.46
CA ARG A 111 12.72 -14.70 -33.29
C ARG A 111 13.79 -15.56 -32.60
N HIS A 112 14.15 -15.17 -31.37
CA HIS A 112 15.27 -15.78 -30.68
C HIS A 112 14.81 -16.51 -29.42
N SER A 113 15.70 -17.37 -28.93
CA SER A 113 15.50 -18.08 -27.67
C SER A 113 16.86 -18.33 -27.03
N LEU A 114 16.91 -18.22 -25.71
CA LEU A 114 18.10 -18.60 -24.98
C LEU A 114 18.16 -20.11 -24.85
N PRO A 115 19.35 -20.68 -24.61
CA PRO A 115 19.52 -22.13 -24.75
C PRO A 115 18.61 -22.97 -23.86
N ASN A 116 18.59 -22.70 -22.56
CA ASN A 116 17.94 -23.59 -21.60
C ASN A 116 16.47 -23.28 -21.36
N SER A 117 15.84 -22.50 -22.23
CA SER A 117 14.43 -22.19 -22.06
C SER A 117 13.56 -23.31 -22.64
N ARG A 118 12.25 -23.19 -22.41
CA ARG A 118 11.29 -24.18 -22.88
C ARG A 118 10.18 -23.46 -23.65
N ILE A 119 9.60 -24.17 -24.62
CA ILE A 119 8.56 -23.62 -25.48
C ILE A 119 7.48 -24.67 -25.68
N MET A 120 6.22 -24.29 -25.43
CA MET A 120 5.09 -25.19 -25.58
C MET A 120 3.94 -24.45 -26.24
N ILE A 121 3.38 -25.04 -27.30
CA ILE A 121 2.17 -24.51 -27.94
C ILE A 121 0.91 -25.19 -27.45
N HIS A 122 1.03 -26.33 -26.76
CA HIS A 122 -0.13 -26.94 -26.11
C HIS A 122 -0.81 -25.94 -25.19
N GLN A 123 -2.06 -25.64 -25.49
CA GLN A 123 -2.82 -24.72 -24.66
C GLN A 123 -3.28 -25.48 -23.42
N PRO A 124 -2.80 -25.12 -22.23
CA PRO A 124 -3.20 -25.86 -21.03
C PRO A 124 -4.68 -25.71 -20.76
N SER A 125 -5.29 -26.79 -20.27
CA SER A 125 -6.73 -26.84 -20.09
C SER A 125 -7.13 -26.45 -18.68
N ASP A 134 -12.61 -13.90 -20.44
CA ASP A 134 -12.75 -13.08 -19.25
C ASP A 134 -14.06 -13.37 -18.53
N ILE A 135 -14.92 -14.15 -19.18
CA ILE A 135 -16.22 -14.54 -18.63
C ILE A 135 -16.49 -15.98 -19.06
N ALA A 136 -17.55 -16.55 -18.50
CA ALA A 136 -17.95 -17.91 -18.86
C ALA A 136 -18.35 -17.95 -20.33
N ILE A 137 -17.83 -18.95 -21.05
CA ILE A 137 -17.87 -18.97 -22.50
C ILE A 137 -18.52 -20.27 -22.97
N GLN A 138 -19.35 -20.18 -24.00
CA GLN A 138 -20.00 -21.36 -24.58
C GLN A 138 -18.98 -22.22 -25.33
N ALA A 139 -19.45 -23.39 -25.78
CA ALA A 139 -18.54 -24.38 -26.36
C ALA A 139 -18.04 -23.96 -27.74
N GLU A 140 -18.91 -23.36 -28.56
CA GLU A 140 -18.51 -22.99 -29.90
C GLU A 140 -17.55 -21.81 -29.91
N GLU A 141 -17.61 -20.95 -28.89
CA GLU A 141 -16.68 -19.83 -28.81
C GLU A 141 -15.29 -20.28 -28.37
N ILE A 142 -15.21 -21.26 -27.47
CA ILE A 142 -13.92 -21.84 -27.12
C ILE A 142 -13.32 -22.55 -28.34
N MET A 143 -14.16 -23.23 -29.10
CA MET A 143 -13.70 -23.80 -30.38
C MET A 143 -13.32 -22.70 -31.35
N LYS A 144 -14.06 -21.59 -31.34
CA LYS A 144 -13.72 -20.46 -32.20
C LYS A 144 -12.37 -19.88 -31.84
N LEU A 145 -12.11 -19.71 -30.54
CA LEU A 145 -10.82 -19.18 -30.10
C LEU A 145 -9.70 -20.17 -30.36
N LYS A 146 -9.96 -21.46 -30.15
CA LYS A 146 -8.99 -22.49 -30.47
C LYS A 146 -8.67 -22.49 -31.96
N LYS A 147 -9.64 -22.13 -32.80
CA LYS A 147 -9.43 -22.11 -34.24
C LYS A 147 -8.57 -20.92 -34.66
N GLN A 148 -8.73 -19.78 -33.99
CA GLN A 148 -7.88 -18.63 -34.27
C GLN A 148 -6.43 -18.93 -33.94
N LEU A 149 -6.19 -19.64 -32.82
CA LEU A 149 -4.83 -20.05 -32.48
C LEU A 149 -4.27 -21.00 -33.53
N TYR A 150 -5.12 -21.90 -34.05
CA TYR A 150 -4.69 -22.80 -35.11
C TYR A 150 -4.21 -22.03 -36.33
N ASN A 151 -5.01 -21.07 -36.79
CA ASN A 151 -4.63 -20.29 -37.98
C ASN A 151 -3.36 -19.49 -37.73
N ILE A 152 -3.28 -18.82 -36.58
CA ILE A 152 -2.14 -17.94 -36.30
C ILE A 152 -0.85 -18.75 -36.18
N TYR A 153 -0.93 -19.92 -35.53
CA TYR A 153 0.25 -20.78 -35.41
C TYR A 153 0.70 -21.29 -36.78
N ALA A 154 -0.24 -21.81 -37.58
CA ALA A 154 0.10 -22.31 -38.90
C ALA A 154 0.66 -21.22 -39.81
N LYS A 155 0.31 -19.96 -39.55
CA LYS A 155 0.74 -18.86 -40.41
C LYS A 155 2.20 -18.49 -40.13
N HIS A 156 2.56 -18.31 -38.86
CA HIS A 156 3.91 -17.87 -38.51
C HIS A 156 4.92 -18.99 -38.44
N THR A 157 4.47 -20.24 -38.34
CA THR A 157 5.37 -21.39 -38.40
C THR A 157 5.44 -22.00 -39.79
N LYS A 158 4.69 -21.47 -40.76
CA LYS A 158 4.56 -22.01 -42.11
C LYS A 158 4.06 -23.45 -42.12
N GLN A 159 3.84 -24.04 -40.95
CA GLN A 159 3.35 -25.41 -40.88
C GLN A 159 1.94 -25.50 -41.44
N SER A 160 1.59 -26.67 -41.95
CA SER A 160 0.23 -26.92 -42.37
C SER A 160 -0.68 -26.96 -41.15
N LEU A 161 -1.96 -26.66 -41.37
CA LEU A 161 -2.90 -26.60 -40.25
C LEU A 161 -3.02 -27.95 -39.56
N GLN A 162 -3.03 -29.04 -40.32
CA GLN A 162 -3.12 -30.36 -39.71
C GLN A 162 -1.92 -30.67 -38.82
N VAL A 163 -0.77 -30.07 -39.12
CA VAL A 163 0.41 -30.29 -38.29
C VAL A 163 0.36 -29.46 -37.01
N ILE A 164 -0.31 -28.31 -37.04
CA ILE A 164 -0.43 -27.47 -35.85
C ILE A 164 -1.32 -28.14 -34.81
N GLU A 165 -2.53 -28.55 -35.21
CA GLU A 165 -3.48 -29.10 -34.25
C GLU A 165 -2.94 -30.35 -33.58
N SER A 166 -2.19 -31.17 -34.31
CA SER A 166 -1.58 -32.35 -33.71
C SER A 166 -0.51 -31.95 -32.71
N ALA A 167 0.35 -30.99 -33.08
CA ALA A 167 1.43 -30.58 -32.19
C ALA A 167 0.92 -29.84 -30.97
N MET A 168 -0.08 -28.96 -31.16
CA MET A 168 -0.71 -28.21 -30.07
C MET A 168 -1.43 -29.09 -29.08
N GLU A 169 -1.22 -30.41 -29.13
CA GLU A 169 -2.06 -31.34 -28.39
C GLU A 169 -1.20 -32.29 -27.57
N ARG A 170 -0.01 -32.63 -28.08
CA ARG A 170 0.98 -33.28 -27.24
C ARG A 170 1.28 -32.38 -26.04
N ASP A 171 0.96 -32.84 -24.85
CA ASP A 171 1.17 -32.06 -23.63
C ASP A 171 2.64 -32.17 -23.24
N ARG A 172 3.47 -31.41 -23.96
CA ARG A 172 4.91 -31.52 -23.81
C ARG A 172 5.56 -30.19 -24.16
N TYR A 173 6.84 -30.07 -23.82
CA TYR A 173 7.63 -28.89 -24.13
C TYR A 173 8.62 -29.20 -25.25
N MET A 174 9.05 -28.14 -25.93
CA MET A 174 10.08 -28.23 -26.95
C MET A 174 11.33 -27.48 -26.50
N SER A 175 12.49 -28.03 -26.80
CA SER A 175 13.72 -27.29 -26.63
C SER A 175 13.81 -26.23 -27.73
N PRO A 176 14.59 -25.17 -27.50
CA PRO A 176 14.76 -24.15 -28.56
C PRO A 176 15.19 -24.73 -29.89
N MET A 177 15.93 -25.84 -29.89
CA MET A 177 16.25 -26.52 -31.14
C MET A 177 15.00 -27.11 -31.76
N GLU A 178 14.18 -27.82 -30.96
CA GLU A 178 12.93 -28.36 -31.46
C GLU A 178 12.01 -27.26 -32.00
N ALA A 179 11.80 -26.21 -31.20
CA ALA A 179 10.93 -25.12 -31.60
C ALA A 179 11.45 -24.39 -32.83
N GLN A 180 12.76 -24.40 -33.05
CA GLN A 180 13.32 -23.80 -34.26
C GLN A 180 13.03 -24.67 -35.48
N GLU A 181 13.14 -25.99 -35.32
CA GLU A 181 12.75 -26.91 -36.40
C GLU A 181 11.29 -26.73 -36.76
N PHE A 182 10.42 -26.55 -35.76
CA PHE A 182 8.99 -26.39 -36.02
C PHE A 182 8.67 -25.09 -36.75
N GLY A 183 9.54 -24.10 -36.69
CA GLY A 183 9.27 -22.81 -37.27
C GLY A 183 8.73 -21.77 -36.31
N ILE A 184 8.87 -21.98 -35.01
CA ILE A 184 8.40 -21.01 -34.03
C ILE A 184 9.39 -19.86 -33.90
N LEU A 185 10.68 -20.17 -33.88
CA LEU A 185 11.72 -19.17 -33.74
C LEU A 185 12.81 -19.44 -34.77
N ASP A 186 13.84 -18.60 -34.77
CA ASP A 186 14.82 -18.57 -35.84
C ASP A 186 16.23 -18.86 -35.36
N LYS A 187 16.69 -18.14 -34.34
CA LYS A 187 18.04 -18.29 -33.81
C LYS A 187 18.00 -18.78 -32.38
N VAL A 188 19.02 -19.54 -31.99
CA VAL A 188 19.19 -20.05 -30.63
C VAL A 188 20.58 -19.61 -30.19
N LEU A 189 20.66 -18.51 -29.45
CA LEU A 189 21.92 -17.85 -29.15
C LEU A 189 22.34 -18.14 -27.72
N VAL A 190 23.60 -18.54 -27.54
CA VAL A 190 24.18 -18.73 -26.22
C VAL A 190 24.91 -17.48 -25.76
N HIS A 191 25.56 -16.80 -26.70
CA HIS A 191 26.20 -15.51 -26.51
C HIS A 191 25.82 -14.66 -27.72
N PRO A 192 26.15 -13.37 -27.72
CA PRO A 192 25.85 -12.55 -28.91
C PRO A 192 26.89 -12.75 -29.99
N PRO A 193 26.51 -13.28 -31.17
CA PRO A 193 27.42 -13.44 -32.30
C PRO A 193 27.38 -12.25 -33.25
N LEU B 2 4.41 -2.69 -12.78
CA LEU B 2 4.46 -1.25 -12.52
C LEU B 2 4.41 -0.48 -13.84
N ILE B 3 3.77 0.69 -13.81
CA ILE B 3 3.64 1.53 -15.01
C ILE B 3 4.97 2.20 -15.28
N PRO B 4 5.53 2.07 -16.48
CA PRO B 4 6.82 2.69 -16.78
C PRO B 4 6.68 4.20 -17.04
N ILE B 5 7.83 4.85 -17.14
CA ILE B 5 7.91 6.30 -17.35
C ILE B 5 8.50 6.55 -18.73
N VAL B 6 7.98 7.59 -19.41
CA VAL B 6 8.49 8.02 -20.70
C VAL B 6 8.81 9.50 -20.63
N VAL B 7 9.68 9.95 -21.53
CA VAL B 7 10.25 11.29 -21.50
C VAL B 7 9.84 12.03 -22.77
N GLU B 8 9.43 13.28 -22.62
CA GLU B 8 9.02 14.12 -23.74
C GLU B 8 10.06 15.23 -23.98
N GLN B 9 9.79 16.03 -25.00
CA GLN B 9 10.73 17.04 -25.47
C GLN B 9 10.00 18.31 -25.92
N GLY B 13 12.01 22.29 -21.72
CA GLY B 13 11.86 21.41 -22.86
C GLY B 13 11.50 19.99 -22.51
N GLU B 14 12.26 19.40 -21.59
CA GLU B 14 12.11 17.99 -21.24
C GLU B 14 11.19 17.82 -20.05
N ARG B 15 10.31 16.81 -20.14
CA ARG B 15 9.49 16.40 -19.02
C ARG B 15 9.13 14.93 -19.20
N ALA B 16 8.84 14.26 -18.09
CA ALA B 16 8.60 12.82 -18.08
C ALA B 16 7.24 12.50 -17.50
N TYR B 17 6.44 11.73 -18.24
CA TYR B 17 5.15 11.26 -17.78
C TYR B 17 5.18 9.74 -17.68
N ASP B 18 4.24 9.19 -16.90
CA ASP B 18 3.99 7.76 -16.98
C ASP B 18 3.27 7.46 -18.29
N ILE B 19 3.47 6.24 -18.80
CA ILE B 19 3.08 5.94 -20.17
C ILE B 19 1.57 6.06 -20.36
N TYR B 20 0.78 5.84 -19.30
CA TYR B 20 -0.66 5.99 -19.43
C TYR B 20 -1.06 7.45 -19.51
N SER B 21 -0.42 8.30 -18.70
CA SER B 21 -0.64 9.74 -18.83
C SER B 21 -0.21 10.24 -20.20
N ARG B 22 0.75 9.55 -20.82
CA ARG B 22 1.24 9.98 -22.13
C ARG B 22 0.25 9.65 -23.24
N LEU B 23 -0.55 8.60 -23.08
CA LEU B 23 -1.59 8.32 -24.07
C LEU B 23 -2.71 9.36 -24.01
N LEU B 24 -2.98 9.91 -22.82
CA LEU B 24 -3.97 10.98 -22.74
C LEU B 24 -3.48 12.24 -23.43
N ARG B 25 -2.16 12.43 -23.48
CA ARG B 25 -1.60 13.52 -24.29
C ARG B 25 -2.02 13.40 -25.75
N GLU B 26 -1.96 12.18 -26.30
CA GLU B 26 -2.41 11.89 -27.65
C GLU B 26 -3.92 11.73 -27.75
N ARG B 27 -4.66 12.21 -26.76
CA ARG B 27 -6.13 12.14 -26.74
C ARG B 27 -6.62 10.71 -26.87
N ILE B 28 -5.91 9.78 -26.22
CA ILE B 28 -6.30 8.37 -26.17
C ILE B 28 -6.86 8.09 -24.78
N VAL B 29 -8.02 7.45 -24.73
CA VAL B 29 -8.67 7.08 -23.48
C VAL B 29 -8.88 5.56 -23.49
N CYS B 30 -8.40 4.90 -22.44
CA CYS B 30 -8.47 3.46 -22.34
C CYS B 30 -9.68 3.05 -21.51
N VAL B 31 -10.49 2.14 -22.07
CA VAL B 31 -11.58 1.51 -21.34
C VAL B 31 -11.25 0.02 -21.21
N MET B 32 -10.35 -0.30 -20.29
CA MET B 32 -9.86 -1.66 -20.12
C MET B 32 -10.51 -2.30 -18.89
N GLY B 33 -10.87 -3.58 -19.02
CA GLY B 33 -11.41 -4.33 -17.93
C GLY B 33 -12.87 -4.05 -17.67
N PRO B 34 -13.43 -4.65 -16.62
CA PRO B 34 -14.84 -4.44 -16.31
C PRO B 34 -15.14 -2.99 -15.97
N ILE B 35 -16.40 -2.62 -16.14
CA ILE B 35 -16.84 -1.23 -16.05
C ILE B 35 -17.68 -1.06 -14.79
N ASP B 36 -17.30 -0.10 -13.96
CA ASP B 36 -18.05 0.24 -12.76
C ASP B 36 -18.11 1.76 -12.64
N ASP B 37 -18.50 2.26 -11.46
CA ASP B 37 -18.67 3.69 -11.27
C ASP B 37 -17.35 4.44 -11.19
N SER B 38 -16.24 3.74 -10.95
CA SER B 38 -14.93 4.39 -10.94
C SER B 38 -14.33 4.49 -12.32
N VAL B 39 -14.43 3.42 -13.11
CA VAL B 39 -14.03 3.50 -14.53
C VAL B 39 -14.85 4.57 -15.24
N ALA B 40 -16.15 4.63 -14.94
CA ALA B 40 -17.00 5.68 -15.53
C ALA B 40 -16.51 7.06 -15.13
N SER B 41 -16.14 7.25 -13.86
CA SER B 41 -15.65 8.55 -13.42
C SER B 41 -14.34 8.91 -14.11
N LEU B 42 -13.42 7.95 -14.22
CA LEU B 42 -12.14 8.20 -14.88
C LEU B 42 -12.33 8.51 -16.36
N VAL B 43 -13.19 7.76 -17.04
CA VAL B 43 -13.36 7.95 -18.48
C VAL B 43 -14.06 9.27 -18.77
N ILE B 44 -15.11 9.60 -17.99
CA ILE B 44 -15.80 10.86 -18.19
C ILE B 44 -14.87 12.03 -17.88
N ALA B 45 -14.02 11.88 -16.86
CA ALA B 45 -13.08 12.94 -16.53
C ALA B 45 -12.11 13.20 -17.68
N GLN B 46 -11.64 12.14 -18.33
CA GLN B 46 -10.73 12.30 -19.47
C GLN B 46 -11.48 12.74 -20.72
N LEU B 47 -12.76 12.36 -20.87
CA LEU B 47 -13.51 12.77 -22.05
C LEU B 47 -13.89 14.25 -21.97
N LEU B 48 -14.24 14.73 -20.77
CA LEU B 48 -14.53 16.15 -20.62
C LEU B 48 -13.27 17.00 -20.63
N PHE B 49 -12.12 16.42 -20.29
CA PHE B 49 -10.87 17.17 -20.32
C PHE B 49 -10.36 17.34 -21.75
N LEU B 50 -10.37 16.26 -22.54
CA LEU B 50 -9.89 16.36 -23.92
C LEU B 50 -10.76 17.30 -24.75
N GLN B 51 -12.03 17.44 -24.39
CA GLN B 51 -12.88 18.43 -25.04
C GLN B 51 -12.46 19.84 -24.67
N SER B 52 -11.89 20.03 -23.47
CA SER B 52 -11.39 21.34 -23.09
C SER B 52 -10.14 21.72 -23.88
N GLU B 53 -9.35 20.73 -24.30
CA GLU B 53 -8.18 21.03 -25.11
C GLU B 53 -8.57 21.39 -26.54
N SER B 54 -9.69 20.84 -27.03
CA SER B 54 -10.20 21.14 -28.36
C SER B 54 -11.58 20.54 -28.56
N ASN B 55 -12.55 21.35 -28.99
CA ASN B 55 -13.90 20.86 -29.19
C ASN B 55 -14.02 19.96 -30.40
N LYS B 56 -13.11 20.07 -31.37
CA LYS B 56 -13.23 19.33 -32.62
C LYS B 56 -12.11 18.33 -32.86
N LYS B 57 -11.02 18.38 -32.09
CA LYS B 57 -9.95 17.40 -32.24
C LYS B 57 -10.47 16.03 -31.81
N PRO B 58 -10.40 15.01 -32.67
CA PRO B 58 -10.97 13.71 -32.32
C PRO B 58 -10.34 13.11 -31.08
N ILE B 59 -11.14 12.30 -30.37
CA ILE B 59 -10.69 11.51 -29.24
C ILE B 59 -10.67 10.04 -29.65
N HIS B 60 -9.73 9.30 -29.09
CA HIS B 60 -9.58 7.88 -29.38
C HIS B 60 -9.89 7.06 -28.13
N MET B 61 -10.85 6.14 -28.25
CA MET B 61 -11.29 5.29 -27.15
C MET B 61 -10.86 3.86 -27.45
N TYR B 62 -9.93 3.34 -26.66
CA TYR B 62 -9.53 1.94 -26.75
C TYR B 62 -10.42 1.12 -25.82
N ILE B 63 -11.09 0.11 -26.36
CA ILE B 63 -12.05 -0.68 -25.59
C ILE B 63 -11.61 -2.14 -25.63
N ASN B 64 -11.24 -2.67 -24.46
CA ASN B 64 -10.89 -4.08 -24.26
C ASN B 64 -11.58 -4.50 -22.96
N SER B 65 -12.89 -4.78 -23.05
CA SER B 65 -13.70 -4.94 -21.86
C SER B 65 -14.72 -6.07 -21.99
N PRO B 66 -15.02 -6.76 -20.90
CA PRO B 66 -16.06 -7.80 -20.91
C PRO B 66 -17.48 -7.33 -20.59
N GLY B 67 -17.63 -6.11 -20.08
CA GLY B 67 -18.90 -5.53 -19.73
C GLY B 67 -18.78 -4.77 -18.43
N GLY B 68 -19.88 -4.69 -17.69
CA GLY B 68 -19.86 -4.08 -16.38
C GLY B 68 -21.24 -3.55 -16.04
N VAL B 69 -21.24 -2.66 -15.03
CA VAL B 69 -22.48 -2.08 -14.54
C VAL B 69 -23.18 -1.31 -15.64
N VAL B 70 -24.47 -1.61 -15.84
CA VAL B 70 -25.21 -1.03 -16.96
C VAL B 70 -25.31 0.49 -16.82
N THR B 71 -25.67 0.95 -15.61
CA THR B 71 -25.79 2.39 -15.39
C THR B 71 -24.44 3.10 -15.52
N ALA B 72 -23.35 2.43 -15.14
CA ALA B 72 -22.02 3.01 -15.30
C ALA B 72 -21.61 3.06 -16.76
N GLY B 73 -22.10 2.12 -17.58
CA GLY B 73 -21.82 2.14 -19.00
C GLY B 73 -22.64 3.17 -19.72
N LEU B 74 -23.93 3.28 -19.37
CA LEU B 74 -24.76 4.34 -19.92
C LEU B 74 -24.19 5.71 -19.59
N ALA B 75 -23.59 5.85 -18.41
CA ALA B 75 -22.96 7.10 -18.02
C ALA B 75 -21.83 7.47 -18.97
N ILE B 76 -20.97 6.50 -19.30
CA ILE B 76 -19.92 6.74 -20.28
C ILE B 76 -20.53 7.00 -21.66
N TYR B 77 -21.65 6.35 -21.97
CA TYR B 77 -22.28 6.57 -23.26
C TYR B 77 -22.87 7.97 -23.36
N ASP B 78 -23.55 8.42 -22.31
CA ASP B 78 -24.20 9.73 -22.36
C ASP B 78 -23.17 10.85 -22.44
N THR B 79 -22.00 10.68 -21.83
CA THR B 79 -20.93 11.66 -21.99
C THR B 79 -20.35 11.62 -23.39
N MET B 80 -20.34 10.43 -24.02
CA MET B 80 -19.86 10.33 -25.40
C MET B 80 -20.72 11.16 -26.35
N GLN B 81 -22.05 11.02 -26.24
CA GLN B 81 -22.94 11.77 -27.10
C GLN B 81 -22.94 13.27 -26.77
N TYR B 82 -22.62 13.61 -25.52
CA TYR B 82 -22.63 15.02 -25.10
C TYR B 82 -21.51 15.80 -25.77
N ILE B 83 -20.27 15.35 -25.59
CA ILE B 83 -19.12 16.13 -26.03
C ILE B 83 -19.14 16.29 -27.55
N LEU B 84 -18.52 17.37 -28.02
CA LEU B 84 -18.57 17.74 -29.43
C LEU B 84 -17.50 17.03 -30.26
N ASN B 85 -16.44 16.54 -29.63
CA ASN B 85 -15.35 15.93 -30.37
C ASN B 85 -15.83 14.64 -31.04
N PRO B 86 -15.38 14.37 -32.26
CA PRO B 86 -15.57 13.03 -32.82
C PRO B 86 -14.76 12.01 -32.03
N ILE B 87 -15.24 10.77 -32.00
CA ILE B 87 -14.62 9.72 -31.21
C ILE B 87 -14.36 8.52 -32.11
N CYS B 88 -13.08 8.17 -32.28
CA CYS B 88 -12.69 6.95 -32.96
C CYS B 88 -12.56 5.85 -31.92
N THR B 89 -13.44 4.86 -31.98
CA THR B 89 -13.40 3.73 -31.07
C THR B 89 -12.64 2.57 -31.71
N TRP B 90 -11.78 1.93 -30.94
CA TRP B 90 -10.97 0.82 -31.40
C TRP B 90 -11.24 -0.39 -30.51
N CYS B 91 -11.60 -1.51 -31.12
CA CYS B 91 -11.88 -2.75 -30.41
C CYS B 91 -10.65 -3.65 -30.49
N VAL B 92 -10.01 -3.87 -29.36
CA VAL B 92 -8.82 -4.71 -29.27
C VAL B 92 -9.06 -5.71 -28.15
N GLY B 93 -8.76 -6.98 -28.41
CA GLY B 93 -9.01 -8.02 -27.44
C GLY B 93 -10.45 -8.50 -27.47
N GLN B 94 -11.36 -7.72 -26.87
CA GLN B 94 -12.77 -8.06 -26.87
C GLN B 94 -13.59 -6.83 -26.51
N ALA B 95 -14.89 -6.92 -26.78
CA ALA B 95 -15.85 -5.89 -26.39
C ALA B 95 -17.21 -6.58 -26.24
N ALA B 96 -17.55 -6.96 -25.02
CA ALA B 96 -18.79 -7.67 -24.74
C ALA B 96 -19.65 -6.85 -23.77
N SER B 97 -20.96 -7.07 -23.85
CA SER B 97 -21.94 -6.45 -22.95
C SER B 97 -21.83 -4.94 -23.08
N MET B 98 -21.57 -4.20 -22.00
CA MET B 98 -21.46 -2.75 -22.08
C MET B 98 -20.29 -2.30 -22.94
N GLY B 99 -19.27 -3.16 -23.10
CA GLY B 99 -18.11 -2.78 -23.90
C GLY B 99 -18.43 -2.58 -25.37
N SER B 100 -19.21 -3.51 -25.95
CA SER B 100 -19.60 -3.38 -27.34
C SER B 100 -20.54 -2.21 -27.58
N LEU B 101 -21.21 -1.73 -26.53
CA LEU B 101 -22.12 -0.60 -26.69
C LEU B 101 -21.34 0.70 -26.84
N LEU B 102 -20.31 0.90 -26.00
CA LEU B 102 -19.41 2.02 -26.20
C LEU B 102 -18.69 1.91 -27.54
N LEU B 103 -18.37 0.68 -27.95
CA LEU B 103 -17.75 0.46 -29.25
C LEU B 103 -18.66 0.91 -30.38
N ALA B 104 -19.94 0.54 -30.30
CA ALA B 104 -20.89 0.88 -31.34
C ALA B 104 -21.34 2.33 -31.30
N ALA B 105 -21.03 3.06 -30.22
CA ALA B 105 -21.49 4.43 -30.05
C ALA B 105 -20.46 5.47 -30.48
N GLY B 106 -19.42 5.07 -31.20
CA GLY B 106 -18.48 6.03 -31.73
C GLY B 106 -19.09 6.83 -32.87
N THR B 107 -18.32 7.80 -33.35
CA THR B 107 -18.75 8.60 -34.49
C THR B 107 -18.94 7.69 -35.70
N PRO B 108 -20.05 7.82 -36.43
CA PRO B 108 -20.28 6.93 -37.57
C PRO B 108 -19.13 7.00 -38.57
N GLY B 109 -18.60 5.82 -38.91
CA GLY B 109 -17.47 5.74 -39.81
C GLY B 109 -16.11 5.77 -39.15
N MET B 110 -16.05 5.75 -37.82
CA MET B 110 -14.79 5.75 -37.09
C MET B 110 -14.74 4.67 -36.01
N ARG B 111 -15.63 3.69 -36.07
CA ARG B 111 -15.62 2.58 -35.14
C ARG B 111 -14.83 1.43 -35.76
N HIS B 112 -13.72 1.06 -35.11
CA HIS B 112 -12.81 0.08 -35.67
C HIS B 112 -12.70 -1.14 -34.77
N SER B 113 -12.05 -2.18 -35.31
CA SER B 113 -11.68 -3.37 -34.57
C SER B 113 -10.49 -4.00 -35.26
N LEU B 114 -9.54 -4.49 -34.47
CA LEU B 114 -8.41 -5.22 -35.01
C LEU B 114 -8.86 -6.62 -35.43
N PRO B 115 -8.08 -7.30 -36.27
CA PRO B 115 -8.60 -8.53 -36.92
C PRO B 115 -9.11 -9.59 -35.96
N ASN B 116 -8.44 -9.80 -34.82
CA ASN B 116 -8.72 -10.95 -33.97
C ASN B 116 -9.59 -10.63 -32.77
N SER B 117 -10.26 -9.49 -32.76
CA SER B 117 -11.12 -9.14 -31.64
C SER B 117 -12.37 -10.01 -31.62
N ARG B 118 -13.03 -10.04 -30.46
CA ARG B 118 -14.31 -10.71 -30.29
C ARG B 118 -15.34 -9.69 -29.84
N ILE B 119 -16.50 -9.68 -30.48
CA ILE B 119 -17.53 -8.68 -30.24
C ILE B 119 -18.81 -9.39 -29.81
N MET B 120 -19.42 -8.90 -28.73
CA MET B 120 -20.63 -9.50 -28.17
C MET B 120 -21.57 -8.38 -27.73
N ILE B 121 -22.79 -8.38 -28.27
CA ILE B 121 -23.85 -7.50 -27.77
C ILE B 121 -24.81 -8.23 -26.85
N HIS B 122 -24.74 -9.56 -26.79
CA HIS B 122 -25.48 -10.30 -25.77
C HIS B 122 -24.95 -9.94 -24.38
N GLN B 123 -25.86 -9.76 -23.43
CA GLN B 123 -25.49 -9.34 -22.08
C GLN B 123 -25.34 -10.55 -21.20
N PRO B 124 -24.14 -10.86 -20.70
CA PRO B 124 -24.00 -11.97 -19.74
C PRO B 124 -24.81 -11.70 -18.48
N SER B 125 -25.41 -12.76 -17.94
CA SER B 125 -26.21 -12.66 -16.74
C SER B 125 -25.37 -12.91 -15.50
N ALA B 136 -29.09 -5.06 -6.39
CA ALA B 136 -30.36 -5.74 -6.67
C ALA B 136 -31.48 -4.72 -6.89
N ILE B 137 -32.22 -4.90 -7.98
CA ILE B 137 -33.32 -4.02 -8.33
C ILE B 137 -34.52 -4.86 -8.77
N GLN B 138 -35.70 -4.24 -8.71
CA GLN B 138 -36.93 -4.93 -9.06
C GLN B 138 -36.94 -5.32 -10.53
N ALA B 139 -37.82 -6.25 -10.88
CA ALA B 139 -37.83 -6.82 -12.22
C ALA B 139 -38.05 -5.76 -13.29
N GLU B 140 -39.06 -4.90 -13.09
CA GLU B 140 -39.40 -3.91 -14.11
C GLU B 140 -38.30 -2.89 -14.34
N GLU B 141 -37.42 -2.68 -13.36
CA GLU B 141 -36.29 -1.79 -13.56
C GLU B 141 -35.21 -2.45 -14.40
N ILE B 142 -35.13 -3.78 -14.38
CA ILE B 142 -34.17 -4.47 -15.24
C ILE B 142 -34.62 -4.44 -16.69
N MET B 143 -35.90 -4.73 -16.93
CA MET B 143 -36.42 -4.66 -18.29
C MET B 143 -36.43 -3.22 -18.80
N LYS B 144 -36.57 -2.24 -17.89
CA LYS B 144 -36.36 -0.85 -18.28
C LYS B 144 -34.96 -0.65 -18.84
N LEU B 145 -33.94 -1.24 -18.19
CA LEU B 145 -32.58 -1.12 -18.66
C LEU B 145 -32.38 -1.76 -20.04
N LYS B 146 -32.98 -2.93 -20.26
CA LYS B 146 -32.75 -3.63 -21.52
C LYS B 146 -33.43 -2.91 -22.69
N LYS B 147 -34.64 -2.39 -22.47
CA LYS B 147 -35.29 -1.61 -23.52
C LYS B 147 -34.53 -0.33 -23.85
N GLN B 148 -33.74 0.20 -22.91
CA GLN B 148 -32.80 1.26 -23.26
C GLN B 148 -31.68 0.74 -24.13
N LEU B 149 -31.05 -0.35 -23.71
CA LEU B 149 -29.95 -0.93 -24.49
C LEU B 149 -30.45 -1.40 -25.85
N TYR B 150 -31.70 -1.82 -25.94
CA TYR B 150 -32.30 -2.12 -27.24
C TYR B 150 -32.33 -0.90 -28.13
N ASN B 151 -32.66 0.26 -27.55
CA ASN B 151 -32.78 1.49 -28.36
C ASN B 151 -31.42 2.04 -28.75
N ILE B 152 -30.43 1.96 -27.85
CA ILE B 152 -29.10 2.47 -28.19
C ILE B 152 -28.46 1.61 -29.27
N TYR B 153 -28.50 0.28 -29.10
CA TYR B 153 -27.94 -0.60 -30.11
C TYR B 153 -28.63 -0.42 -31.45
N ALA B 154 -29.95 -0.19 -31.44
CA ALA B 154 -30.68 0.04 -32.68
C ALA B 154 -30.27 1.38 -33.31
N LYS B 155 -30.18 2.42 -32.49
CA LYS B 155 -29.78 3.75 -32.94
C LYS B 155 -28.51 3.70 -33.77
N HIS B 156 -27.45 3.12 -33.21
CA HIS B 156 -26.12 3.25 -33.80
C HIS B 156 -25.81 2.18 -34.84
N THR B 157 -26.43 1.00 -34.74
CA THR B 157 -26.25 -0.02 -35.77
C THR B 157 -27.13 0.22 -36.97
N LYS B 158 -28.18 1.03 -36.82
CA LYS B 158 -29.23 1.23 -37.82
C LYS B 158 -30.06 -0.03 -38.05
N GLN B 159 -30.08 -0.93 -37.07
CA GLN B 159 -30.96 -2.09 -37.12
C GLN B 159 -32.28 -1.79 -36.41
N SER B 160 -33.25 -2.67 -36.62
CA SER B 160 -34.57 -2.51 -36.03
C SER B 160 -34.62 -3.15 -34.65
N LEU B 161 -35.62 -2.74 -33.86
CA LEU B 161 -35.79 -3.29 -32.52
C LEU B 161 -36.03 -4.80 -32.57
N GLN B 162 -36.67 -5.28 -33.64
CA GLN B 162 -36.81 -6.73 -33.82
C GLN B 162 -35.45 -7.40 -33.95
N VAL B 163 -34.58 -6.84 -34.79
CA VAL B 163 -33.28 -7.47 -35.05
C VAL B 163 -32.39 -7.41 -33.82
N ILE B 164 -32.37 -6.27 -33.12
CA ILE B 164 -31.50 -6.12 -31.96
C ILE B 164 -31.92 -7.05 -30.84
N GLU B 165 -33.23 -7.18 -30.61
CA GLU B 165 -33.72 -8.03 -29.52
C GLU B 165 -33.31 -9.48 -29.72
N SER B 166 -33.49 -10.01 -30.93
CA SER B 166 -33.15 -11.41 -31.17
C SER B 166 -31.64 -11.63 -31.23
N ALA B 167 -30.88 -10.64 -31.69
CA ALA B 167 -29.43 -10.77 -31.73
C ALA B 167 -28.83 -10.83 -30.33
N MET B 168 -29.42 -10.11 -29.37
CA MET B 168 -28.96 -10.15 -28.00
C MET B 168 -29.41 -11.40 -27.26
N GLU B 169 -30.29 -12.20 -27.87
CA GLU B 169 -30.71 -13.46 -27.26
C GLU B 169 -29.66 -14.56 -27.42
N ARG B 170 -28.85 -14.49 -28.48
CA ARG B 170 -27.92 -15.55 -28.82
C ARG B 170 -26.63 -15.38 -28.01
N ASP B 171 -26.41 -16.30 -27.07
CA ASP B 171 -25.21 -16.32 -26.24
C ASP B 171 -24.01 -16.72 -27.10
N ARG B 172 -23.41 -15.75 -27.79
CA ARG B 172 -22.32 -16.03 -28.71
C ARG B 172 -21.62 -14.72 -29.04
N TYR B 173 -20.45 -14.85 -29.65
CA TYR B 173 -19.62 -13.72 -30.03
C TYR B 173 -19.66 -13.52 -31.53
N MET B 174 -19.25 -12.33 -31.97
CA MET B 174 -19.15 -12.00 -33.38
C MET B 174 -17.70 -11.75 -33.76
N SER B 175 -17.36 -12.13 -34.99
CA SER B 175 -16.09 -11.74 -35.57
C SER B 175 -16.14 -10.25 -35.95
N PRO B 176 -14.98 -9.60 -36.06
CA PRO B 176 -14.98 -8.20 -36.52
C PRO B 176 -15.70 -7.99 -37.83
N MET B 177 -15.57 -8.93 -38.77
CA MET B 177 -16.29 -8.81 -40.04
C MET B 177 -17.79 -8.94 -39.83
N GLU B 178 -18.21 -9.84 -38.94
CA GLU B 178 -19.62 -9.96 -38.61
C GLU B 178 -20.16 -8.66 -38.02
N ALA B 179 -19.47 -8.13 -37.01
CA ALA B 179 -19.95 -6.93 -36.33
C ALA B 179 -19.96 -5.72 -37.26
N GLN B 180 -19.04 -5.66 -38.22
CA GLN B 180 -19.04 -4.55 -39.16
C GLN B 180 -20.28 -4.59 -40.04
N GLU B 181 -20.60 -5.76 -40.59
CA GLU B 181 -21.76 -5.92 -41.45
C GLU B 181 -23.05 -6.07 -40.66
N PHE B 182 -22.99 -5.92 -39.34
CA PHE B 182 -24.19 -5.79 -38.51
C PHE B 182 -24.47 -4.34 -38.12
N GLY B 183 -23.47 -3.46 -38.21
CA GLY B 183 -23.61 -2.08 -37.83
C GLY B 183 -22.87 -1.70 -36.56
N ILE B 184 -22.18 -2.63 -35.92
CA ILE B 184 -21.52 -2.34 -34.65
C ILE B 184 -20.29 -1.47 -34.88
N LEU B 185 -19.46 -1.84 -35.85
CA LEU B 185 -18.27 -1.08 -36.19
C LEU B 185 -18.23 -0.84 -37.69
N ASP B 186 -17.24 -0.09 -38.14
CA ASP B 186 -17.19 0.40 -39.50
C ASP B 186 -16.02 -0.14 -40.30
N LYS B 187 -14.83 -0.24 -39.69
CA LYS B 187 -13.64 -0.67 -40.41
C LYS B 187 -12.89 -1.71 -39.58
N VAL B 188 -12.34 -2.72 -40.26
CA VAL B 188 -11.50 -3.70 -39.60
C VAL B 188 -10.08 -3.55 -40.11
N LEU B 189 -9.26 -2.77 -39.41
CA LEU B 189 -7.91 -2.46 -39.87
C LEU B 189 -6.93 -3.56 -39.47
N VAL B 190 -5.85 -3.67 -40.24
CA VAL B 190 -4.75 -4.59 -39.94
C VAL B 190 -3.48 -3.77 -39.77
N HIS B 191 -3.38 -2.69 -40.51
CA HIS B 191 -2.23 -1.80 -40.53
C HIS B 191 -2.73 -0.38 -40.67
N PRO B 192 -1.91 0.62 -40.35
CA PRO B 192 -2.30 2.00 -40.63
C PRO B 192 -2.36 2.26 -42.13
N PRO B 193 -3.44 2.85 -42.63
CA PRO B 193 -3.72 3.07 -44.06
C PRO B 193 -2.57 3.77 -44.80
N LEU C 2 -4.85 3.54 -12.61
CA LEU C 2 -3.96 4.69 -12.48
C LEU C 2 -4.72 5.97 -12.80
N ILE C 3 -4.39 7.03 -12.08
CA ILE C 3 -5.02 8.34 -12.26
C ILE C 3 -4.09 9.18 -13.12
N PRO C 4 -4.47 9.55 -14.34
CA PRO C 4 -3.53 10.24 -15.24
C PRO C 4 -3.20 11.65 -14.77
N ILE C 5 -2.11 12.17 -15.32
CA ILE C 5 -1.61 13.49 -14.99
C ILE C 5 -1.83 14.41 -16.19
N VAL C 6 -2.39 15.59 -15.95
CA VAL C 6 -2.55 16.61 -16.97
C VAL C 6 -1.63 17.77 -16.64
N VAL C 7 -1.14 18.44 -17.68
CA VAL C 7 -0.10 19.46 -17.53
C VAL C 7 -0.63 20.78 -18.06
N GLU C 8 -0.13 21.87 -17.49
CA GLU C 8 -0.45 23.22 -17.96
C GLU C 8 0.78 24.13 -17.90
N ALA C 16 1.54 20.38 -12.82
CA ALA C 16 0.92 19.15 -13.30
C ALA C 16 0.00 18.55 -12.24
N TYR C 17 -1.29 18.50 -12.55
CA TYR C 17 -2.30 17.98 -11.64
C TYR C 17 -2.83 16.64 -12.15
N ASP C 18 -3.30 15.83 -11.21
CA ASP C 18 -4.07 14.66 -11.59
C ASP C 18 -5.42 15.09 -12.17
N ILE C 19 -6.03 14.20 -12.95
CA ILE C 19 -7.24 14.56 -13.68
C ILE C 19 -8.36 14.98 -12.75
N TYR C 20 -8.40 14.41 -11.54
CA TYR C 20 -9.46 14.77 -10.60
C TYR C 20 -9.19 16.12 -9.95
N SER C 21 -7.93 16.40 -9.60
CA SER C 21 -7.57 17.73 -9.11
C SER C 21 -7.81 18.78 -10.18
N ARG C 22 -7.61 18.44 -11.45
CA ARG C 22 -7.89 19.35 -12.53
C ARG C 22 -9.38 19.65 -12.66
N LEU C 23 -10.22 18.66 -12.36
CA LEU C 23 -11.67 18.89 -12.35
C LEU C 23 -12.05 19.96 -11.33
N LEU C 24 -11.45 19.90 -10.13
CA LEU C 24 -11.79 20.82 -9.07
C LEU C 24 -11.41 22.26 -9.39
N ARG C 25 -10.45 22.48 -10.29
CA ARG C 25 -10.13 23.84 -10.67
C ARG C 25 -11.19 24.45 -11.58
N GLU C 26 -11.99 23.63 -12.24
CA GLU C 26 -13.18 24.11 -12.96
C GLU C 26 -14.42 24.10 -12.08
N ARG C 27 -14.23 24.08 -10.76
CA ARG C 27 -15.33 24.11 -9.79
C ARG C 27 -16.25 22.90 -9.94
N ILE C 28 -15.64 21.74 -10.20
CA ILE C 28 -16.36 20.48 -10.30
C ILE C 28 -16.17 19.71 -9.00
N VAL C 29 -17.28 19.31 -8.38
CA VAL C 29 -17.27 18.45 -7.21
C VAL C 29 -17.91 17.14 -7.62
N CYS C 30 -17.11 16.07 -7.66
CA CYS C 30 -17.58 14.76 -8.09
C CYS C 30 -18.02 13.96 -6.87
N VAL C 31 -19.30 13.62 -6.81
CA VAL C 31 -19.84 12.82 -5.71
C VAL C 31 -20.25 11.46 -6.27
N MET C 32 -19.30 10.53 -6.32
CA MET C 32 -19.49 9.25 -6.99
C MET C 32 -19.52 8.11 -5.98
N GLY C 33 -20.35 7.10 -6.26
CA GLY C 33 -20.40 5.91 -5.45
C GLY C 33 -21.22 6.08 -4.20
N PRO C 34 -21.11 5.14 -3.26
CA PRO C 34 -21.85 5.26 -2.01
C PRO C 34 -21.29 6.40 -1.16
N ILE C 35 -22.18 7.00 -0.38
CA ILE C 35 -21.85 8.18 0.42
C ILE C 35 -21.67 7.75 1.87
N ASP C 36 -20.54 8.12 2.46
CA ASP C 36 -20.30 7.89 3.88
C ASP C 36 -19.74 9.15 4.52
N ASP C 37 -19.25 9.04 5.75
CA ASP C 37 -18.83 10.21 6.51
C ASP C 37 -17.55 10.84 5.95
N SER C 38 -16.73 10.07 5.23
CA SER C 38 -15.52 10.61 4.63
C SER C 38 -15.78 11.21 3.26
N VAL C 39 -16.67 10.61 2.47
CA VAL C 39 -17.10 11.24 1.22
C VAL C 39 -17.73 12.60 1.52
N ALA C 40 -18.63 12.65 2.50
CA ALA C 40 -19.19 13.91 2.93
C ALA C 40 -18.11 14.87 3.41
N SER C 41 -17.10 14.33 4.11
CA SER C 41 -15.97 15.16 4.53
C SER C 41 -15.21 15.69 3.33
N LEU C 42 -15.04 14.87 2.30
CA LEU C 42 -14.30 15.27 1.11
C LEU C 42 -15.11 16.17 0.18
N VAL C 43 -16.44 16.13 0.28
CA VAL C 43 -17.28 17.00 -0.54
C VAL C 43 -17.50 18.35 0.13
N ILE C 44 -17.70 18.36 1.44
CA ILE C 44 -17.85 19.61 2.18
C ILE C 44 -16.58 20.44 2.09
N ALA C 45 -15.42 19.77 2.13
CA ALA C 45 -14.15 20.48 2.03
C ALA C 45 -14.00 21.17 0.68
N GLN C 46 -14.40 20.50 -0.40
CA GLN C 46 -14.34 21.13 -1.71
C GLN C 46 -15.37 22.25 -1.85
N LEU C 47 -16.54 22.09 -1.25
CA LEU C 47 -17.58 23.12 -1.36
C LEU C 47 -17.14 24.42 -0.67
N LEU C 48 -16.66 24.31 0.57
CA LEU C 48 -16.22 25.50 1.29
C LEU C 48 -15.02 26.14 0.62
N PHE C 49 -14.10 25.31 0.10
CA PHE C 49 -12.96 25.83 -0.63
C PHE C 49 -13.41 26.61 -1.87
N LEU C 50 -14.35 26.06 -2.63
CA LEU C 50 -14.80 26.71 -3.86
C LEU C 50 -15.52 28.02 -3.55
N GLN C 51 -16.32 28.06 -2.48
CA GLN C 51 -16.98 29.31 -2.11
C GLN C 51 -15.98 30.35 -1.65
N SER C 52 -14.90 29.93 -1.00
CA SER C 52 -13.88 30.88 -0.56
C SER C 52 -13.24 31.57 -1.76
N GLU C 53 -13.04 30.84 -2.86
CA GLU C 53 -12.45 31.43 -4.05
C GLU C 53 -13.44 32.32 -4.79
N SER C 54 -14.74 32.19 -4.53
CA SER C 54 -15.76 33.07 -5.07
C SER C 54 -17.12 32.81 -4.42
N ASN C 55 -17.76 33.85 -3.90
CA ASN C 55 -19.09 33.68 -3.32
C ASN C 55 -20.15 33.44 -4.39
N LYS C 56 -19.92 33.94 -5.61
CA LYS C 56 -20.97 33.98 -6.62
C LYS C 56 -20.70 33.12 -7.85
N LYS C 57 -19.46 32.70 -8.09
CA LYS C 57 -19.22 31.74 -9.17
C LYS C 57 -19.91 30.42 -8.86
N PRO C 58 -20.68 29.87 -9.78
CA PRO C 58 -21.42 28.63 -9.50
C PRO C 58 -20.49 27.43 -9.30
N ILE C 59 -21.04 26.42 -8.63
CA ILE C 59 -20.35 25.17 -8.35
C ILE C 59 -21.14 24.03 -8.99
N HIS C 60 -20.43 23.03 -9.51
CA HIS C 60 -21.05 21.91 -10.20
C HIS C 60 -20.81 20.63 -9.40
N MET C 61 -21.89 19.96 -9.02
CA MET C 61 -21.81 18.65 -8.38
C MET C 61 -22.19 17.57 -9.39
N TYR C 62 -21.24 16.71 -9.72
CA TYR C 62 -21.50 15.54 -10.54
C TYR C 62 -21.92 14.40 -9.62
N ILE C 63 -23.15 13.92 -9.79
CA ILE C 63 -23.74 12.94 -8.88
C ILE C 63 -23.99 11.64 -9.64
N ASN C 64 -23.29 10.58 -9.24
CA ASN C 64 -23.49 9.22 -9.73
C ASN C 64 -23.41 8.30 -8.51
N SER C 65 -24.49 8.26 -7.73
CA SER C 65 -24.47 7.62 -6.43
C SER C 65 -25.70 6.75 -6.20
N PRO C 66 -25.52 5.57 -5.60
CA PRO C 66 -26.68 4.77 -5.18
C PRO C 66 -27.23 5.13 -3.82
N GLY C 67 -26.58 6.02 -3.08
CA GLY C 67 -27.03 6.39 -1.75
C GLY C 67 -25.96 6.19 -0.70
N GLY C 68 -26.35 6.16 0.57
CA GLY C 68 -25.38 5.93 1.63
C GLY C 68 -25.93 6.29 2.98
N VAL C 69 -25.02 6.67 3.89
CA VAL C 69 -25.41 7.06 5.25
C VAL C 69 -26.26 8.32 5.18
N VAL C 70 -27.41 8.28 5.85
CA VAL C 70 -28.34 9.42 5.79
C VAL C 70 -27.71 10.65 6.43
N THR C 71 -27.16 10.49 7.64
CA THR C 71 -26.53 11.62 8.32
C THR C 71 -25.33 12.14 7.54
N ALA C 72 -24.60 11.26 6.85
CA ALA C 72 -23.51 11.71 5.99
C ALA C 72 -24.05 12.49 4.79
N GLY C 73 -25.08 11.96 4.14
CA GLY C 73 -25.68 12.67 3.02
C GLY C 73 -26.39 13.95 3.43
N LEU C 74 -26.89 13.99 4.67
CA LEU C 74 -27.53 15.22 5.15
C LEU C 74 -26.51 16.31 5.42
N ALA C 75 -25.28 15.95 5.79
CA ALA C 75 -24.24 16.95 6.00
C ALA C 75 -23.88 17.64 4.68
N ILE C 76 -23.88 16.89 3.59
CA ILE C 76 -23.64 17.49 2.28
C ILE C 76 -24.80 18.42 1.91
N TYR C 77 -26.03 17.97 2.16
CA TYR C 77 -27.19 18.82 1.91
C TYR C 77 -27.12 20.10 2.74
N ASP C 78 -26.79 19.96 4.03
CA ASP C 78 -26.68 21.13 4.89
C ASP C 78 -25.59 22.08 4.41
N THR C 79 -24.47 21.53 3.93
CA THR C 79 -23.39 22.36 3.43
C THR C 79 -23.78 23.03 2.11
N MET C 80 -24.51 22.31 1.25
CA MET C 80 -25.03 22.90 0.04
C MET C 80 -25.88 24.14 0.35
N GLN C 81 -26.82 24.00 1.29
CA GLN C 81 -27.69 25.11 1.63
C GLN C 81 -26.94 26.19 2.43
N TYR C 82 -25.78 25.87 2.99
CA TYR C 82 -25.03 26.89 3.71
C TYR C 82 -24.31 27.84 2.76
N ILE C 83 -23.56 27.29 1.80
CA ILE C 83 -22.79 28.14 0.90
C ILE C 83 -23.71 28.96 0.03
N LEU C 84 -23.23 30.14 -0.38
CA LEU C 84 -24.05 31.11 -1.08
C LEU C 84 -24.02 30.95 -2.59
N ASN C 85 -23.08 30.18 -3.13
CA ASN C 85 -22.93 30.08 -4.57
C ASN C 85 -24.15 29.39 -5.18
N PRO C 86 -24.49 29.71 -6.42
CA PRO C 86 -25.38 28.84 -7.18
C PRO C 86 -24.73 27.48 -7.37
N ILE C 87 -25.54 26.43 -7.30
CA ILE C 87 -25.06 25.06 -7.35
C ILE C 87 -25.76 24.35 -8.49
N CYS C 88 -24.99 23.95 -9.50
CA CYS C 88 -25.51 23.13 -10.59
C CYS C 88 -25.25 21.67 -10.27
N THR C 89 -26.31 20.90 -10.09
CA THR C 89 -26.21 19.47 -9.83
C THR C 89 -26.46 18.70 -11.11
N TRP C 90 -25.57 17.75 -11.42
CA TRP C 90 -25.62 17.00 -12.65
C TRP C 90 -25.77 15.52 -12.33
N CYS C 91 -26.78 14.88 -12.92
CA CYS C 91 -27.07 13.47 -12.68
C CYS C 91 -26.47 12.64 -13.81
N VAL C 92 -25.63 11.68 -13.46
CA VAL C 92 -24.91 10.86 -14.42
C VAL C 92 -25.07 9.40 -14.02
N GLY C 93 -25.52 8.57 -14.96
CA GLY C 93 -25.74 7.17 -14.66
C GLY C 93 -26.96 6.93 -13.78
N GLN C 94 -26.83 7.24 -12.49
CA GLN C 94 -27.94 7.06 -11.57
C GLN C 94 -27.74 7.96 -10.36
N ALA C 95 -28.86 8.25 -9.68
CA ALA C 95 -28.85 8.99 -8.43
C ALA C 95 -30.04 8.48 -7.61
N ALA C 96 -29.75 7.61 -6.65
CA ALA C 96 -30.76 6.97 -5.83
C ALA C 96 -30.55 7.27 -4.36
N SER C 97 -31.66 7.40 -3.63
CA SER C 97 -31.68 7.64 -2.18
C SER C 97 -31.02 8.97 -1.89
N MET C 98 -30.00 9.05 -1.04
CA MET C 98 -29.34 10.32 -0.72
C MET C 98 -28.71 10.98 -1.94
N GLY C 99 -28.40 10.20 -2.98
CA GLY C 99 -27.91 10.78 -4.22
C GLY C 99 -28.95 11.64 -4.90
N SER C 100 -30.19 11.16 -4.97
CA SER C 100 -31.25 11.94 -5.62
C SER C 100 -31.64 13.14 -4.77
N LEU C 101 -31.49 13.06 -3.45
CA LEU C 101 -31.80 14.21 -2.60
C LEU C 101 -30.84 15.36 -2.85
N LEU C 102 -29.54 15.06 -2.88
CA LEU C 102 -28.55 16.08 -3.26
C LEU C 102 -28.78 16.58 -4.68
N LEU C 103 -29.24 15.69 -5.57
CA LEU C 103 -29.52 16.08 -6.95
C LEU C 103 -30.59 17.17 -7.01
N ALA C 104 -31.70 16.98 -6.30
CA ALA C 104 -32.76 17.96 -6.26
C ALA C 104 -32.45 19.14 -5.35
N ALA C 105 -31.35 19.07 -4.58
CA ALA C 105 -30.99 20.15 -3.68
C ALA C 105 -30.22 21.28 -4.35
N GLY C 106 -29.85 21.12 -5.62
CA GLY C 106 -29.22 22.21 -6.33
C GLY C 106 -30.14 23.40 -6.49
N THR C 107 -29.54 24.54 -6.82
CA THR C 107 -30.32 25.76 -7.00
C THR C 107 -31.31 25.60 -8.15
N PRO C 108 -32.53 26.15 -8.03
CA PRO C 108 -33.58 25.85 -9.01
C PRO C 108 -33.21 26.31 -10.40
N GLY C 109 -33.80 25.66 -11.40
CA GLY C 109 -33.46 25.86 -12.79
C GLY C 109 -32.05 25.46 -13.19
N MET C 110 -31.30 24.76 -12.30
CA MET C 110 -29.93 24.39 -12.57
C MET C 110 -29.64 22.94 -12.21
N ARG C 111 -30.67 22.11 -12.06
CA ARG C 111 -30.53 20.70 -11.79
C ARG C 111 -30.74 19.95 -13.10
N HIS C 112 -29.67 19.31 -13.58
CA HIS C 112 -29.64 18.67 -14.88
C HIS C 112 -29.41 17.17 -14.72
N SER C 113 -29.88 16.42 -15.73
CA SER C 113 -29.62 14.99 -15.82
C SER C 113 -29.29 14.63 -17.26
N LEU C 114 -28.33 13.73 -17.43
CA LEU C 114 -28.03 13.19 -18.74
C LEU C 114 -29.18 12.31 -19.20
N PRO C 115 -29.34 12.12 -20.51
CA PRO C 115 -30.63 11.58 -21.01
C PRO C 115 -30.97 10.19 -20.52
N ASN C 116 -30.00 9.28 -20.41
CA ASN C 116 -30.28 7.88 -20.11
C ASN C 116 -30.12 7.54 -18.63
N SER C 117 -30.20 8.53 -17.75
CA SER C 117 -29.95 8.32 -16.34
C SER C 117 -31.16 7.68 -15.66
N ARG C 118 -31.02 7.43 -14.36
CA ARG C 118 -32.07 6.87 -13.53
C ARG C 118 -32.04 7.56 -12.18
N ILE C 119 -33.22 7.94 -11.69
CA ILE C 119 -33.34 8.66 -10.43
C ILE C 119 -34.37 7.95 -9.57
N MET C 120 -34.02 7.73 -8.29
CA MET C 120 -34.88 7.04 -7.35
C MET C 120 -34.85 7.77 -6.02
N ILE C 121 -36.03 8.22 -5.56
CA ILE C 121 -36.16 8.78 -4.22
C ILE C 121 -36.64 7.75 -3.20
N HIS C 122 -37.03 6.55 -3.65
CA HIS C 122 -37.34 5.47 -2.73
C HIS C 122 -36.10 5.08 -1.94
N GLN C 123 -36.24 5.02 -0.63
CA GLN C 123 -35.10 4.62 0.19
C GLN C 123 -35.04 3.10 0.29
N PRO C 124 -33.89 2.48 0.05
CA PRO C 124 -33.82 1.02 0.10
C PRO C 124 -33.96 0.48 1.53
N SER C 125 -33.74 -0.82 1.71
CA SER C 125 -34.08 -1.53 2.94
C SER C 125 -35.58 -1.52 3.15
N ASP C 134 -24.44 4.80 10.89
CA ASP C 134 -23.18 4.91 11.60
C ASP C 134 -23.16 3.99 12.83
N ILE C 135 -24.18 4.11 13.68
CA ILE C 135 -24.33 3.19 14.80
C ILE C 135 -25.71 2.55 14.74
N ALA C 136 -26.17 2.02 15.86
CA ALA C 136 -27.35 1.18 15.89
C ALA C 136 -28.63 2.01 15.75
N ILE C 137 -29.75 1.30 15.56
CA ILE C 137 -31.03 1.91 15.19
C ILE C 137 -31.79 2.36 16.43
N GLN C 138 -33.09 2.58 16.26
CA GLN C 138 -34.11 2.74 17.32
C GLN C 138 -35.38 3.33 16.71
N ALA C 139 -36.16 2.47 16.04
CA ALA C 139 -37.43 2.77 15.38
C ALA C 139 -37.77 4.26 15.27
N GLU C 140 -37.98 4.93 16.41
CA GLU C 140 -38.38 6.32 16.40
C GLU C 140 -37.30 7.23 15.81
N GLU C 141 -36.03 6.88 16.00
CA GLU C 141 -34.96 7.72 15.44
C GLU C 141 -34.81 7.51 13.94
N ILE C 142 -35.18 6.33 13.43
CA ILE C 142 -35.20 6.13 11.99
C ILE C 142 -36.42 6.83 11.38
N MET C 143 -37.59 6.70 12.03
CA MET C 143 -38.76 7.46 11.62
C MET C 143 -38.49 8.95 11.65
N LYS C 144 -37.73 9.42 12.64
CA LYS C 144 -37.35 10.82 12.70
C LYS C 144 -36.51 11.22 11.49
N LEU C 145 -35.73 10.28 10.95
CA LEU C 145 -34.89 10.58 9.80
C LEU C 145 -35.69 10.59 8.50
N LYS C 146 -36.60 9.63 8.33
CA LYS C 146 -37.43 9.63 7.13
C LYS C 146 -38.34 10.85 7.09
N LYS C 147 -38.79 11.33 8.26
CA LYS C 147 -39.53 12.58 8.30
C LYS C 147 -38.67 13.76 7.87
N GLN C 148 -37.36 13.69 8.13
CA GLN C 148 -36.46 14.71 7.60
C GLN C 148 -36.35 14.60 6.09
N LEU C 149 -36.23 13.39 5.57
CA LEU C 149 -36.16 13.21 4.11
C LEU C 149 -37.46 13.66 3.46
N TYR C 150 -38.60 13.44 4.11
CA TYR C 150 -39.89 13.88 3.58
C TYR C 150 -39.91 15.39 3.45
N ASN C 151 -39.45 16.10 4.48
CA ASN C 151 -39.45 17.57 4.45
C ASN C 151 -38.54 18.09 3.34
N ILE C 152 -37.31 17.58 3.27
CA ILE C 152 -36.34 18.08 2.30
C ILE C 152 -36.83 17.81 0.88
N TYR C 153 -37.34 16.61 0.63
CA TYR C 153 -37.85 16.29 -0.71
C TYR C 153 -39.02 17.18 -1.08
N ALA C 154 -39.99 17.31 -0.18
CA ALA C 154 -41.16 18.15 -0.46
C ALA C 154 -40.77 19.62 -0.60
N LYS C 155 -39.67 20.04 0.05
CA LYS C 155 -39.26 21.43 -0.03
C LYS C 155 -38.70 21.77 -1.41
N HIS C 156 -37.85 20.91 -1.96
CA HIS C 156 -37.15 21.21 -3.20
C HIS C 156 -37.90 20.77 -4.43
N THR C 157 -38.98 20.00 -4.28
CA THR C 157 -39.80 19.59 -5.43
C THR C 157 -41.11 20.35 -5.54
N LYS C 158 -41.51 21.06 -4.48
CA LYS C 158 -42.81 21.69 -4.31
C LYS C 158 -43.95 20.69 -4.21
N GLN C 159 -43.68 19.39 -4.31
CA GLN C 159 -44.71 18.39 -4.12
C GLN C 159 -45.15 18.35 -2.67
N SER C 160 -46.39 17.90 -2.45
CA SER C 160 -46.92 17.87 -1.09
C SER C 160 -46.30 16.72 -0.30
N LEU C 161 -46.35 16.85 1.03
CA LEU C 161 -45.82 15.80 1.90
C LEU C 161 -46.49 14.45 1.62
N GLN C 162 -47.78 14.47 1.28
CA GLN C 162 -48.48 13.23 0.97
C GLN C 162 -48.04 12.67 -0.37
N VAL C 163 -47.74 13.55 -1.34
CA VAL C 163 -47.26 13.08 -2.63
C VAL C 163 -45.85 12.51 -2.50
N ILE C 164 -45.04 13.05 -1.58
CA ILE C 164 -43.67 12.59 -1.44
C ILE C 164 -43.63 11.22 -0.76
N GLU C 165 -44.38 11.05 0.32
CA GLU C 165 -44.38 9.77 1.03
C GLU C 165 -44.94 8.66 0.17
N SER C 166 -46.06 8.92 -0.52
CA SER C 166 -46.67 7.89 -1.36
C SER C 166 -45.73 7.49 -2.50
N ALA C 167 -44.97 8.45 -3.04
CA ALA C 167 -44.01 8.12 -4.09
C ALA C 167 -42.77 7.44 -3.52
N MET C 168 -42.33 7.83 -2.33
CA MET C 168 -41.14 7.27 -1.72
C MET C 168 -41.34 5.85 -1.21
N GLU C 169 -42.55 5.29 -1.34
CA GLU C 169 -42.82 3.92 -0.92
C GLU C 169 -42.97 2.96 -2.10
N ARG C 170 -42.93 3.47 -3.34
CA ARG C 170 -42.88 2.62 -4.51
C ARG C 170 -41.43 2.27 -4.83
N ASP C 171 -41.18 0.99 -5.09
CA ASP C 171 -39.83 0.48 -5.35
C ASP C 171 -39.60 0.52 -6.86
N ARG C 172 -39.17 1.67 -7.36
CA ARG C 172 -38.99 1.84 -8.80
C ARG C 172 -38.07 3.01 -9.07
N TYR C 173 -37.53 3.05 -10.28
CA TYR C 173 -36.69 4.14 -10.76
C TYR C 173 -37.48 5.05 -11.69
N MET C 174 -37.01 6.30 -11.78
CA MET C 174 -37.63 7.31 -12.62
C MET C 174 -36.78 7.60 -13.85
N SER C 175 -37.45 7.95 -14.94
CA SER C 175 -36.76 8.48 -16.11
C SER C 175 -36.47 9.96 -15.91
N PRO C 176 -35.42 10.48 -16.55
CA PRO C 176 -35.11 11.91 -16.40
C PRO C 176 -36.27 12.84 -16.71
N MET C 177 -37.14 12.49 -17.66
CA MET C 177 -38.33 13.30 -17.85
C MET C 177 -39.38 13.02 -16.78
N GLU C 178 -39.51 11.75 -16.37
CA GLU C 178 -40.30 11.41 -15.20
C GLU C 178 -39.85 12.22 -13.99
N ALA C 179 -38.54 12.29 -13.76
CA ALA C 179 -38.01 12.99 -12.60
C ALA C 179 -38.13 14.50 -12.76
N GLN C 180 -38.03 15.01 -13.99
CA GLN C 180 -38.15 16.45 -14.22
C GLN C 180 -39.54 16.95 -13.83
N GLU C 181 -40.58 16.23 -14.28
CA GLU C 181 -41.94 16.66 -14.01
C GLU C 181 -42.29 16.57 -12.52
N PHE C 182 -41.61 15.68 -11.79
CA PHE C 182 -41.85 15.55 -10.36
C PHE C 182 -41.22 16.68 -9.55
N GLY C 183 -40.21 17.34 -10.10
CA GLY C 183 -39.54 18.41 -9.40
C GLY C 183 -38.16 18.08 -8.90
N ILE C 184 -37.53 17.03 -9.43
CA ILE C 184 -36.18 16.67 -9.01
C ILE C 184 -35.14 17.30 -9.95
N LEU C 185 -35.46 17.41 -11.23
CA LEU C 185 -34.61 18.05 -12.22
C LEU C 185 -35.28 19.30 -12.76
N ASP C 186 -34.54 20.01 -13.61
CA ASP C 186 -35.10 21.09 -14.41
C ASP C 186 -34.85 20.88 -15.89
N LYS C 187 -33.62 20.50 -16.26
CA LYS C 187 -33.25 20.30 -17.65
C LYS C 187 -32.72 18.88 -17.84
N VAL C 188 -32.94 18.34 -19.04
CA VAL C 188 -32.43 17.03 -19.43
C VAL C 188 -31.66 17.23 -20.73
N LEU C 189 -30.37 17.52 -20.62
CA LEU C 189 -29.56 17.87 -21.78
C LEU C 189 -29.08 16.62 -22.52
N VAL C 190 -29.06 16.69 -23.85
CA VAL C 190 -28.51 15.63 -24.68
C VAL C 190 -27.21 16.14 -25.28
N HIS C 191 -27.14 17.43 -25.56
CA HIS C 191 -25.96 18.13 -26.02
C HIS C 191 -25.84 19.43 -25.26
N PRO C 192 -24.71 20.15 -25.40
CA PRO C 192 -24.72 21.42 -24.68
C PRO C 192 -25.33 22.55 -25.52
N LEU D 2 -9.47 9.26 -2.68
CA LEU D 2 -8.43 10.05 -3.32
C LEU D 2 -8.61 11.51 -2.95
N ILE D 3 -7.59 12.10 -2.34
CA ILE D 3 -7.67 13.47 -1.83
C ILE D 3 -7.27 14.43 -2.94
N PRO D 4 -8.10 15.44 -3.25
CA PRO D 4 -7.76 16.37 -4.32
C PRO D 4 -6.70 17.37 -3.86
N ILE D 5 -6.17 18.11 -4.84
CA ILE D 5 -5.11 19.08 -4.63
C ILE D 5 -5.64 20.46 -4.99
N VAL D 6 -5.28 21.46 -4.17
CA VAL D 6 -5.63 22.85 -4.42
C VAL D 6 -4.35 23.67 -4.45
N VAL D 7 -4.34 24.70 -5.30
CA VAL D 7 -3.16 25.54 -5.46
C VAL D 7 -3.32 26.83 -4.67
N GLU D 14 1.59 30.93 -3.45
CA GLU D 14 1.72 30.31 -4.77
C GLU D 14 2.26 28.88 -4.66
N ARG D 15 1.79 28.15 -3.65
CA ARG D 15 2.09 26.74 -3.46
C ARG D 15 0.79 25.95 -3.63
N ALA D 16 0.85 24.64 -3.45
CA ALA D 16 -0.28 23.76 -3.65
C ALA D 16 -0.23 22.63 -2.62
N TYR D 17 -1.33 22.43 -1.91
CA TYR D 17 -1.45 21.38 -0.90
C TYR D 17 -2.63 20.47 -1.25
N ASP D 18 -2.79 19.41 -0.46
CA ASP D 18 -4.04 18.66 -0.47
C ASP D 18 -5.09 19.43 0.33
N ILE D 19 -6.36 19.25 -0.06
CA ILE D 19 -7.42 20.12 0.44
C ILE D 19 -7.57 20.01 1.96
N TYR D 20 -7.22 18.86 2.54
CA TYR D 20 -7.28 18.74 3.99
C TYR D 20 -6.19 19.57 4.66
N SER D 21 -4.99 19.58 4.09
CA SER D 21 -3.94 20.46 4.60
C SER D 21 -4.33 21.92 4.39
N ARG D 22 -4.99 22.23 3.27
CA ARG D 22 -5.48 23.57 3.04
C ARG D 22 -6.51 23.97 4.10
N LEU D 23 -7.26 23.00 4.61
CA LEU D 23 -8.23 23.28 5.67
C LEU D 23 -7.52 23.66 6.97
N LEU D 24 -6.32 23.12 7.20
CA LEU D 24 -5.58 23.48 8.42
C LEU D 24 -4.97 24.86 8.33
N ARG D 25 -4.67 25.34 7.12
CA ARG D 25 -4.20 26.71 6.96
C ARG D 25 -5.28 27.71 7.36
N GLU D 26 -6.54 27.39 7.08
CA GLU D 26 -7.68 28.18 7.53
C GLU D 26 -8.07 27.88 8.97
N ARG D 27 -7.23 27.13 9.69
CA ARG D 27 -7.44 26.81 11.11
C ARG D 27 -8.69 25.96 11.31
N ILE D 28 -8.97 25.06 10.37
CA ILE D 28 -10.09 24.12 10.48
C ILE D 28 -9.52 22.75 10.79
N VAL D 29 -10.06 22.12 11.85
CA VAL D 29 -9.65 20.80 12.28
C VAL D 29 -10.87 19.89 12.22
N CYS D 30 -10.80 18.87 11.37
CA CYS D 30 -11.91 17.94 11.17
C CYS D 30 -11.85 16.82 12.21
N VAL D 31 -12.93 16.67 12.97
CA VAL D 31 -13.09 15.49 13.82
C VAL D 31 -14.13 14.60 13.14
N MET D 32 -13.89 14.32 11.86
CA MET D 32 -14.75 13.38 11.14
C MET D 32 -14.46 11.96 11.59
N GLY D 33 -15.52 11.17 11.78
CA GLY D 33 -15.39 9.75 11.99
C GLY D 33 -15.25 9.34 13.44
N PRO D 34 -15.16 8.03 13.68
CA PRO D 34 -15.00 7.53 15.05
C PRO D 34 -13.65 7.93 15.63
N ILE D 35 -13.60 7.99 16.96
CA ILE D 35 -12.47 8.58 17.68
C ILE D 35 -11.69 7.47 18.37
N ASP D 36 -10.43 7.32 18.00
CA ASP D 36 -9.52 6.41 18.67
C ASP D 36 -8.24 7.14 19.05
N ASP D 37 -7.22 6.41 19.54
CA ASP D 37 -6.00 7.06 20.00
C ASP D 37 -5.26 7.75 18.86
N SER D 38 -5.33 7.20 17.65
CA SER D 38 -4.65 7.82 16.52
C SER D 38 -5.30 9.15 16.14
N VAL D 39 -6.63 9.20 16.13
CA VAL D 39 -7.33 10.45 15.88
C VAL D 39 -7.05 11.44 17.00
N ALA D 40 -6.94 10.95 18.23
CA ALA D 40 -6.59 11.81 19.35
C ALA D 40 -5.25 12.50 19.11
N SER D 41 -4.25 11.74 18.66
CA SER D 41 -2.95 12.33 18.36
C SER D 41 -3.07 13.36 17.25
N LEU D 42 -3.74 13.01 16.16
CA LEU D 42 -3.87 13.92 15.02
C LEU D 42 -4.55 15.22 15.44
N VAL D 43 -5.69 15.13 16.13
CA VAL D 43 -6.42 16.32 16.51
C VAL D 43 -5.64 17.14 17.52
N ILE D 44 -4.98 16.48 18.47
CA ILE D 44 -4.16 17.20 19.45
C ILE D 44 -2.95 17.82 18.77
N ALA D 45 -2.35 17.11 17.81
CA ALA D 45 -1.20 17.66 17.10
C ALA D 45 -1.56 18.91 16.30
N GLN D 46 -2.81 19.03 15.87
CA GLN D 46 -3.26 20.24 15.20
C GLN D 46 -3.70 21.33 16.16
N LEU D 47 -4.29 20.95 17.29
CA LEU D 47 -4.71 21.95 18.27
C LEU D 47 -3.52 22.65 18.91
N LEU D 48 -2.41 21.95 19.11
CA LEU D 48 -1.21 22.58 19.63
C LEU D 48 -0.49 23.40 18.56
N PHE D 49 -0.50 22.92 17.31
CA PHE D 49 0.15 23.66 16.24
C PHE D 49 -0.58 24.96 15.93
N LEU D 50 -1.92 24.92 15.92
CA LEU D 50 -2.69 26.12 15.66
C LEU D 50 -2.58 27.13 16.79
N GLN D 51 -2.41 26.64 18.03
CA GLN D 51 -2.13 27.55 19.14
C GLN D 51 -0.76 28.18 18.99
N SER D 52 0.23 27.41 18.54
CA SER D 52 1.57 27.94 18.34
C SER D 52 1.60 29.01 17.26
N GLU D 53 0.65 28.99 16.32
CA GLU D 53 0.60 30.02 15.29
C GLU D 53 -0.04 31.30 15.82
N SER D 54 -1.05 31.17 16.67
CA SER D 54 -1.70 32.32 17.29
C SER D 54 -2.32 31.88 18.60
N ASN D 55 -1.96 32.57 19.68
CA ASN D 55 -2.46 32.22 21.00
C ASN D 55 -3.93 32.61 21.19
N LYS D 56 -4.46 33.52 20.38
CA LYS D 56 -5.82 33.98 20.56
C LYS D 56 -6.67 34.01 19.29
N LYS D 57 -6.14 33.57 18.15
CA LYS D 57 -7.06 33.45 17.02
C LYS D 57 -7.89 32.18 17.16
N PRO D 58 -9.20 32.25 16.88
CA PRO D 58 -10.07 31.09 17.09
C PRO D 58 -9.69 29.90 16.21
N ILE D 59 -10.07 28.72 16.69
CA ILE D 59 -9.92 27.47 15.95
C ILE D 59 -11.31 26.88 15.74
N HIS D 60 -11.47 26.15 14.63
CA HIS D 60 -12.76 25.60 14.24
C HIS D 60 -12.65 24.08 14.15
N MET D 61 -13.42 23.39 15.00
CA MET D 61 -13.53 21.94 14.97
C MET D 61 -14.82 21.56 14.24
N TYR D 62 -14.69 20.81 13.16
CA TYR D 62 -15.84 20.18 12.50
C TYR D 62 -16.03 18.80 13.10
N ILE D 63 -17.18 18.56 13.71
CA ILE D 63 -17.44 17.32 14.44
C ILE D 63 -18.53 16.55 13.70
N ASN D 64 -18.13 15.43 13.09
CA ASN D 64 -19.05 14.47 12.47
C ASN D 64 -18.59 13.09 12.96
N SER D 65 -19.05 12.70 14.15
CA SER D 65 -18.53 11.52 14.82
C SER D 65 -19.64 10.76 15.52
N PRO D 66 -19.63 9.42 15.44
CA PRO D 66 -20.58 8.61 16.22
C PRO D 66 -20.10 8.27 17.63
N GLY D 67 -18.84 8.54 17.96
CA GLY D 67 -18.30 8.21 19.26
C GLY D 67 -16.87 7.70 19.21
N GLY D 68 -16.50 6.83 20.14
CA GLY D 68 -15.21 6.19 20.11
C GLY D 68 -14.64 5.97 21.49
N VAL D 69 -13.35 5.66 21.53
CA VAL D 69 -12.66 5.37 22.78
C VAL D 69 -12.79 6.58 23.71
N VAL D 70 -13.33 6.34 24.91
CA VAL D 70 -13.59 7.44 25.83
C VAL D 70 -12.29 8.11 26.26
N THR D 71 -11.27 7.32 26.60
CA THR D 71 -9.99 7.90 26.98
C THR D 71 -9.40 8.72 25.85
N ALA D 72 -9.54 8.25 24.61
CA ALA D 72 -9.10 9.05 23.46
C ALA D 72 -9.95 10.30 23.29
N GLY D 73 -11.25 10.19 23.59
CA GLY D 73 -12.11 11.36 23.51
C GLY D 73 -11.80 12.38 24.58
N LEU D 74 -11.62 11.92 25.82
CA LEU D 74 -11.20 12.82 26.90
C LEU D 74 -9.83 13.42 26.63
N ALA D 75 -9.00 12.73 25.85
CA ALA D 75 -7.69 13.29 25.49
C ALA D 75 -7.86 14.56 24.65
N ILE D 76 -8.70 14.50 23.62
CA ILE D 76 -9.00 15.70 22.84
C ILE D 76 -9.64 16.77 23.71
N TYR D 77 -10.57 16.36 24.57
CA TYR D 77 -11.27 17.31 25.42
C TYR D 77 -10.30 18.09 26.31
N ASP D 78 -9.38 17.38 26.96
CA ASP D 78 -8.43 18.05 27.84
C ASP D 78 -7.55 19.02 27.07
N THR D 79 -7.16 18.67 25.84
CA THR D 79 -6.38 19.57 25.02
C THR D 79 -7.19 20.81 24.64
N MET D 80 -8.49 20.63 24.38
CA MET D 80 -9.35 21.78 24.12
C MET D 80 -9.38 22.73 25.31
N GLN D 81 -9.59 22.20 26.52
CA GLN D 81 -9.61 23.03 27.71
C GLN D 81 -8.25 23.66 28.01
N TYR D 82 -7.18 23.13 27.42
CA TYR D 82 -5.83 23.58 27.73
C TYR D 82 -5.44 24.81 26.92
N ILE D 83 -5.64 24.77 25.60
CA ILE D 83 -5.16 25.84 24.74
C ILE D 83 -5.94 27.12 25.00
N LEU D 84 -5.26 28.26 24.81
CA LEU D 84 -5.85 29.58 25.02
C LEU D 84 -6.79 30.00 23.90
N ASN D 85 -6.96 29.19 22.88
CA ASN D 85 -7.70 29.69 21.72
C ASN D 85 -9.20 29.51 21.91
N PRO D 86 -10.00 30.41 21.36
CA PRO D 86 -11.44 30.13 21.24
C PRO D 86 -11.66 29.04 20.20
N ILE D 87 -12.61 28.15 20.49
CA ILE D 87 -12.86 26.99 19.64
C ILE D 87 -14.32 27.03 19.22
N CYS D 88 -14.57 27.41 17.97
CA CYS D 88 -15.90 27.29 17.39
C CYS D 88 -16.11 25.84 16.94
N THR D 89 -17.05 25.16 17.56
CA THR D 89 -17.39 23.80 17.17
C THR D 89 -18.61 23.81 16.27
N TRP D 90 -18.53 23.03 15.19
CA TRP D 90 -19.60 22.96 14.19
C TRP D 90 -20.01 21.50 14.04
N CYS D 91 -21.29 21.21 14.27
CA CYS D 91 -21.82 19.86 14.18
C CYS D 91 -22.51 19.69 12.83
N VAL D 92 -21.96 18.81 12.00
CA VAL D 92 -22.54 18.46 10.71
C VAL D 92 -22.74 16.95 10.68
N GLY D 93 -23.87 16.52 10.13
CA GLY D 93 -24.20 15.10 10.11
C GLY D 93 -24.69 14.62 11.45
N GLN D 94 -23.77 14.29 12.36
CA GLN D 94 -24.15 13.90 13.71
C GLN D 94 -22.96 14.08 14.63
N ALA D 95 -23.26 14.18 15.93
CA ALA D 95 -22.25 14.13 17.00
C ALA D 95 -22.87 13.34 18.14
N ALA D 96 -22.51 12.07 18.24
CA ALA D 96 -23.06 11.18 19.25
C ALA D 96 -21.95 10.66 20.16
N SER D 97 -22.32 10.34 21.38
CA SER D 97 -21.40 9.79 22.40
C SER D 97 -20.28 10.80 22.62
N MET D 98 -19.01 10.39 22.58
CA MET D 98 -17.91 11.33 22.79
C MET D 98 -17.89 12.45 21.76
N GLY D 99 -18.60 12.29 20.65
CA GLY D 99 -18.71 13.34 19.66
C GLY D 99 -19.39 14.58 20.19
N SER D 100 -20.62 14.43 20.69
CA SER D 100 -21.34 15.57 21.25
C SER D 100 -20.67 16.14 22.47
N LEU D 101 -19.80 15.37 23.14
CA LEU D 101 -19.07 15.91 24.28
C LEU D 101 -18.04 16.95 23.83
N LEU D 102 -17.27 16.63 22.79
CA LEU D 102 -16.40 17.63 22.19
C LEU D 102 -17.21 18.78 21.61
N LEU D 103 -18.41 18.49 21.09
CA LEU D 103 -19.28 19.54 20.57
C LEU D 103 -19.66 20.53 21.67
N ALA D 104 -20.14 20.03 22.81
CA ALA D 104 -20.55 20.88 23.91
C ALA D 104 -19.37 21.52 24.63
N ALA D 105 -18.13 21.22 24.24
CA ALA D 105 -16.95 21.68 24.96
C ALA D 105 -16.30 22.90 24.31
N GLY D 106 -16.84 23.44 23.22
CA GLY D 106 -16.30 24.64 22.64
C GLY D 106 -16.50 25.84 23.55
N THR D 107 -15.99 26.99 23.12
CA THR D 107 -16.20 28.21 23.87
C THR D 107 -17.69 28.54 23.91
N PRO D 108 -18.23 28.97 25.05
CA PRO D 108 -19.66 29.30 25.11
C PRO D 108 -20.00 30.43 24.16
N GLY D 109 -21.13 30.26 23.46
CA GLY D 109 -21.52 31.18 22.43
C GLY D 109 -20.92 30.92 21.06
N MET D 110 -20.13 29.85 20.92
CA MET D 110 -19.48 29.53 19.67
C MET D 110 -19.69 28.08 19.26
N ARG D 111 -20.64 27.39 19.89
CA ARG D 111 -20.94 25.99 19.58
C ARG D 111 -22.13 25.95 18.64
N HIS D 112 -21.89 25.62 17.38
CA HIS D 112 -22.90 25.68 16.33
C HIS D 112 -23.25 24.29 15.81
N SER D 113 -24.35 24.24 15.07
CA SER D 113 -24.76 23.04 14.35
C SER D 113 -25.55 23.45 13.13
N LEU D 114 -25.44 22.66 12.07
CA LEU D 114 -26.23 22.86 10.87
C LEU D 114 -27.62 22.27 11.08
N PRO D 115 -28.61 22.67 10.25
CA PRO D 115 -30.01 22.40 10.64
C PRO D 115 -30.36 20.93 10.79
N ASN D 116 -29.79 20.05 9.96
CA ASN D 116 -30.23 18.66 9.90
C ASN D 116 -29.31 17.72 10.68
N SER D 117 -28.55 18.23 11.63
CA SER D 117 -27.67 17.37 12.43
C SER D 117 -28.51 16.56 13.43
N ARG D 118 -27.87 15.53 13.99
CA ARG D 118 -28.45 14.74 15.07
C ARG D 118 -27.44 14.63 16.19
N ILE D 119 -27.82 15.07 17.39
CA ILE D 119 -26.92 15.12 18.53
C ILE D 119 -27.35 14.07 19.54
N MET D 120 -26.38 13.48 20.22
CA MET D 120 -26.68 12.46 21.22
C MET D 120 -25.63 12.51 22.33
N ILE D 121 -26.11 12.60 23.58
CA ILE D 121 -25.24 12.50 24.74
C ILE D 121 -25.38 11.16 25.45
N HIS D 122 -26.32 10.32 25.04
CA HIS D 122 -26.31 8.92 25.44
C HIS D 122 -25.12 8.21 24.80
N GLN D 123 -24.59 7.21 25.49
CA GLN D 123 -23.40 6.53 25.02
C GLN D 123 -23.76 5.14 24.52
N PRO D 124 -23.50 4.82 23.25
CA PRO D 124 -23.68 3.45 22.78
C PRO D 124 -22.89 2.46 23.63
N SER D 125 -23.50 1.31 23.89
CA SER D 125 -22.92 0.33 24.79
C SER D 125 -22.07 -0.70 24.04
N ALA D 132 -14.94 0.89 23.62
CA ALA D 132 -14.93 2.27 24.05
C ALA D 132 -13.77 2.53 25.02
N THR D 133 -12.85 1.56 25.08
CA THR D 133 -11.66 1.68 25.91
C THR D 133 -10.62 0.72 25.34
N ASP D 134 -9.34 1.11 25.49
CA ASP D 134 -8.26 0.30 24.90
C ASP D 134 -8.07 -1.03 25.60
N ILE D 135 -8.51 -1.17 26.85
CA ILE D 135 -8.39 -2.43 27.58
C ILE D 135 -9.75 -2.78 28.18
N ALA D 136 -10.03 -4.08 28.27
CA ALA D 136 -11.17 -4.57 29.04
C ALA D 136 -10.88 -4.32 30.51
N ILE D 137 -11.67 -3.44 31.12
CA ILE D 137 -11.36 -2.92 32.45
C ILE D 137 -12.48 -3.27 33.42
N GLN D 138 -12.21 -3.03 34.70
CA GLN D 138 -13.10 -3.45 35.78
C GLN D 138 -14.42 -2.69 35.73
N ALA D 139 -15.33 -3.09 36.64
CA ALA D 139 -16.64 -2.46 36.70
C ALA D 139 -16.57 -1.08 37.32
N GLU D 140 -15.88 -0.97 38.47
CA GLU D 140 -15.77 0.32 39.14
C GLU D 140 -15.04 1.34 38.27
N GLU D 141 -14.14 0.88 37.41
CA GLU D 141 -13.42 1.80 36.52
C GLU D 141 -14.36 2.41 35.48
N ILE D 142 -15.19 1.59 34.84
CA ILE D 142 -16.16 2.10 33.89
C ILE D 142 -17.14 3.06 34.57
N MET D 143 -17.33 2.93 35.88
CA MET D 143 -18.17 3.87 36.60
C MET D 143 -17.46 5.20 36.80
N LYS D 144 -16.14 5.17 37.05
CA LYS D 144 -15.38 6.42 37.12
C LYS D 144 -15.46 7.18 35.80
N LEU D 145 -15.28 6.47 34.68
CA LEU D 145 -15.33 7.13 33.38
C LEU D 145 -16.73 7.65 33.08
N LYS D 146 -17.77 6.91 33.52
CA LYS D 146 -19.13 7.40 33.37
C LYS D 146 -19.36 8.66 34.17
N LYS D 147 -18.81 8.73 35.39
CA LYS D 147 -18.99 9.91 36.21
C LYS D 147 -18.15 11.08 35.71
N GLN D 148 -16.98 10.81 35.16
CA GLN D 148 -16.22 11.83 34.47
C GLN D 148 -17.05 12.47 33.36
N LEU D 149 -17.80 11.64 32.62
CA LEU D 149 -18.63 12.16 31.55
C LEU D 149 -19.80 12.97 32.10
N TYR D 150 -20.41 12.49 33.19
CA TYR D 150 -21.50 13.23 33.82
C TYR D 150 -21.06 14.63 34.22
N ASN D 151 -19.81 14.76 34.70
CA ASN D 151 -19.34 16.04 35.21
C ASN D 151 -19.07 17.02 34.08
N ILE D 152 -18.42 16.56 33.01
CA ILE D 152 -18.13 17.43 31.87
C ILE D 152 -19.41 17.93 31.23
N TYR D 153 -20.36 17.01 31.01
CA TYR D 153 -21.65 17.41 30.43
C TYR D 153 -22.36 18.42 31.31
N ALA D 154 -22.33 18.21 32.63
CA ALA D 154 -22.93 19.18 33.54
C ALA D 154 -22.16 20.50 33.56
N LYS D 155 -20.85 20.43 33.35
CA LYS D 155 -20.03 21.63 33.35
C LYS D 155 -20.42 22.58 32.21
N HIS D 156 -20.38 22.08 30.98
CA HIS D 156 -20.53 22.93 29.81
C HIS D 156 -21.98 23.21 29.43
N THR D 157 -22.90 22.31 29.76
CA THR D 157 -24.32 22.56 29.51
C THR D 157 -25.01 23.26 30.67
N LYS D 158 -24.33 23.41 31.80
CA LYS D 158 -24.85 24.04 33.02
C LYS D 158 -26.04 23.30 33.61
N GLN D 159 -26.33 22.10 33.12
CA GLN D 159 -27.41 21.30 33.67
C GLN D 159 -27.00 20.69 35.00
N SER D 160 -27.99 20.26 35.77
CA SER D 160 -27.73 19.60 37.04
C SER D 160 -27.36 18.15 36.82
N LEU D 161 -26.61 17.58 37.76
CA LEU D 161 -26.17 16.19 37.64
C LEU D 161 -27.35 15.23 37.62
N GLN D 162 -28.46 15.61 38.26
CA GLN D 162 -29.68 14.81 38.16
C GLN D 162 -30.20 14.75 36.73
N VAL D 163 -30.04 15.85 35.98
CA VAL D 163 -30.60 15.93 34.64
C VAL D 163 -29.68 15.26 33.62
N ILE D 164 -28.36 15.47 33.76
CA ILE D 164 -27.41 14.84 32.84
C ILE D 164 -27.48 13.33 32.95
N GLU D 165 -27.44 12.80 34.18
CA GLU D 165 -27.52 11.36 34.38
C GLU D 165 -28.83 10.80 33.82
N SER D 166 -29.91 11.56 33.97
CA SER D 166 -31.20 11.12 33.41
C SER D 166 -31.18 11.18 31.88
N ALA D 167 -30.68 12.29 31.32
CA ALA D 167 -30.72 12.47 29.87
C ALA D 167 -29.88 11.43 29.15
N MET D 168 -28.69 11.13 29.67
CA MET D 168 -27.80 10.17 29.03
C MET D 168 -28.35 8.74 29.08
N GLU D 169 -29.43 8.49 29.83
CA GLU D 169 -29.99 7.16 29.92
C GLU D 169 -30.90 6.83 28.73
N ARG D 170 -31.47 7.84 28.08
CA ARG D 170 -32.43 7.61 27.01
C ARG D 170 -31.70 7.32 25.70
N ASP D 171 -32.11 6.24 25.03
CA ASP D 171 -31.56 5.89 23.72
C ASP D 171 -32.15 6.78 22.64
N ARG D 172 -32.07 8.09 22.84
CA ARG D 172 -32.69 9.08 21.97
C ARG D 172 -31.63 9.93 21.29
N TYR D 173 -31.95 10.41 20.09
CA TYR D 173 -31.18 11.46 19.46
C TYR D 173 -31.84 12.81 19.74
N MET D 174 -31.14 13.87 19.36
CA MET D 174 -31.51 15.21 19.78
C MET D 174 -31.37 16.17 18.59
N SER D 175 -32.44 16.87 18.29
CA SER D 175 -32.43 17.84 17.20
C SER D 175 -31.52 19.01 17.55
N PRO D 176 -30.99 19.70 16.54
CA PRO D 176 -30.17 20.89 16.83
C PRO D 176 -30.90 21.93 17.66
N MET D 177 -32.22 22.05 17.50
CA MET D 177 -32.97 23.01 18.30
C MET D 177 -33.08 22.55 19.75
N GLU D 178 -33.22 21.24 19.97
CA GLU D 178 -33.24 20.70 21.32
C GLU D 178 -31.88 20.87 21.99
N ALA D 179 -30.81 20.46 21.31
CA ALA D 179 -29.47 20.51 21.90
C ALA D 179 -29.08 21.94 22.27
N GLN D 180 -29.58 22.93 21.53
CA GLN D 180 -29.36 24.32 21.91
C GLN D 180 -30.08 24.64 23.21
N GLU D 181 -31.30 24.13 23.38
CA GLU D 181 -32.08 24.40 24.58
C GLU D 181 -31.64 23.57 25.78
N PHE D 182 -30.87 22.50 25.55
CA PHE D 182 -30.33 21.69 26.63
C PHE D 182 -28.96 22.18 27.11
N GLY D 183 -28.33 23.10 26.38
CA GLY D 183 -27.03 23.59 26.72
C GLY D 183 -25.87 22.95 25.98
N ILE D 184 -26.15 22.17 24.94
CA ILE D 184 -25.08 21.46 24.22
C ILE D 184 -24.42 22.38 23.21
N LEU D 185 -25.24 23.11 22.43
CA LEU D 185 -24.74 24.05 21.44
C LEU D 185 -25.44 25.39 21.64
N ASP D 186 -25.00 26.38 20.87
CA ASP D 186 -25.46 27.75 21.06
C ASP D 186 -26.22 28.32 19.86
N LYS D 187 -25.84 27.96 18.63
CA LYS D 187 -26.47 28.52 17.44
C LYS D 187 -26.74 27.41 16.45
N VAL D 188 -27.90 27.47 15.80
CA VAL D 188 -28.26 26.57 14.71
C VAL D 188 -28.35 27.41 13.44
N LEU D 189 -27.35 27.28 12.58
CA LEU D 189 -27.19 28.14 11.42
C LEU D 189 -27.72 27.49 10.15
N VAL D 190 -28.01 28.33 9.16
CA VAL D 190 -28.38 27.87 7.82
C VAL D 190 -27.50 28.61 6.82
N HIS D 191 -27.14 29.86 7.14
CA HIS D 191 -26.36 30.71 6.24
C HIS D 191 -25.38 31.53 7.05
N PRO D 192 -24.29 31.98 6.44
CA PRO D 192 -23.35 32.84 7.16
C PRO D 192 -24.02 34.12 7.58
N PRO D 193 -23.51 34.79 8.61
CA PRO D 193 -24.17 35.97 9.18
C PRO D 193 -23.99 37.24 8.34
N LEU E 2 -5.41 10.98 6.89
CA LEU E 2 -4.36 11.67 6.17
C LEU E 2 -3.56 12.56 7.12
N ILE E 3 -2.25 12.36 7.14
CA ILE E 3 -1.35 13.19 7.93
C ILE E 3 -1.16 14.51 7.18
N PRO E 4 -1.53 15.64 7.76
CA PRO E 4 -1.50 16.91 7.03
C PRO E 4 -0.10 17.52 7.01
N ILE E 5 0.03 18.57 6.20
CA ILE E 5 1.29 19.28 5.99
C ILE E 5 1.16 20.69 6.56
N VAL E 6 2.23 21.17 7.19
CA VAL E 6 2.28 22.51 7.74
C VAL E 6 3.50 23.23 7.18
N VAL E 7 3.41 24.55 7.11
CA VAL E 7 4.49 25.36 6.54
C VAL E 7 5.00 26.38 7.55
N GLU E 14 8.90 28.43 4.34
CA GLU E 14 9.90 28.15 3.32
C GLU E 14 10.27 26.66 3.37
N ARG E 15 9.62 25.93 4.28
CA ARG E 15 9.71 24.48 4.31
C ARG E 15 8.33 23.90 4.58
N ALA E 16 8.24 22.57 4.52
CA ALA E 16 6.98 21.87 4.73
C ALA E 16 7.28 20.50 5.33
N TYR E 17 6.85 20.29 6.56
CA TYR E 17 6.88 18.99 7.21
C TYR E 17 5.46 18.47 7.36
N ASP E 18 5.36 17.15 7.57
CA ASP E 18 4.14 16.60 8.12
C ASP E 18 4.01 17.01 9.57
N ILE E 19 2.76 17.06 10.07
CA ILE E 19 2.50 17.66 11.38
C ILE E 19 3.30 16.98 12.48
N TYR E 20 3.55 15.67 12.34
CA TYR E 20 4.34 14.98 13.35
C TYR E 20 5.82 15.32 13.24
N SER E 21 6.33 15.46 12.02
CA SER E 21 7.70 15.93 11.84
C SER E 21 7.85 17.36 12.35
N ARG E 22 6.78 18.14 12.29
CA ARG E 22 6.81 19.48 12.87
C ARG E 22 6.87 19.42 14.39
N LEU E 23 6.18 18.44 14.98
CA LEU E 23 6.21 18.28 16.43
C LEU E 23 7.60 17.95 16.94
N LEU E 24 8.40 17.21 16.15
CA LEU E 24 9.70 16.75 16.62
C LEU E 24 10.73 17.87 16.66
N ARG E 25 10.56 18.92 15.86
CA ARG E 25 11.47 20.06 15.97
C ARG E 25 11.22 20.86 17.24
N GLU E 26 10.00 20.80 17.77
CA GLU E 26 9.72 21.31 19.11
C GLU E 26 10.23 20.38 20.20
N ARG E 27 10.93 19.30 19.82
CA ARG E 27 11.50 18.33 20.75
C ARG E 27 10.41 17.60 21.52
N ILE E 28 9.36 17.20 20.81
CA ILE E 28 8.28 16.40 21.36
C ILE E 28 8.41 14.98 20.83
N VAL E 29 8.14 14.01 21.69
CA VAL E 29 8.16 12.59 21.32
C VAL E 29 6.83 11.97 21.74
N CYS E 30 6.17 11.28 20.81
CA CYS E 30 4.84 10.75 21.03
C CYS E 30 4.91 9.23 21.20
N VAL E 31 4.73 8.76 22.43
CA VAL E 31 4.55 7.34 22.71
C VAL E 31 3.05 7.09 22.68
N MET E 32 2.55 6.64 21.53
CA MET E 32 1.13 6.50 21.29
C MET E 32 0.78 5.03 21.06
N GLY E 33 -0.41 4.64 21.53
CA GLY E 33 -0.88 3.29 21.36
C GLY E 33 -0.02 2.29 22.09
N PRO E 34 -0.18 1.01 21.76
CA PRO E 34 0.64 -0.02 22.40
C PRO E 34 2.11 0.14 22.07
N ILE E 35 2.95 -0.43 22.92
CA ILE E 35 4.40 -0.31 22.82
C ILE E 35 4.97 -1.65 22.39
N ASP E 36 5.75 -1.64 21.31
CA ASP E 36 6.45 -2.84 20.85
C ASP E 36 7.86 -2.42 20.42
N ASP E 37 8.57 -3.36 19.79
CA ASP E 37 9.95 -3.08 19.38
C ASP E 37 10.01 -2.02 18.29
N SER E 38 8.99 -1.94 17.44
CA SER E 38 8.95 -0.89 16.42
C SER E 38 8.72 0.47 17.07
N VAL E 39 7.75 0.57 17.98
CA VAL E 39 7.56 1.81 18.71
C VAL E 39 8.80 2.16 19.51
N ALA E 40 9.44 1.16 20.11
CA ALA E 40 10.65 1.40 20.88
C ALA E 40 11.78 1.91 19.99
N SER E 41 12.00 1.25 18.85
CA SER E 41 13.07 1.69 17.95
C SER E 41 12.79 3.07 17.37
N LEU E 42 11.52 3.42 17.20
CA LEU E 42 11.19 4.76 16.73
C LEU E 42 11.40 5.80 17.81
N VAL E 43 11.04 5.48 19.05
CA VAL E 43 11.20 6.44 20.14
C VAL E 43 12.68 6.64 20.46
N ILE E 44 13.48 5.56 20.41
CA ILE E 44 14.90 5.68 20.73
C ILE E 44 15.63 6.49 19.68
N ALA E 45 15.31 6.27 18.41
CA ALA E 45 15.95 7.05 17.34
C ALA E 45 15.67 8.54 17.50
N GLN E 46 14.54 8.90 18.12
CA GLN E 46 14.23 10.30 18.36
C GLN E 46 14.92 10.81 19.62
N LEU E 47 15.02 9.97 20.66
CA LEU E 47 15.67 10.39 21.89
C LEU E 47 17.16 10.64 21.68
N LEU E 48 17.82 9.78 20.91
CA LEU E 48 19.25 9.95 20.65
C LEU E 48 19.51 11.09 19.67
N PHE E 49 18.63 11.29 18.68
CA PHE E 49 18.79 12.41 17.77
C PHE E 49 18.61 13.74 18.48
N LEU E 50 17.58 13.84 19.33
CA LEU E 50 17.29 15.10 20.00
C LEU E 50 18.40 15.48 20.97
N GLN E 51 19.04 14.49 21.60
CA GLN E 51 20.19 14.78 22.45
C GLN E 51 21.38 15.27 21.64
N SER E 52 21.48 14.83 20.38
CA SER E 52 22.54 15.34 19.51
C SER E 52 22.34 16.82 19.21
N GLU E 53 21.09 17.24 18.96
CA GLU E 53 20.81 18.66 18.78
C GLU E 53 21.21 19.46 20.01
N SER E 54 20.93 18.91 21.20
CA SER E 54 21.31 19.54 22.46
C SER E 54 21.11 18.55 23.61
N ASN E 55 22.13 18.35 24.43
CA ASN E 55 22.03 17.47 25.60
C ASN E 55 21.51 18.19 26.83
N LYS E 56 21.17 19.47 26.72
CA LYS E 56 20.59 20.22 27.83
C LYS E 56 19.19 20.75 27.54
N LYS E 57 18.85 20.98 26.27
CA LYS E 57 17.48 21.32 25.92
C LYS E 57 16.56 20.17 26.32
N PRO E 58 15.46 20.44 27.01
CA PRO E 58 14.59 19.36 27.46
C PRO E 58 13.89 18.66 26.30
N ILE E 59 13.39 17.46 26.58
CA ILE E 59 12.63 16.66 25.63
C ILE E 59 11.27 16.36 26.26
N HIS E 60 10.23 16.41 25.44
CA HIS E 60 8.86 16.22 25.90
C HIS E 60 8.31 14.91 25.35
N MET E 61 7.80 14.06 26.25
CA MET E 61 7.26 12.75 25.91
C MET E 61 5.77 12.73 26.18
N TYR E 62 4.97 12.87 25.12
CA TYR E 62 3.54 12.66 25.22
C TYR E 62 3.26 11.17 25.29
N ILE E 63 2.51 10.75 26.31
CA ILE E 63 2.22 9.34 26.53
C ILE E 63 0.71 9.16 26.63
N ASN E 64 0.12 8.48 25.65
CA ASN E 64 -1.26 7.99 25.70
C ASN E 64 -1.20 6.52 25.28
N SER E 65 -0.82 5.66 26.23
CA SER E 65 -0.50 4.28 25.91
C SER E 65 -1.20 3.32 26.86
N PRO E 66 -1.63 2.17 26.36
CA PRO E 66 -2.21 1.13 27.23
C PRO E 66 -1.22 0.05 27.67
N GLY E 67 0.07 0.19 27.37
CA GLY E 67 1.04 -0.82 27.73
C GLY E 67 1.68 -1.47 26.51
N GLY E 68 2.36 -2.58 26.72
CA GLY E 68 2.99 -3.27 25.62
C GLY E 68 4.08 -4.22 26.12
N VAL E 69 4.95 -4.62 25.18
CA VAL E 69 6.01 -5.56 25.50
C VAL E 69 6.93 -4.97 26.54
N VAL E 70 7.26 -5.78 27.56
CA VAL E 70 8.08 -5.29 28.67
C VAL E 70 9.48 -4.93 28.19
N THR E 71 10.15 -5.88 27.53
CA THR E 71 11.50 -5.62 27.04
C THR E 71 11.53 -4.49 26.02
N ALA E 72 10.44 -4.32 25.26
CA ALA E 72 10.34 -3.17 24.37
C ALA E 72 10.24 -1.87 25.17
N GLY E 73 9.47 -1.88 26.25
CA GLY E 73 9.35 -0.68 27.07
C GLY E 73 10.60 -0.38 27.86
N LEU E 74 11.22 -1.42 28.42
CA LEU E 74 12.45 -1.21 29.20
C LEU E 74 13.57 -0.65 28.33
N ALA E 75 13.55 -0.93 27.03
CA ALA E 75 14.52 -0.32 26.13
C ALA E 75 14.32 1.18 26.06
N ILE E 76 13.07 1.63 25.98
CA ILE E 76 12.79 3.07 26.00
C ILE E 76 13.20 3.66 27.33
N TYR E 77 12.82 3.02 28.43
CA TYR E 77 13.21 3.51 29.76
C TYR E 77 14.72 3.53 29.92
N ASP E 78 15.41 2.50 29.41
CA ASP E 78 16.87 2.47 29.52
C ASP E 78 17.49 3.62 28.74
N THR E 79 16.90 3.99 27.60
CA THR E 79 17.43 5.10 26.82
C THR E 79 17.16 6.43 27.51
N MET E 80 15.99 6.57 28.16
CA MET E 80 15.70 7.78 28.91
C MET E 80 16.74 8.01 30.00
N GLN E 81 17.15 6.95 30.68
CA GLN E 81 18.21 7.06 31.67
C GLN E 81 19.55 7.39 31.01
N TYR E 82 19.79 6.85 29.82
CA TYR E 82 21.06 7.08 29.14
C TYR E 82 21.23 8.53 28.75
N ILE E 83 20.26 9.09 28.03
CA ILE E 83 20.39 10.46 27.55
C ILE E 83 20.44 11.43 28.72
N LEU E 84 21.10 12.57 28.50
CA LEU E 84 21.38 13.51 29.58
C LEU E 84 20.33 14.60 29.72
N ASN E 85 19.47 14.79 28.71
CA ASN E 85 18.51 15.87 28.75
C ASN E 85 17.49 15.67 29.87
N PRO E 86 17.00 16.76 30.45
CA PRO E 86 15.78 16.64 31.27
C PRO E 86 14.62 16.20 30.40
N ILE E 87 13.77 15.34 30.96
CA ILE E 87 12.68 14.73 30.21
C ILE E 87 11.37 15.08 30.89
N CYS E 88 10.46 15.71 30.14
CA CYS E 88 9.11 16.01 30.61
C CYS E 88 8.17 14.95 30.04
N THR E 89 7.67 14.06 30.90
CA THR E 89 6.65 13.11 30.51
C THR E 89 5.29 13.74 30.73
N TRP E 90 4.43 13.63 29.72
CA TRP E 90 3.06 14.16 29.78
C TRP E 90 2.09 13.02 29.51
N CYS E 91 1.09 12.88 30.37
CA CYS E 91 0.11 11.80 30.29
C CYS E 91 -1.18 12.34 29.69
N VAL E 92 -1.53 11.86 28.50
CA VAL E 92 -2.75 12.23 27.80
C VAL E 92 -3.65 11.01 27.74
N GLY E 93 -4.96 11.22 27.87
CA GLY E 93 -5.90 10.12 27.84
C GLY E 93 -5.65 9.09 28.91
N GLN E 94 -4.62 8.25 28.72
CA GLN E 94 -4.33 7.18 29.66
C GLN E 94 -2.85 6.85 29.61
N ALA E 95 -2.40 6.13 30.64
CA ALA E 95 -1.05 5.59 30.68
C ALA E 95 -1.09 4.39 31.63
N ALA E 96 -1.13 3.18 31.06
CA ALA E 96 -1.23 1.95 31.83
C ALA E 96 -0.12 1.00 31.43
N SER E 97 0.27 0.17 32.38
CA SER E 97 1.30 -0.89 32.21
C SER E 97 2.63 -0.20 31.96
N MET E 98 3.38 -0.57 30.91
CA MET E 98 4.65 0.07 30.59
C MET E 98 4.50 1.55 30.29
N GLY E 99 3.28 1.99 29.94
CA GLY E 99 3.07 3.40 29.65
C GLY E 99 3.24 4.28 30.87
N SER E 100 2.71 3.85 32.02
CA SER E 100 2.87 4.63 33.24
C SER E 100 4.29 4.54 33.78
N LEU E 101 4.97 3.42 33.55
CA LEU E 101 6.36 3.30 33.96
C LEU E 101 7.25 4.26 33.18
N LEU E 102 6.92 4.50 31.90
CA LEU E 102 7.60 5.54 31.14
C LEU E 102 7.23 6.92 31.68
N LEU E 103 5.98 7.10 32.07
CA LEU E 103 5.52 8.39 32.59
C LEU E 103 6.22 8.73 33.90
N ALA E 104 6.32 7.77 34.82
CA ALA E 104 6.97 7.99 36.10
C ALA E 104 8.48 8.06 36.01
N ALA E 105 9.06 7.75 34.85
CA ALA E 105 10.50 7.78 34.66
C ALA E 105 11.02 9.13 34.18
N GLY E 106 10.15 10.12 34.03
CA GLY E 106 10.58 11.44 33.63
C GLY E 106 11.39 12.12 34.73
N THR E 107 11.93 13.28 34.37
CA THR E 107 12.73 14.04 35.33
C THR E 107 11.86 14.46 36.50
N PRO E 108 12.31 14.26 37.74
CA PRO E 108 11.47 14.61 38.90
C PRO E 108 11.09 16.08 38.88
N GLY E 109 9.81 16.34 39.11
CA GLY E 109 9.25 17.67 39.01
C GLY E 109 8.76 18.05 37.63
N MET E 110 9.03 17.23 36.62
CA MET E 110 8.63 17.53 35.24
C MET E 110 7.74 16.45 34.65
N ARG E 111 7.06 15.66 35.49
CA ARG E 111 6.14 14.63 35.04
C ARG E 111 4.71 15.15 35.24
N HIS E 112 4.04 15.45 34.14
CA HIS E 112 2.74 16.10 34.16
C HIS E 112 1.64 15.14 33.71
N SER E 113 0.40 15.56 33.94
CA SER E 113 -0.77 14.80 33.53
C SER E 113 -1.95 15.73 33.31
N LEU E 114 -2.71 15.49 32.26
CA LEU E 114 -3.94 16.24 32.04
C LEU E 114 -5.00 15.79 33.05
N PRO E 115 -5.96 16.67 33.37
CA PRO E 115 -6.80 16.42 34.55
C PRO E 115 -7.74 15.23 34.42
N ASN E 116 -8.03 14.77 33.20
CA ASN E 116 -8.97 13.66 33.01
C ASN E 116 -8.28 12.34 32.69
N SER E 117 -6.96 12.29 32.77
CA SER E 117 -6.24 11.07 32.43
C SER E 117 -6.50 9.99 33.47
N ARG E 118 -6.16 8.76 33.10
CA ARG E 118 -6.24 7.61 33.99
C ARG E 118 -4.92 6.87 33.96
N ILE E 119 -4.37 6.59 35.15
CA ILE E 119 -3.05 6.00 35.29
C ILE E 119 -3.18 4.64 35.97
N MET E 120 -2.40 3.67 35.52
CA MET E 120 -2.44 2.33 36.10
C MET E 120 -1.03 1.75 36.09
N ILE E 121 -0.56 1.33 37.27
CA ILE E 121 0.70 0.57 37.35
C ILE E 121 0.45 -0.93 37.36
N HIS E 122 -0.78 -1.36 37.62
CA HIS E 122 -1.13 -2.77 37.49
C HIS E 122 -0.94 -3.22 36.04
N GLN E 123 -0.38 -4.42 35.87
CA GLN E 123 -0.08 -4.93 34.55
C GLN E 123 -1.15 -5.92 34.14
N PRO E 124 -1.94 -5.65 33.10
CA PRO E 124 -2.93 -6.62 32.63
C PRO E 124 -2.28 -7.95 32.29
N SER E 125 -2.92 -9.02 32.73
CA SER E 125 -2.39 -10.38 32.60
C SER E 125 -2.25 -10.80 31.14
N ASP E 134 7.93 -11.41 23.22
CA ASP E 134 8.40 -11.73 21.87
C ASP E 134 8.49 -13.25 21.71
N ILE E 135 9.02 -13.92 22.72
CA ILE E 135 9.06 -15.38 22.77
C ILE E 135 8.26 -15.82 23.99
N ALA E 136 7.65 -16.99 23.89
CA ALA E 136 7.13 -17.65 25.09
C ALA E 136 8.29 -18.04 26.00
N ILE E 137 8.13 -17.77 27.30
CA ILE E 137 9.24 -17.86 28.24
C ILE E 137 8.75 -18.54 29.52
N GLN E 138 9.72 -18.93 30.36
CA GLN E 138 9.45 -19.68 31.57
C GLN E 138 8.75 -18.80 32.60
N ALA E 139 8.37 -19.41 33.72
CA ALA E 139 7.75 -18.68 34.82
C ALA E 139 8.76 -17.84 35.59
N GLU E 140 10.01 -18.28 35.66
CA GLU E 140 11.02 -17.52 36.39
C GLU E 140 11.47 -16.27 35.62
N GLU E 141 11.39 -16.29 34.29
CA GLU E 141 11.73 -15.11 33.51
C GLU E 141 10.64 -14.04 33.62
N ILE E 142 9.39 -14.45 33.76
CA ILE E 142 8.32 -13.48 33.97
C ILE E 142 8.46 -12.83 35.35
N MET E 143 8.84 -13.62 36.35
CA MET E 143 9.03 -13.06 37.69
C MET E 143 10.26 -12.16 37.76
N LYS E 144 11.30 -12.48 36.99
CA LYS E 144 12.42 -11.56 36.82
C LYS E 144 11.93 -10.23 36.26
N LEU E 145 11.13 -10.29 35.19
CA LEU E 145 10.50 -9.10 34.63
C LEU E 145 9.75 -8.32 35.70
N LYS E 146 8.91 -9.02 36.47
CA LYS E 146 8.11 -8.36 37.49
C LYS E 146 8.99 -7.70 38.55
N LYS E 147 10.06 -8.40 38.97
CA LYS E 147 10.98 -7.82 39.94
C LYS E 147 11.67 -6.58 39.38
N GLN E 148 11.88 -6.53 38.07
CA GLN E 148 12.45 -5.34 37.46
C GLN E 148 11.45 -4.20 37.43
N LEU E 149 10.21 -4.48 37.04
CA LEU E 149 9.17 -3.44 37.10
C LEU E 149 8.91 -3.01 38.55
N TYR E 150 9.07 -3.94 39.50
CA TYR E 150 8.96 -3.58 40.91
C TYR E 150 10.04 -2.55 41.29
N ASN E 151 11.29 -2.83 40.93
CA ASN E 151 12.39 -2.00 41.39
C ASN E 151 12.43 -0.65 40.66
N ILE E 152 12.01 -0.62 39.39
CA ILE E 152 11.98 0.65 38.68
C ILE E 152 10.88 1.55 39.23
N TYR E 153 9.70 0.98 39.50
CA TYR E 153 8.64 1.75 40.14
C TYR E 153 9.06 2.23 41.53
N ALA E 154 9.67 1.35 42.32
CA ALA E 154 10.14 1.74 43.64
C ALA E 154 11.22 2.81 43.56
N LYS E 155 12.00 2.80 42.48
CA LYS E 155 13.07 3.78 42.31
C LYS E 155 12.51 5.18 42.08
N HIS E 156 11.44 5.30 41.29
CA HIS E 156 10.98 6.59 40.80
C HIS E 156 9.79 7.16 41.55
N THR E 157 9.01 6.32 42.25
CA THR E 157 7.90 6.80 43.05
C THR E 157 8.27 6.99 44.51
N LYS E 158 9.56 6.91 44.84
CA LYS E 158 10.11 6.92 46.20
C LYS E 158 9.24 6.13 47.19
N GLN E 159 8.57 5.09 46.71
CA GLN E 159 7.79 4.21 47.55
C GLN E 159 8.59 2.95 47.86
N SER E 160 8.11 2.20 48.86
CA SER E 160 8.77 0.96 49.24
C SER E 160 8.30 -0.19 48.36
N LEU E 161 9.11 -1.25 48.34
CA LEU E 161 8.74 -2.42 47.54
C LEU E 161 7.50 -3.11 48.10
N GLN E 162 7.24 -2.98 49.41
CA GLN E 162 5.97 -3.43 49.95
C GLN E 162 4.81 -2.67 49.34
N VAL E 163 4.95 -1.33 49.24
CA VAL E 163 3.88 -0.51 48.68
C VAL E 163 3.75 -0.74 47.18
N ILE E 164 4.87 -0.99 46.49
CA ILE E 164 4.83 -1.21 45.05
C ILE E 164 4.15 -2.55 44.75
N GLU E 165 4.68 -3.63 45.31
CA GLU E 165 4.14 -4.97 45.04
C GLU E 165 2.66 -5.06 45.40
N SER E 166 2.27 -4.42 46.51
CA SER E 166 0.88 -4.47 46.95
C SER E 166 -0.03 -3.72 45.98
N ALA E 167 0.25 -2.43 45.75
CA ALA E 167 -0.60 -1.62 44.90
C ALA E 167 -0.62 -2.11 43.46
N MET E 168 0.51 -2.63 42.97
CA MET E 168 0.60 -3.04 41.58
C MET E 168 -0.27 -4.26 41.27
N GLU E 169 -0.84 -4.90 42.28
CA GLU E 169 -1.69 -6.07 42.08
C GLU E 169 -3.14 -5.80 42.50
N ARG E 170 -3.54 -4.53 42.57
CA ARG E 170 -4.94 -4.16 42.57
C ARG E 170 -5.33 -3.73 41.16
N ASP E 171 -6.40 -4.33 40.63
CA ASP E 171 -6.79 -4.15 39.24
C ASP E 171 -7.67 -2.91 39.12
N ARG E 172 -7.02 -1.74 39.11
CA ARG E 172 -7.73 -0.48 39.10
C ARG E 172 -6.87 0.61 38.49
N TYR E 173 -7.51 1.73 38.16
CA TYR E 173 -6.87 2.92 37.64
C TYR E 173 -6.78 3.98 38.74
N MET E 174 -5.79 4.87 38.60
CA MET E 174 -5.70 6.05 39.45
C MET E 174 -6.09 7.29 38.67
N SER E 175 -6.50 8.32 39.40
CA SER E 175 -6.70 9.65 38.86
C SER E 175 -5.38 10.41 38.86
N PRO E 176 -5.27 11.47 38.05
CA PRO E 176 -4.00 12.24 38.05
C PRO E 176 -3.59 12.75 39.41
N MET E 177 -4.56 13.13 40.25
CA MET E 177 -4.23 13.54 41.62
C MET E 177 -3.84 12.35 42.47
N GLU E 178 -4.50 11.20 42.27
CA GLU E 178 -4.11 9.97 42.94
C GLU E 178 -2.67 9.58 42.56
N ALA E 179 -2.37 9.62 41.27
CA ALA E 179 -1.03 9.25 40.82
C ALA E 179 0.03 10.22 41.35
N GLN E 180 -0.36 11.48 41.58
CA GLN E 180 0.57 12.43 42.20
C GLN E 180 0.80 12.07 43.66
N GLU E 181 -0.25 11.61 44.35
CA GLU E 181 -0.09 11.17 45.74
C GLU E 181 0.89 10.01 45.83
N PHE E 182 0.79 9.06 44.90
CA PHE E 182 1.63 7.87 44.95
C PHE E 182 3.06 8.18 44.52
N GLY E 183 3.23 9.03 43.52
CA GLY E 183 4.57 9.40 43.08
C GLY E 183 4.86 9.08 41.63
N ILE E 184 3.81 8.76 40.87
CA ILE E 184 3.98 8.52 39.45
C ILE E 184 4.27 9.83 38.71
N LEU E 185 3.60 10.90 39.08
CA LEU E 185 3.77 12.20 38.45
C LEU E 185 3.87 13.27 39.51
N ASP E 186 4.22 14.49 39.09
CA ASP E 186 4.41 15.60 40.01
C ASP E 186 3.38 16.72 39.86
N LYS E 187 2.74 16.85 38.70
CA LYS E 187 1.92 18.01 38.41
C LYS E 187 0.70 17.60 37.60
N VAL E 188 -0.39 18.36 37.76
CA VAL E 188 -1.64 18.15 37.05
C VAL E 188 -2.08 19.51 36.52
N LEU E 189 -1.85 19.75 35.23
CA LEU E 189 -2.25 21.01 34.60
C LEU E 189 -3.63 20.89 33.99
N VAL E 190 -4.41 21.96 34.11
CA VAL E 190 -5.70 22.07 33.44
C VAL E 190 -5.61 22.93 32.19
N HIS E 191 -4.84 24.00 32.26
CA HIS E 191 -4.49 24.85 31.12
C HIS E 191 -3.01 25.17 31.30
N PRO E 192 -2.37 26.01 30.45
CA PRO E 192 -0.96 26.16 30.81
C PRO E 192 -0.77 27.11 31.99
N LEU F 2 4.24 6.56 11.56
CA LEU F 2 4.96 7.34 10.56
C LEU F 2 6.41 7.52 10.97
N ILE F 3 7.31 7.33 10.01
CA ILE F 3 8.74 7.56 10.24
C ILE F 3 8.99 9.06 10.21
N PRO F 4 9.46 9.66 11.29
CA PRO F 4 9.67 11.11 11.30
C PRO F 4 10.76 11.53 10.32
N ILE F 5 10.75 12.81 9.98
CA ILE F 5 11.72 13.41 9.07
C ILE F 5 12.47 14.50 9.82
N VAL F 6 13.80 14.45 9.75
CA VAL F 6 14.65 15.42 10.43
C VAL F 6 15.37 16.24 9.36
N VAL F 7 16.07 17.29 9.81
CA VAL F 7 16.78 18.20 8.92
C VAL F 7 18.19 18.39 9.46
N GLU F 8 19.18 18.15 8.59
CA GLU F 8 20.57 18.41 8.94
C GLU F 8 21.08 19.65 8.22
N GLU F 14 21.31 22.45 2.84
CA GLU F 14 20.89 21.53 3.89
C GLU F 14 20.01 20.42 3.32
N ARG F 15 20.02 19.27 3.99
CA ARG F 15 19.29 18.09 3.56
C ARG F 15 18.27 17.70 4.62
N ALA F 16 17.44 16.72 4.29
CA ALA F 16 16.40 16.25 5.21
C ALA F 16 16.12 14.78 4.93
N TYR F 17 16.52 13.91 5.86
CA TYR F 17 16.24 12.49 5.75
C TYR F 17 15.12 12.11 6.71
N ASP F 18 14.79 10.82 6.72
CA ASP F 18 14.03 10.25 7.82
C ASP F 18 14.96 9.93 8.98
N ILE F 19 14.37 9.64 10.14
CA ILE F 19 15.16 9.47 11.35
C ILE F 19 16.08 8.26 11.24
N TYR F 20 15.72 7.27 10.41
CA TYR F 20 16.54 6.07 10.30
C TYR F 20 17.69 6.26 9.32
N SER F 21 17.45 6.97 8.21
CA SER F 21 18.56 7.37 7.36
C SER F 21 19.50 8.32 8.10
N ARG F 22 18.95 9.15 8.98
CA ARG F 22 19.78 10.00 9.83
C ARG F 22 20.63 9.16 10.77
N LEU F 23 20.08 8.04 11.26
CA LEU F 23 20.86 7.12 12.09
C LEU F 23 22.00 6.51 11.28
N LEU F 24 21.73 6.10 10.04
CA LEU F 24 22.77 5.50 9.21
C LEU F 24 23.89 6.48 8.90
N ARG F 25 23.57 7.77 8.82
CA ARG F 25 24.60 8.79 8.61
C ARG F 25 25.48 8.97 9.84
N GLU F 26 25.06 8.46 10.99
CA GLU F 26 25.88 8.38 12.19
C GLU F 26 26.62 7.06 12.31
N ARG F 27 26.61 6.25 11.24
CA ARG F 27 27.16 4.90 11.25
C ARG F 27 26.48 4.02 12.31
N ILE F 28 25.16 4.06 12.34
CA ILE F 28 24.36 3.26 13.25
C ILE F 28 23.48 2.33 12.41
N VAL F 29 23.59 1.02 12.66
CA VAL F 29 22.81 0.01 11.96
C VAL F 29 21.96 -0.71 13.00
N CYS F 30 20.64 -0.57 12.87
CA CYS F 30 19.73 -1.20 13.82
C CYS F 30 19.49 -2.66 13.46
N VAL F 31 19.49 -3.52 14.47
CA VAL F 31 19.04 -4.91 14.32
C VAL F 31 17.79 -5.08 15.16
N MET F 32 16.68 -4.54 14.69
CA MET F 32 15.43 -4.51 15.45
C MET F 32 14.58 -5.72 15.09
N GLY F 33 14.25 -6.52 16.10
CA GLY F 33 13.30 -7.59 15.93
C GLY F 33 13.86 -8.83 15.26
N PRO F 34 12.96 -9.67 14.76
CA PRO F 34 13.39 -10.96 14.21
C PRO F 34 14.26 -10.80 12.97
N ILE F 35 15.17 -11.75 12.80
CA ILE F 35 16.19 -11.71 11.76
C ILE F 35 15.82 -12.71 10.68
N ASP F 36 15.51 -12.23 9.49
CA ASP F 36 15.21 -13.08 8.34
C ASP F 36 16.16 -12.72 7.19
N ASP F 37 15.90 -13.30 6.02
CA ASP F 37 16.79 -13.09 4.88
C ASP F 37 16.77 -11.63 4.42
N SER F 38 15.60 -11.01 4.37
CA SER F 38 15.53 -9.62 3.93
C SER F 38 16.15 -8.68 4.95
N VAL F 39 15.99 -8.98 6.24
CA VAL F 39 16.67 -8.21 7.27
C VAL F 39 18.19 -8.38 7.14
N ALA F 40 18.64 -9.57 6.74
CA ALA F 40 20.06 -9.84 6.61
C ALA F 40 20.67 -9.00 5.49
N SER F 41 20.12 -9.11 4.27
CA SER F 41 20.66 -8.35 3.15
C SER F 41 20.54 -6.85 3.38
N LEU F 42 19.52 -6.42 4.13
CA LEU F 42 19.41 -5.00 4.48
C LEU F 42 20.55 -4.56 5.39
N VAL F 43 20.82 -5.36 6.44
CA VAL F 43 21.90 -5.01 7.36
C VAL F 43 23.26 -5.13 6.66
N ILE F 44 23.45 -6.21 5.89
CA ILE F 44 24.72 -6.43 5.21
C ILE F 44 25.04 -5.28 4.25
N ALA F 45 24.02 -4.77 3.57
CA ALA F 45 24.22 -3.65 2.66
C ALA F 45 24.72 -2.42 3.39
N GLN F 46 24.16 -2.13 4.57
CA GLN F 46 24.64 -1.00 5.36
C GLN F 46 26.06 -1.23 5.85
N LEU F 47 26.39 -2.49 6.19
CA LEU F 47 27.71 -2.80 6.72
C LEU F 47 28.78 -2.56 5.68
N LEU F 48 28.57 -3.04 4.44
CA LEU F 48 29.55 -2.81 3.39
C LEU F 48 29.58 -1.37 2.95
N PHE F 49 28.44 -0.66 3.01
CA PHE F 49 28.43 0.76 2.69
C PHE F 49 29.27 1.55 3.68
N LEU F 50 29.03 1.36 4.98
CA LEU F 50 29.77 2.10 6.00
C LEU F 50 31.25 1.74 5.99
N GLN F 51 31.62 0.59 5.43
CA GLN F 51 33.04 0.26 5.29
C GLN F 51 33.68 1.02 4.15
N SER F 52 32.97 1.18 3.03
CA SER F 52 33.53 1.92 1.90
C SER F 52 33.74 3.38 2.25
N GLU F 53 32.85 3.95 3.07
CA GLU F 53 33.01 5.33 3.50
C GLU F 53 34.26 5.52 4.35
N SER F 54 34.61 4.51 5.16
CA SER F 54 35.83 4.55 5.95
C SER F 54 36.16 3.12 6.38
N ASN F 55 37.38 2.68 6.06
CA ASN F 55 37.79 1.31 6.31
C ASN F 55 38.22 1.06 7.76
N LYS F 56 38.27 2.10 8.60
CA LYS F 56 38.62 1.89 10.01
C LYS F 56 37.80 2.73 10.98
N LYS F 57 36.81 3.49 10.52
CA LYS F 57 35.93 4.19 11.46
C LYS F 57 34.93 3.21 12.05
N PRO F 58 34.69 3.23 13.35
CA PRO F 58 33.85 2.20 13.97
C PRO F 58 32.41 2.25 13.46
N ILE F 59 31.74 1.10 13.57
CA ILE F 59 30.34 0.95 13.24
C ILE F 59 29.59 0.54 14.51
N HIS F 60 28.52 1.26 14.83
CA HIS F 60 27.68 0.94 15.97
C HIS F 60 26.44 0.18 15.49
N MET F 61 26.14 -0.92 16.15
CA MET F 61 25.12 -1.87 15.71
C MET F 61 24.18 -2.16 16.87
N TYR F 62 22.96 -1.61 16.80
CA TYR F 62 21.98 -1.77 17.87
C TYR F 62 21.22 -3.07 17.68
N ILE F 63 21.23 -3.92 18.70
CA ILE F 63 20.53 -5.21 18.65
C ILE F 63 19.42 -5.20 19.69
N ASN F 64 18.18 -5.33 19.22
CA ASN F 64 17.02 -5.61 20.06
C ASN F 64 16.24 -6.69 19.31
N SER F 65 16.70 -7.93 19.42
CA SER F 65 16.23 -9.02 18.58
C SER F 65 15.94 -10.27 19.39
N PRO F 66 14.84 -10.96 19.10
CA PRO F 66 14.56 -12.26 19.73
C PRO F 66 15.17 -13.46 19.03
N GLY F 67 15.84 -13.25 17.89
CA GLY F 67 16.40 -14.34 17.11
C GLY F 67 15.92 -14.28 15.66
N GLY F 68 15.91 -15.43 15.02
CA GLY F 68 15.42 -15.53 13.66
C GLY F 68 16.15 -16.64 12.91
N VAL F 69 15.97 -16.62 11.59
CA VAL F 69 16.56 -17.60 10.69
C VAL F 69 18.06 -17.67 10.91
N VAL F 70 18.57 -18.86 11.23
CA VAL F 70 19.97 -19.00 11.63
C VAL F 70 20.89 -18.60 10.48
N THR F 71 20.62 -19.12 9.28
CA THR F 71 21.47 -18.79 8.14
C THR F 71 21.44 -17.31 7.82
N ALA F 72 20.29 -16.65 8.02
CA ALA F 72 20.21 -15.21 7.82
C ALA F 72 21.09 -14.47 8.82
N GLY F 73 21.05 -14.89 10.08
CA GLY F 73 21.94 -14.30 11.08
C GLY F 73 23.39 -14.69 10.86
N LEU F 74 23.63 -15.89 10.34
CA LEU F 74 24.99 -16.30 10.01
C LEU F 74 25.56 -15.46 8.88
N ALA F 75 24.71 -15.02 7.95
CA ALA F 75 25.17 -14.12 6.90
C ALA F 75 25.57 -12.77 7.47
N ILE F 76 24.81 -12.27 8.46
CA ILE F 76 25.19 -11.03 9.13
C ILE F 76 26.46 -11.22 9.93
N TYR F 77 26.57 -12.34 10.66
CA TYR F 77 27.78 -12.61 11.44
C TYR F 77 29.01 -12.70 10.55
N ASP F 78 28.86 -13.33 9.39
CA ASP F 78 30.00 -13.47 8.48
C ASP F 78 30.41 -12.13 7.88
N THR F 79 29.46 -11.20 7.73
CA THR F 79 29.79 -9.88 7.20
C THR F 79 30.51 -9.03 8.24
N MET F 80 30.12 -9.15 9.51
CA MET F 80 30.88 -8.50 10.58
C MET F 80 32.30 -9.02 10.62
N GLN F 81 32.47 -10.34 10.50
CA GLN F 81 33.80 -10.92 10.46
C GLN F 81 34.57 -10.50 9.21
N TYR F 82 33.87 -10.24 8.12
CA TYR F 82 34.54 -9.86 6.88
C TYR F 82 35.12 -8.44 6.99
N ILE F 83 34.30 -7.48 7.40
CA ILE F 83 34.70 -6.07 7.28
C ILE F 83 35.85 -5.77 8.25
N LEU F 84 36.54 -4.67 7.96
CA LEU F 84 37.71 -4.25 8.71
C LEU F 84 37.37 -3.42 9.95
N ASN F 85 36.18 -2.86 10.01
CA ASN F 85 35.92 -1.82 11.00
C ASN F 85 35.71 -2.41 12.38
N PRO F 86 36.06 -1.67 13.43
CA PRO F 86 35.58 -2.01 14.78
C PRO F 86 34.06 -1.91 14.82
N ILE F 87 33.44 -2.92 15.41
CA ILE F 87 31.98 -2.99 15.48
C ILE F 87 31.56 -2.91 16.94
N CYS F 88 30.80 -1.88 17.27
CA CYS F 88 30.34 -1.62 18.63
CA CYS F 88 30.34 -1.61 18.62
C CYS F 88 28.90 -2.10 18.74
N THR F 89 28.71 -3.28 19.33
CA THR F 89 27.38 -3.86 19.49
C THR F 89 26.76 -3.39 20.80
N TRP F 90 25.49 -2.97 20.72
CA TRP F 90 24.74 -2.51 21.87
C TRP F 90 23.49 -3.35 22.04
N CYS F 91 23.18 -3.72 23.27
CA CYS F 91 22.02 -4.54 23.60
C CYS F 91 21.04 -3.72 24.43
N VAL F 92 19.90 -3.38 23.83
CA VAL F 92 18.78 -2.78 24.54
C VAL F 92 17.59 -3.72 24.44
N GLY F 93 16.79 -3.76 25.49
CA GLY F 93 15.65 -4.66 25.53
C GLY F 93 16.06 -6.11 25.71
N GLN F 94 16.45 -6.77 24.63
CA GLN F 94 16.84 -8.17 24.71
C GLN F 94 17.62 -8.55 23.46
N ALA F 95 18.43 -9.61 23.60
CA ALA F 95 19.17 -10.21 22.49
C ALA F 95 19.13 -11.72 22.71
N ALA F 96 18.07 -12.35 22.22
CA ALA F 96 17.88 -13.78 22.37
C ALA F 96 18.18 -14.51 21.06
N SER F 97 18.53 -15.79 21.20
CA SER F 97 18.82 -16.69 20.08
C SER F 97 19.97 -16.07 19.27
N MET F 98 19.83 -15.91 17.95
CA MET F 98 20.90 -15.33 17.14
C MET F 98 21.16 -13.86 17.46
N GLY F 99 20.26 -13.19 18.19
CA GLY F 99 20.54 -11.84 18.62
C GLY F 99 21.76 -11.74 19.50
N SER F 100 21.94 -12.72 20.39
CA SER F 100 23.11 -12.75 21.25
C SER F 100 24.37 -13.23 20.53
N LEU F 101 24.21 -13.94 19.41
CA LEU F 101 25.39 -14.34 18.64
C LEU F 101 26.06 -13.12 18.02
N LEU F 102 25.27 -12.26 17.37
CA LEU F 102 25.81 -10.99 16.87
C LEU F 102 26.30 -10.11 18.01
N LEU F 103 25.59 -10.14 19.14
CA LEU F 103 25.99 -9.36 20.31
C LEU F 103 27.39 -9.75 20.77
N ALA F 104 27.64 -11.06 20.90
CA ALA F 104 28.98 -11.51 21.24
C ALA F 104 29.95 -11.36 20.07
N ALA F 105 29.43 -11.26 18.84
CA ALA F 105 30.27 -11.12 17.65
C ALA F 105 30.82 -9.72 17.48
N GLY F 106 30.55 -8.81 18.41
CA GLY F 106 31.14 -7.50 18.36
C GLY F 106 32.64 -7.57 18.59
N THR F 107 33.29 -6.42 18.45
CA THR F 107 34.73 -6.38 18.68
C THR F 107 35.01 -6.50 20.17
N PRO F 108 35.91 -7.40 20.59
CA PRO F 108 36.23 -7.52 22.02
C PRO F 108 36.65 -6.19 22.62
N GLY F 109 35.94 -5.78 23.68
CA GLY F 109 36.19 -4.49 24.30
C GLY F 109 35.00 -3.56 24.20
N MET F 110 34.35 -3.54 23.04
CA MET F 110 33.21 -2.65 22.86
C MET F 110 31.92 -3.40 22.56
N ARG F 111 31.61 -4.42 23.35
CA ARG F 111 30.30 -5.06 23.34
C ARG F 111 29.55 -4.60 24.59
N HIS F 112 28.51 -3.79 24.38
CA HIS F 112 27.84 -3.10 25.49
C HIS F 112 26.43 -3.63 25.68
N SER F 113 25.81 -3.13 26.75
CA SER F 113 24.41 -3.41 27.06
C SER F 113 23.91 -2.30 27.98
N LEU F 114 22.60 -2.12 27.98
CA LEU F 114 21.97 -1.23 28.92
C LEU F 114 21.44 -2.01 30.11
N PRO F 115 21.25 -1.36 31.28
CA PRO F 115 21.10 -2.13 32.52
C PRO F 115 19.95 -3.12 32.54
N ASN F 116 18.78 -2.75 32.02
CA ASN F 116 17.58 -3.54 32.18
C ASN F 116 17.30 -4.47 31.01
N SER F 117 18.34 -4.93 30.32
CA SER F 117 18.18 -5.83 29.20
C SER F 117 18.28 -7.29 29.65
N ARG F 118 17.95 -8.20 28.73
CA ARG F 118 18.07 -9.63 28.96
C ARG F 118 18.84 -10.24 27.79
N ILE F 119 19.59 -11.30 28.08
CA ILE F 119 20.43 -11.95 27.07
C ILE F 119 20.28 -13.45 27.20
N MET F 120 19.98 -14.12 26.08
CA MET F 120 19.74 -15.55 26.05
C MET F 120 20.52 -16.17 24.90
N ILE F 121 21.33 -17.18 25.22
CA ILE F 121 21.99 -17.97 24.19
C ILE F 121 21.26 -19.27 23.89
N HIS F 122 20.39 -19.73 24.80
CA HIS F 122 19.52 -20.86 24.52
C HIS F 122 18.71 -20.60 23.25
N GLN F 123 18.83 -21.52 22.29
CA GLN F 123 18.16 -21.36 21.01
C GLN F 123 16.73 -21.88 21.14
N PRO F 124 15.71 -21.03 21.09
CA PRO F 124 14.33 -21.53 21.19
C PRO F 124 14.01 -22.47 20.04
N SER F 125 13.40 -23.60 20.38
CA SER F 125 13.18 -24.68 19.42
C SER F 125 12.34 -24.24 18.22
N GLY F 130 11.81 -16.08 15.30
CA GLY F 130 11.65 -16.46 13.91
C GLY F 130 11.91 -17.93 13.65
N GLN F 131 11.64 -18.36 12.41
CA GLN F 131 11.83 -19.75 12.04
C GLN F 131 13.30 -20.13 12.10
N ALA F 132 13.56 -21.43 12.28
CA ALA F 132 14.94 -21.89 12.45
C ALA F 132 15.70 -21.87 11.13
N THR F 133 15.12 -22.45 10.09
CA THR F 133 15.78 -22.55 8.79
C THR F 133 14.81 -22.15 7.68
N ASP F 134 15.38 -21.76 6.54
CA ASP F 134 14.59 -21.23 5.44
C ASP F 134 13.90 -22.32 4.64
N ILE F 135 14.29 -23.58 4.83
CA ILE F 135 13.51 -24.73 4.36
C ILE F 135 13.59 -25.81 5.43
N ALA F 136 12.56 -26.65 5.49
CA ALA F 136 12.53 -27.73 6.46
C ALA F 136 13.63 -28.74 6.13
N ILE F 137 14.58 -28.90 7.04
CA ILE F 137 15.82 -29.61 6.74
C ILE F 137 15.90 -30.91 7.56
N GLN F 138 16.86 -31.75 7.18
CA GLN F 138 17.08 -33.03 7.83
C GLN F 138 17.68 -32.84 9.22
N ALA F 139 17.69 -33.92 10.00
CA ALA F 139 18.15 -33.84 11.38
C ALA F 139 19.63 -33.52 11.47
N GLU F 140 20.45 -34.16 10.63
CA GLU F 140 21.89 -33.90 10.66
C GLU F 140 22.21 -32.46 10.27
N GLU F 141 21.38 -31.84 9.43
CA GLU F 141 21.58 -30.44 9.09
C GLU F 141 21.25 -29.52 10.26
N ILE F 142 20.24 -29.88 11.07
CA ILE F 142 19.84 -29.04 12.18
C ILE F 142 20.96 -28.95 13.21
N MET F 143 21.68 -30.05 13.45
CA MET F 143 22.79 -30.02 14.39
C MET F 143 24.07 -29.48 13.76
N LYS F 144 24.24 -29.64 12.45
CA LYS F 144 25.38 -28.98 11.78
C LYS F 144 25.36 -27.48 12.04
N LEU F 145 24.16 -26.87 12.01
CA LEU F 145 24.02 -25.48 12.43
C LEU F 145 24.32 -25.32 13.91
N LYS F 146 23.86 -26.27 14.73
CA LYS F 146 23.99 -26.11 16.17
C LYS F 146 25.44 -26.17 16.62
N LYS F 147 26.24 -27.07 16.01
CA LYS F 147 27.66 -27.08 16.31
C LYS F 147 28.37 -25.85 15.73
N GLN F 148 27.90 -25.34 14.60
CA GLN F 148 28.39 -24.06 14.10
C GLN F 148 28.12 -22.95 15.11
N LEU F 149 26.95 -22.97 15.75
CA LEU F 149 26.65 -22.00 16.79
C LEU F 149 27.53 -22.24 18.02
N TYR F 150 27.67 -23.51 18.42
CA TYR F 150 28.55 -23.86 19.53
C TYR F 150 29.95 -23.28 19.34
N ASN F 151 30.50 -23.42 18.13
CA ASN F 151 31.85 -22.92 17.86
C ASN F 151 31.89 -21.41 17.90
N ILE F 152 30.92 -20.74 17.27
CA ILE F 152 30.93 -19.28 17.21
C ILE F 152 30.79 -18.68 18.60
N TYR F 153 29.93 -19.28 19.43
CA TYR F 153 29.75 -18.81 20.80
C TYR F 153 31.05 -18.97 21.59
N ALA F 154 31.57 -20.19 21.64
CA ALA F 154 32.79 -20.46 22.41
C ALA F 154 33.97 -19.65 21.90
N LYS F 155 33.94 -19.24 20.64
CA LYS F 155 35.03 -18.44 20.08
C LYS F 155 35.08 -17.06 20.73
N HIS F 156 33.94 -16.39 20.82
CA HIS F 156 33.90 -15.01 21.30
C HIS F 156 33.72 -14.88 22.80
N THR F 157 33.38 -15.98 23.49
CA THR F 157 33.34 -15.99 24.95
C THR F 157 34.63 -16.55 25.55
N LYS F 158 35.49 -17.16 24.74
CA LYS F 158 36.62 -17.96 25.24
C LYS F 158 36.18 -18.94 26.31
N GLN F 159 34.95 -19.45 26.19
CA GLN F 159 34.47 -20.53 27.02
C GLN F 159 34.70 -21.86 26.33
N SER F 160 34.80 -22.92 27.12
CA SER F 160 34.96 -24.25 26.55
C SER F 160 33.66 -24.70 25.89
N LEU F 161 33.80 -25.56 24.88
CA LEU F 161 32.62 -26.09 24.21
C LEU F 161 31.73 -26.88 25.17
N GLN F 162 32.32 -27.41 26.25
CA GLN F 162 31.51 -28.07 27.27
C GLN F 162 30.67 -27.08 28.04
N VAL F 163 31.15 -25.84 28.20
CA VAL F 163 30.41 -24.84 28.95
C VAL F 163 29.33 -24.20 28.08
N ILE F 164 29.61 -23.99 26.80
CA ILE F 164 28.62 -23.44 25.89
C ILE F 164 27.44 -24.40 25.75
N GLU F 165 27.72 -25.70 25.69
CA GLU F 165 26.66 -26.68 25.47
C GLU F 165 25.71 -26.76 26.65
N SER F 166 26.24 -26.73 27.88
CA SER F 166 25.40 -26.78 29.06
C SER F 166 24.58 -25.50 29.22
N ALA F 167 25.20 -24.35 28.98
CA ALA F 167 24.51 -23.07 29.15
C ALA F 167 23.37 -22.93 28.14
N MET F 168 23.64 -23.26 26.87
CA MET F 168 22.61 -23.18 25.84
C MET F 168 21.47 -24.15 26.11
N GLU F 169 21.70 -25.17 26.94
CA GLU F 169 20.63 -26.10 27.28
C GLU F 169 19.65 -25.48 28.27
N ARG F 170 20.16 -24.74 29.25
CA ARG F 170 19.30 -24.12 30.25
C ARG F 170 18.43 -23.04 29.61
N ASP F 171 17.11 -23.20 29.75
CA ASP F 171 16.13 -22.33 29.11
C ASP F 171 15.89 -21.12 30.01
N ARG F 172 16.78 -20.15 29.92
CA ARG F 172 16.72 -18.97 30.79
C ARG F 172 17.47 -17.83 30.14
N TYR F 173 17.11 -16.61 30.54
CA TYR F 173 17.82 -15.42 30.14
C TYR F 173 18.94 -15.11 31.13
N MET F 174 19.78 -14.15 30.77
CA MET F 174 20.85 -13.69 31.63
C MET F 174 20.78 -12.17 31.73
N SER F 175 21.10 -11.64 32.90
CA SER F 175 21.21 -10.22 33.09
C SER F 175 22.44 -9.70 32.36
N PRO F 176 22.56 -8.39 32.16
CA PRO F 176 23.81 -7.86 31.58
C PRO F 176 25.04 -8.23 32.38
N MET F 177 24.92 -8.36 33.70
CA MET F 177 26.08 -8.72 34.51
C MET F 177 26.44 -10.19 34.32
N GLU F 178 25.44 -11.07 34.22
CA GLU F 178 25.71 -12.45 33.83
C GLU F 178 26.34 -12.51 32.45
N ALA F 179 25.73 -11.82 31.48
CA ALA F 179 26.26 -11.80 30.12
C ALA F 179 27.68 -11.25 30.07
N GLN F 180 28.09 -10.49 31.08
CA GLN F 180 29.48 -10.03 31.14
C GLN F 180 30.41 -11.12 31.68
N GLU F 181 30.06 -11.70 32.82
CA GLU F 181 30.89 -12.73 33.44
C GLU F 181 31.01 -13.99 32.60
N PHE F 182 30.20 -14.13 31.55
CA PHE F 182 30.26 -15.29 30.68
C PHE F 182 31.08 -15.05 29.41
N GLY F 183 31.41 -13.80 29.10
CA GLY F 183 32.14 -13.47 27.89
C GLY F 183 31.29 -13.00 26.74
N ILE F 184 29.99 -12.78 26.95
CA ILE F 184 29.11 -12.39 25.85
C ILE F 184 29.35 -10.93 25.48
N LEU F 185 29.42 -10.05 26.48
CA LEU F 185 29.61 -8.62 26.27
C LEU F 185 30.69 -8.12 27.22
N ASP F 186 30.99 -6.82 27.12
CA ASP F 186 32.11 -6.23 27.83
C ASP F 186 31.70 -5.16 28.85
N LYS F 187 30.70 -4.34 28.54
CA LYS F 187 30.34 -3.23 29.39
C LYS F 187 28.82 -3.18 29.60
N VAL F 188 28.43 -2.65 30.76
CA VAL F 188 27.02 -2.45 31.12
C VAL F 188 26.88 -0.98 31.52
N LEU F 189 26.58 -0.13 30.56
CA LEU F 189 26.56 1.32 30.78
C LEU F 189 25.19 1.80 31.25
N VAL F 190 25.22 2.81 32.12
CA VAL F 190 24.02 3.51 32.55
C VAL F 190 24.01 4.95 32.03
N HIS F 191 25.17 5.57 31.96
CA HIS F 191 25.35 6.94 31.48
C HIS F 191 26.45 6.95 30.47
N PRO F 192 26.68 8.09 29.79
CA PRO F 192 27.92 8.14 28.98
C PRO F 192 29.15 8.37 29.83
N LEU G 2 12.17 -0.67 6.39
CA LEU G 2 12.35 0.53 5.61
C LEU G 2 13.74 0.57 5.01
N ILE G 3 13.82 0.90 3.72
CA ILE G 3 15.10 1.00 3.02
C ILE G 3 15.68 2.38 3.26
N PRO G 4 16.86 2.48 3.88
CA PRO G 4 17.42 3.80 4.19
C PRO G 4 17.93 4.50 2.94
N ILE G 5 18.36 5.73 3.14
CA ILE G 5 18.92 6.58 2.08
C ILE G 5 20.38 6.87 2.40
N VAL G 6 21.23 6.76 1.39
CA VAL G 6 22.62 7.20 1.47
C VAL G 6 22.80 8.35 0.50
N VAL G 7 23.59 9.34 0.90
CA VAL G 7 23.77 10.57 0.14
C VAL G 7 25.22 10.64 -0.31
N GLU G 8 25.42 10.75 -1.62
CA GLU G 8 26.75 10.79 -2.20
C GLU G 8 27.11 12.19 -2.70
N GLU G 14 26.23 16.16 -5.54
CA GLU G 14 25.90 14.98 -4.74
C GLU G 14 24.52 14.46 -5.10
N ARG G 15 24.25 13.21 -4.73
CA ARG G 15 22.96 12.58 -5.00
C ARG G 15 22.59 11.68 -3.83
N ALA G 16 21.35 11.23 -3.81
CA ALA G 16 20.81 10.46 -2.69
C ALA G 16 20.05 9.24 -3.23
N TYR G 17 20.64 8.07 -3.09
CA TYR G 17 19.98 6.81 -3.44
C TYR G 17 19.50 6.09 -2.19
N ASP G 18 18.55 5.18 -2.40
CA ASP G 18 18.31 4.12 -1.43
C ASP G 18 19.44 3.11 -1.51
N ILE G 19 19.66 2.40 -0.40
CA ILE G 19 20.89 1.62 -0.25
C ILE G 19 21.01 0.53 -1.31
N TYR G 20 19.87 -0.02 -1.77
CA TYR G 20 19.94 -1.07 -2.79
C TYR G 20 20.29 -0.48 -4.15
N SER G 21 19.79 0.72 -4.46
CA SER G 21 20.19 1.39 -5.69
C SER G 21 21.68 1.73 -5.66
N ARG G 22 22.19 2.12 -4.49
CA ARG G 22 23.60 2.47 -4.38
C ARG G 22 24.49 1.25 -4.59
N LEU G 23 24.01 0.05 -4.22
CA LEU G 23 24.76 -1.17 -4.49
C LEU G 23 24.96 -1.36 -5.99
N LEU G 24 23.97 -0.99 -6.80
CA LEU G 24 24.10 -1.14 -8.24
C LEU G 24 25.14 -0.18 -8.81
N ARG G 25 25.38 0.94 -8.14
CA ARG G 25 26.47 1.82 -8.57
C ARG G 25 27.83 1.17 -8.42
N GLU G 26 27.94 0.12 -7.62
CA GLU G 26 29.16 -0.66 -7.48
C GLU G 26 29.08 -2.00 -8.21
N ARG G 27 28.13 -2.13 -9.15
CA ARG G 27 27.94 -3.33 -9.95
C ARG G 27 27.71 -4.56 -9.07
N ILE G 28 26.77 -4.44 -8.14
CA ILE G 28 26.38 -5.53 -7.25
C ILE G 28 24.92 -5.87 -7.53
N VAL G 29 24.64 -7.15 -7.73
CA VAL G 29 23.29 -7.64 -7.98
C VAL G 29 22.96 -8.65 -6.90
N CYS G 30 21.88 -8.42 -6.16
CA CYS G 30 21.49 -9.25 -5.03
C CYS G 30 20.46 -10.27 -5.47
N VAL G 31 20.80 -11.55 -5.36
CA VAL G 31 19.83 -12.63 -5.55
C VAL G 31 19.42 -13.15 -4.18
N MET G 32 18.51 -12.43 -3.53
CA MET G 32 18.08 -12.74 -2.17
C MET G 32 16.72 -13.41 -2.19
N GLY G 33 16.51 -14.35 -1.28
CA GLY G 33 15.24 -15.01 -1.13
C GLY G 33 14.91 -15.95 -2.27
N PRO G 34 13.72 -16.55 -2.23
CA PRO G 34 13.32 -17.46 -3.31
C PRO G 34 13.30 -16.75 -4.66
N ILE G 35 13.32 -17.56 -5.72
CA ILE G 35 13.47 -17.08 -7.09
C ILE G 35 12.20 -17.41 -7.86
N ASP G 36 11.45 -16.37 -8.21
CA ASP G 36 10.34 -16.48 -9.15
C ASP G 36 10.69 -15.72 -10.43
N ASP G 37 9.69 -15.51 -11.29
CA ASP G 37 9.94 -14.78 -12.52
C ASP G 37 10.10 -13.29 -12.29
N SER G 38 9.55 -12.76 -11.20
CA SER G 38 9.79 -11.37 -10.86
C SER G 38 11.25 -11.15 -10.46
N VAL G 39 11.78 -12.01 -9.60
CA VAL G 39 13.19 -11.93 -9.22
C VAL G 39 14.08 -12.16 -10.44
N ALA G 40 13.66 -13.06 -11.33
CA ALA G 40 14.40 -13.30 -12.56
C ALA G 40 14.42 -12.05 -13.44
N SER G 41 13.25 -11.48 -13.70
CA SER G 41 13.17 -10.28 -14.53
C SER G 41 13.95 -9.12 -13.91
N LEU G 42 13.95 -9.01 -12.58
CA LEU G 42 14.71 -7.95 -11.94
C LEU G 42 16.21 -8.16 -12.07
N VAL G 43 16.67 -9.40 -11.87
CA VAL G 43 18.10 -9.70 -11.97
C VAL G 43 18.57 -9.48 -13.40
N ILE G 44 17.82 -9.99 -14.38
CA ILE G 44 18.21 -9.86 -15.78
C ILE G 44 18.27 -8.40 -16.19
N ALA G 45 17.35 -7.59 -15.68
CA ALA G 45 17.36 -6.16 -16.00
C ALA G 45 18.67 -5.51 -15.55
N GLN G 46 19.14 -5.86 -14.35
CA GLN G 46 20.40 -5.32 -13.87
C GLN G 46 21.59 -5.98 -14.56
N LEU G 47 21.42 -7.21 -15.05
CA LEU G 47 22.50 -7.86 -15.77
C LEU G 47 22.66 -7.26 -17.16
N LEU G 48 21.55 -7.00 -17.85
CA LEU G 48 21.63 -6.37 -19.17
C LEU G 48 21.98 -4.89 -19.07
N PHE G 49 21.63 -4.24 -17.96
CA PHE G 49 21.98 -2.83 -17.78
C PHE G 49 23.46 -2.67 -17.45
N LEU G 50 23.95 -3.44 -16.46
CA LEU G 50 25.35 -3.34 -16.06
C LEU G 50 26.28 -3.71 -17.21
N GLN G 51 25.79 -4.53 -18.15
CA GLN G 51 26.63 -4.92 -19.29
C GLN G 51 26.82 -3.77 -20.27
N SER G 52 25.78 -2.94 -20.45
CA SER G 52 25.91 -1.78 -21.33
C SER G 52 26.72 -0.66 -20.70
N GLU G 53 26.79 -0.60 -19.37
CA GLU G 53 27.70 0.34 -18.72
C GLU G 53 29.14 -0.03 -18.98
N SER G 54 29.42 -1.32 -19.14
CA SER G 54 30.75 -1.85 -19.42
C SER G 54 30.66 -3.36 -19.64
N ASN G 55 30.90 -3.82 -20.87
CA ASN G 55 30.79 -5.24 -21.15
C ASN G 55 31.96 -6.05 -20.61
N LYS G 56 32.92 -5.42 -19.93
CA LYS G 56 34.05 -6.14 -19.38
C LYS G 56 34.31 -5.88 -17.90
N LYS G 57 33.71 -4.85 -17.31
CA LYS G 57 33.82 -4.69 -15.86
C LYS G 57 33.04 -5.82 -15.18
N PRO G 58 33.63 -6.48 -14.19
CA PRO G 58 32.95 -7.63 -13.57
C PRO G 58 31.73 -7.19 -12.77
N ILE G 59 30.70 -8.03 -12.81
CA ILE G 59 29.49 -7.88 -12.00
C ILE G 59 29.64 -8.79 -10.78
N HIS G 60 29.04 -8.38 -9.67
CA HIS G 60 29.08 -9.12 -8.42
C HIS G 60 27.68 -9.58 -8.06
N MET G 61 27.52 -10.89 -7.86
CA MET G 61 26.22 -11.51 -7.64
C MET G 61 26.18 -12.08 -6.22
N TYR G 62 25.60 -11.33 -5.30
CA TYR G 62 25.36 -11.83 -3.96
C TYR G 62 24.17 -12.79 -3.98
N ILE G 63 24.37 -14.00 -3.49
CA ILE G 63 23.32 -15.02 -3.46
C ILE G 63 23.09 -15.45 -2.02
N ASN G 64 21.84 -15.39 -1.58
CA ASN G 64 21.40 -15.96 -0.30
C ASN G 64 19.97 -16.45 -0.57
N SER G 65 19.87 -17.68 -1.08
CA SER G 65 18.61 -18.17 -1.63
C SER G 65 18.40 -19.64 -1.31
N PRO G 66 17.16 -20.05 -1.02
CA PRO G 66 16.84 -21.48 -0.89
C PRO G 66 16.51 -22.16 -2.21
N GLY G 67 16.27 -21.40 -3.27
CA GLY G 67 15.91 -21.96 -4.56
C GLY G 67 14.80 -21.17 -5.23
N GLY G 68 13.99 -21.85 -6.03
CA GLY G 68 12.87 -21.21 -6.66
C GLY G 68 12.47 -21.94 -7.93
N VAL G 69 11.72 -21.23 -8.78
CA VAL G 69 11.25 -21.80 -10.03
C VAL G 69 12.43 -22.16 -10.92
N VAL G 70 12.41 -23.38 -11.46
CA VAL G 70 13.53 -23.84 -12.29
C VAL G 70 13.62 -23.03 -13.57
N THR G 71 12.48 -22.81 -14.24
CA THR G 71 12.50 -22.03 -15.47
C THR G 71 12.89 -20.58 -15.21
N ALA G 72 12.43 -20.01 -14.09
CA ALA G 72 12.84 -18.65 -13.74
C ALA G 72 14.32 -18.58 -13.37
N GLY G 73 14.86 -19.67 -12.84
CA GLY G 73 16.26 -19.71 -12.48
C GLY G 73 17.18 -19.94 -13.67
N LEU G 74 16.78 -20.84 -14.58
CA LEU G 74 17.58 -21.11 -15.77
C LEU G 74 17.71 -19.86 -16.64
N ALA G 75 16.68 -19.01 -16.67
CA ALA G 75 16.77 -17.77 -17.44
C ALA G 75 17.86 -16.86 -16.90
N ILE G 76 17.98 -16.78 -15.58
CA ILE G 76 19.08 -16.01 -14.99
C ILE G 76 20.41 -16.61 -15.39
N TYR G 77 20.53 -17.93 -15.29
CA TYR G 77 21.76 -18.61 -15.71
C TYR G 77 22.08 -18.32 -17.18
N ASP G 78 21.07 -18.44 -18.05
CA ASP G 78 21.29 -18.24 -19.47
C ASP G 78 21.76 -16.80 -19.75
N THR G 79 21.23 -15.84 -19.01
CA THR G 79 21.67 -14.45 -19.18
C THR G 79 23.10 -14.29 -18.70
N MET G 80 23.47 -14.96 -17.61
CA MET G 80 24.85 -14.90 -17.12
C MET G 80 25.82 -15.44 -18.18
N GLN G 81 25.46 -16.55 -18.83
CA GLN G 81 26.30 -17.06 -19.91
C GLN G 81 26.27 -16.13 -21.12
N TYR G 82 25.14 -15.48 -21.37
CA TYR G 82 25.04 -14.57 -22.51
C TYR G 82 25.98 -13.38 -22.36
N ILE G 83 25.80 -12.60 -21.30
CA ILE G 83 26.49 -11.32 -21.21
C ILE G 83 28.01 -11.52 -21.22
N LEU G 84 28.71 -10.49 -21.69
CA LEU G 84 30.15 -10.56 -21.86
C LEU G 84 30.91 -10.42 -20.55
N ASN G 85 30.28 -9.88 -19.51
CA ASN G 85 31.00 -9.53 -18.30
C ASN G 85 31.40 -10.77 -17.52
N PRO G 86 32.60 -10.81 -16.96
CA PRO G 86 32.89 -11.77 -15.90
C PRO G 86 32.00 -11.50 -14.70
N ILE G 87 31.68 -12.55 -13.96
CA ILE G 87 30.71 -12.47 -12.87
C ILE G 87 31.29 -13.11 -11.62
N CYS G 88 31.45 -12.33 -10.57
CA CYS G 88 31.83 -12.85 -9.25
C CYS G 88 30.57 -13.21 -8.48
N THR G 89 30.43 -14.49 -8.15
CA THR G 89 29.33 -14.94 -7.30
C THR G 89 29.78 -15.00 -5.85
N TRP G 90 28.88 -14.66 -4.93
CA TRP G 90 29.16 -14.68 -3.51
C TRP G 90 28.00 -15.32 -2.78
N CYS G 91 28.29 -16.32 -1.96
CA CYS G 91 27.28 -17.04 -1.18
C CYS G 91 27.39 -16.60 0.28
N VAL G 92 26.33 -15.95 0.76
CA VAL G 92 26.18 -15.61 2.17
C VAL G 92 24.94 -16.33 2.68
N GLY G 93 25.00 -16.80 3.93
CA GLY G 93 23.89 -17.53 4.50
C GLY G 93 23.74 -18.91 3.88
N GLN G 94 23.11 -18.98 2.71
CA GLN G 94 22.90 -20.27 2.06
C GLN G 94 22.76 -20.07 0.56
N ALA G 95 22.87 -21.18 -0.18
CA ALA G 95 22.61 -21.21 -1.62
C ALA G 95 22.15 -22.64 -1.94
N ALA G 96 20.84 -22.84 -1.95
CA ALA G 96 20.25 -24.15 -2.11
C ALA G 96 19.41 -24.19 -3.38
N SER G 97 19.21 -25.41 -3.88
CA SER G 97 18.37 -25.69 -5.06
C SER G 97 18.93 -24.89 -6.23
N MET G 98 18.18 -23.96 -6.82
CA MET G 98 18.67 -23.19 -7.95
C MET G 98 19.64 -22.10 -7.55
N GLY G 99 19.64 -21.69 -6.28
CA GLY G 99 20.59 -20.67 -5.85
C GLY G 99 22.03 -21.11 -5.99
N SER G 100 22.32 -22.37 -5.64
CA SER G 100 23.66 -22.89 -5.84
C SER G 100 24.03 -23.01 -7.31
N LEU G 101 23.03 -23.24 -8.17
CA LEU G 101 23.30 -23.33 -9.60
C LEU G 101 23.78 -21.99 -10.15
N LEU G 102 23.20 -20.89 -9.67
CA LEU G 102 23.71 -19.58 -10.04
C LEU G 102 25.10 -19.35 -9.45
N LEU G 103 25.32 -19.81 -8.21
CA LEU G 103 26.61 -19.64 -7.56
C LEU G 103 27.70 -20.43 -8.29
N ALA G 104 27.42 -21.70 -8.58
CA ALA G 104 28.38 -22.52 -9.32
C ALA G 104 28.61 -22.02 -10.74
N ALA G 105 27.70 -21.19 -11.26
CA ALA G 105 27.78 -20.69 -12.63
C ALA G 105 28.43 -19.31 -12.71
N GLY G 106 29.33 -18.99 -11.79
CA GLY G 106 30.11 -17.78 -11.93
C GLY G 106 31.28 -18.00 -12.87
N THR G 107 31.95 -16.90 -13.20
CA THR G 107 33.16 -17.00 -14.00
C THR G 107 34.17 -17.87 -13.26
N PRO G 108 34.73 -18.89 -13.91
CA PRO G 108 35.64 -19.81 -13.23
C PRO G 108 36.78 -19.07 -12.53
N GLY G 109 36.98 -19.40 -11.26
CA GLY G 109 37.94 -18.71 -10.42
C GLY G 109 37.41 -17.49 -9.71
N MET G 110 36.12 -17.19 -9.83
CA MET G 110 35.53 -16.02 -9.22
C MET G 110 34.21 -16.37 -8.52
N ARG G 111 34.13 -17.57 -7.95
CA ARG G 111 32.96 -18.04 -7.21
C ARG G 111 33.34 -18.18 -5.75
N HIS G 112 32.75 -17.35 -4.90
CA HIS G 112 33.17 -17.22 -3.51
C HIS G 112 32.05 -17.61 -2.56
N SER G 113 32.42 -17.79 -1.29
CA SER G 113 31.48 -18.07 -0.22
C SER G 113 32.11 -17.63 1.09
N LEU G 114 31.28 -17.03 1.96
CA LEU G 114 31.73 -16.68 3.29
C LEU G 114 31.80 -17.94 4.15
N PRO G 115 32.58 -17.91 5.24
CA PRO G 115 32.95 -19.18 5.90
C PRO G 115 31.78 -19.99 6.43
N ASN G 116 30.72 -19.35 6.95
CA ASN G 116 29.65 -20.06 7.63
C ASN G 116 28.45 -20.33 6.73
N SER G 117 28.63 -20.33 5.41
CA SER G 117 27.52 -20.57 4.52
C SER G 117 27.22 -22.06 4.41
N ARG G 118 26.04 -22.38 3.88
CA ARG G 118 25.63 -23.74 3.60
C ARG G 118 25.22 -23.83 2.13
N ILE G 119 25.73 -24.83 1.43
CA ILE G 119 25.52 -24.97 0.00
C ILE G 119 24.90 -26.33 -0.27
N MET G 120 23.76 -26.33 -0.95
CA MET G 120 23.07 -27.57 -1.31
C MET G 120 22.74 -27.56 -2.79
N ILE G 121 23.07 -28.65 -3.48
CA ILE G 121 22.64 -28.84 -4.86
C ILE G 121 21.48 -29.81 -4.98
N HIS G 122 21.13 -30.52 -3.91
CA HIS G 122 19.97 -31.39 -3.94
C HIS G 122 18.70 -30.57 -4.09
N GLN G 123 17.86 -30.96 -5.04
CA GLN G 123 16.64 -30.22 -5.31
C GLN G 123 15.54 -30.67 -4.35
N PRO G 124 15.04 -29.79 -3.49
CA PRO G 124 13.98 -30.21 -2.55
C PRO G 124 12.67 -30.50 -3.26
N SER G 125 11.67 -30.92 -2.49
CA SER G 125 10.38 -31.36 -3.03
C SER G 125 10.58 -32.52 -4.01
N ALA G 132 8.53 -25.45 -9.00
CA ALA G 132 9.57 -25.68 -9.99
C ALA G 132 9.20 -25.05 -11.33
N THR G 133 7.90 -24.97 -11.60
CA THR G 133 7.38 -24.36 -12.82
C THR G 133 6.08 -23.63 -12.50
N ASP G 134 5.77 -22.62 -13.32
CA ASP G 134 4.56 -21.84 -13.11
C ASP G 134 3.29 -22.62 -13.41
N ILE G 135 3.39 -23.76 -14.10
CA ILE G 135 2.23 -24.57 -14.43
C ILE G 135 2.53 -26.02 -14.08
N ALA G 136 1.48 -26.76 -13.71
CA ALA G 136 1.63 -28.19 -13.50
C ALA G 136 2.03 -28.86 -14.81
N ILE G 137 2.99 -29.77 -14.74
CA ILE G 137 3.65 -30.29 -15.92
C ILE G 137 3.78 -31.81 -15.84
N GLN G 138 3.88 -32.43 -17.01
CA GLN G 138 3.96 -33.88 -17.12
C GLN G 138 5.26 -34.40 -16.51
N ALA G 139 5.29 -35.71 -16.26
CA ALA G 139 6.43 -36.31 -15.59
C ALA G 139 7.69 -36.23 -16.45
N GLU G 140 7.55 -36.31 -17.77
CA GLU G 140 8.72 -36.22 -18.65
C GLU G 140 9.28 -34.81 -18.72
N GLU G 141 8.45 -33.79 -18.48
CA GLU G 141 8.96 -32.43 -18.42
C GLU G 141 9.66 -32.13 -17.10
N ILE G 142 9.24 -32.79 -16.02
CA ILE G 142 9.92 -32.61 -14.73
C ILE G 142 11.34 -33.15 -14.80
N MET G 143 11.54 -34.25 -15.54
CA MET G 143 12.87 -34.83 -15.66
C MET G 143 13.72 -34.16 -16.74
N LYS G 144 13.08 -33.58 -17.76
CA LYS G 144 13.86 -32.78 -18.71
C LYS G 144 14.50 -31.60 -18.01
N LEU G 145 13.76 -30.94 -17.10
CA LEU G 145 14.35 -29.95 -16.22
C LEU G 145 15.53 -30.53 -15.45
N LYS G 146 15.36 -31.74 -14.91
CA LYS G 146 16.40 -32.33 -14.07
C LYS G 146 17.63 -32.69 -14.88
N LYS G 147 17.45 -33.14 -16.13
CA LYS G 147 18.59 -33.46 -16.96
C LYS G 147 19.31 -32.22 -17.45
N GLN G 148 18.59 -31.11 -17.61
CA GLN G 148 19.26 -29.84 -17.87
C GLN G 148 20.08 -29.40 -16.67
N LEU G 149 19.55 -29.59 -15.46
CA LEU G 149 20.32 -29.26 -14.26
C LEU G 149 21.56 -30.12 -14.14
N TYR G 150 21.44 -31.40 -14.50
CA TYR G 150 22.59 -32.30 -14.48
C TYR G 150 23.70 -31.82 -15.40
N ASN G 151 23.33 -31.35 -16.59
CA ASN G 151 24.33 -30.88 -17.56
C ASN G 151 25.00 -29.61 -17.07
N ILE G 152 24.24 -28.70 -16.46
CA ILE G 152 24.83 -27.44 -15.99
C ILE G 152 25.75 -27.70 -14.81
N TYR G 153 25.36 -28.59 -13.89
CA TYR G 153 26.21 -28.88 -12.75
C TYR G 153 27.47 -29.64 -13.16
N ALA G 154 27.34 -30.56 -14.11
CA ALA G 154 28.52 -31.27 -14.61
C ALA G 154 29.46 -30.32 -15.34
N LYS G 155 28.90 -29.35 -16.07
CA LYS G 155 29.72 -28.41 -16.83
C LYS G 155 30.58 -27.54 -15.90
N HIS G 156 29.94 -26.93 -14.89
CA HIS G 156 30.63 -25.91 -14.11
C HIS G 156 31.49 -26.53 -13.00
N THR G 157 31.01 -27.61 -12.38
CA THR G 157 31.81 -28.30 -11.37
C THR G 157 32.90 -29.16 -11.99
N LYS G 158 32.83 -29.41 -13.30
CA LYS G 158 33.72 -30.34 -14.02
C LYS G 158 33.61 -31.76 -13.50
N GLN G 159 32.56 -32.08 -12.75
CA GLN G 159 32.30 -33.44 -12.32
C GLN G 159 31.55 -34.21 -13.41
N SER G 160 31.48 -35.52 -13.24
CA SER G 160 30.82 -36.37 -14.21
C SER G 160 29.32 -36.42 -13.95
N LEU G 161 28.58 -36.92 -14.94
CA LEU G 161 27.15 -37.10 -14.77
C LEU G 161 26.84 -38.12 -13.70
N GLN G 162 27.71 -39.12 -13.50
CA GLN G 162 27.50 -40.09 -12.44
C GLN G 162 27.58 -39.43 -11.07
N VAL G 163 28.50 -38.49 -10.88
CA VAL G 163 28.68 -37.87 -9.58
C VAL G 163 27.61 -36.83 -9.32
N ILE G 164 27.28 -36.00 -10.31
CA ILE G 164 26.20 -35.03 -10.16
C ILE G 164 24.89 -35.73 -9.85
N GLU G 165 24.64 -36.86 -10.50
CA GLU G 165 23.36 -37.56 -10.34
C GLU G 165 23.20 -38.10 -8.93
N SER G 166 24.26 -38.68 -8.36
CA SER G 166 24.19 -39.22 -7.01
C SER G 166 24.37 -38.17 -5.93
N ALA G 167 25.02 -37.05 -6.25
CA ALA G 167 25.17 -35.99 -5.26
C ALA G 167 23.85 -35.29 -4.97
N MET G 168 23.04 -35.06 -6.01
CA MET G 168 21.74 -34.42 -5.83
C MET G 168 20.73 -35.32 -5.13
N GLU G 169 21.06 -36.60 -4.94
CA GLU G 169 20.20 -37.50 -4.18
C GLU G 169 20.45 -37.40 -2.68
N ARG G 170 21.63 -36.93 -2.28
CA ARG G 170 21.98 -36.71 -0.88
C ARG G 170 21.19 -35.52 -0.37
N ASP G 171 20.14 -35.76 0.42
CA ASP G 171 19.35 -34.69 1.01
C ASP G 171 20.13 -34.09 2.18
N ARG G 172 21.19 -33.37 1.83
CA ARG G 172 22.14 -32.84 2.80
C ARG G 172 22.70 -31.53 2.29
N TYR G 173 23.49 -30.88 3.14
CA TYR G 173 24.14 -29.63 2.80
C TYR G 173 25.64 -29.83 2.74
N MET G 174 26.33 -28.87 2.11
CA MET G 174 27.78 -28.88 2.00
C MET G 174 28.36 -27.64 2.68
N SER G 175 29.45 -27.84 3.39
CA SER G 175 30.21 -26.72 3.91
C SER G 175 30.86 -25.98 2.74
N PRO G 176 31.21 -24.70 2.92
CA PRO G 176 31.90 -23.98 1.85
C PRO G 176 33.18 -24.64 1.40
N MET G 177 33.81 -25.45 2.26
CA MET G 177 35.02 -26.17 1.86
C MET G 177 34.68 -27.40 1.04
N GLU G 178 33.64 -28.14 1.43
CA GLU G 178 33.19 -29.27 0.61
C GLU G 178 32.76 -28.80 -0.77
N ALA G 179 31.99 -27.72 -0.82
CA ALA G 179 31.50 -27.21 -2.10
C ALA G 179 32.66 -26.74 -2.98
N GLN G 180 33.68 -26.12 -2.38
CA GLN G 180 34.87 -25.78 -3.14
C GLN G 180 35.57 -27.03 -3.66
N GLU G 181 35.62 -28.07 -2.85
CA GLU G 181 36.22 -29.33 -3.28
C GLU G 181 35.40 -30.02 -4.34
N PHE G 182 34.07 -29.87 -4.29
CA PHE G 182 33.20 -30.53 -5.25
C PHE G 182 33.23 -29.84 -6.61
N GLY G 183 33.48 -28.54 -6.64
CA GLY G 183 33.51 -27.79 -7.88
C GLY G 183 32.53 -26.63 -7.94
N ILE G 184 31.66 -26.46 -6.95
CA ILE G 184 30.71 -25.36 -6.97
C ILE G 184 31.41 -24.04 -6.68
N LEU G 185 32.41 -24.07 -5.79
CA LEU G 185 33.05 -22.87 -5.29
C LEU G 185 34.53 -22.87 -5.66
N ASP G 186 35.13 -21.69 -5.59
CA ASP G 186 36.55 -21.51 -5.84
C ASP G 186 37.31 -21.04 -4.61
N LYS G 187 36.78 -20.08 -3.87
CA LYS G 187 37.53 -19.43 -2.79
C LYS G 187 36.60 -19.16 -1.61
N VAL G 188 36.77 -19.92 -0.53
CA VAL G 188 36.21 -19.54 0.76
C VAL G 188 37.15 -18.53 1.40
N LEU G 189 36.61 -17.38 1.78
CA LEU G 189 37.44 -16.34 2.36
C LEU G 189 36.66 -15.59 3.43
N VAL G 190 37.39 -15.14 4.45
CA VAL G 190 36.80 -14.54 5.63
C VAL G 190 37.07 -13.04 5.72
N HIS G 191 38.07 -12.54 5.02
CA HIS G 191 38.50 -11.15 5.08
C HIS G 191 38.81 -10.67 3.66
N PRO G 192 38.85 -9.36 3.44
CA PRO G 192 39.32 -8.87 2.14
C PRO G 192 40.79 -9.15 1.96
N PRO G 193 41.17 -9.93 0.94
CA PRO G 193 42.56 -10.34 0.72
C PRO G 193 43.44 -9.21 0.19
C02 P3O H . 19.77 -1.65 -20.54
C03 P3O H . 20.60 -0.86 -21.30
C04 P3O H . 21.22 -1.39 -22.39
C05 P3O H . 21.00 -2.75 -22.75
C06 P3O H . 21.71 -3.35 -23.99
C08 P3O H . 19.77 -3.65 -25.69
C10 P3O H . 18.95 -5.95 -26.32
C11 P3O H . 19.97 -6.56 -25.41
C12 P3O H . 20.05 -7.99 -25.28
C14 P3O H . 19.03 -10.03 -25.86
C15 P3O H . 19.03 -10.68 -24.45
C16 P3O H . 17.82 -10.77 -23.70
C17 P3O H . 17.84 -11.35 -22.44
C18 P3O H . 16.58 -11.45 -21.65
C20 P3O H . 18.99 -11.85 -21.93
C21 P3O H . 20.19 -11.76 -22.68
C22 P3O H . 20.17 -11.18 -23.95
C23 P3O H . 18.52 -8.35 -26.95
C24 P3O H . 18.13 -6.75 -27.01
C25 P3O H . 17.89 -3.91 -27.34
C27 P3O H . 20.88 -5.67 -24.65
C29 P3O H . 20.14 -3.56 -21.97
C30 P3O H . 19.55 -3.05 -20.91
N07 P3O H . 20.78 -4.25 -24.78
N09 P3O H . 18.86 -4.52 -26.45
N13 P3O H . 18.82 -8.74 -25.81
N19 P3O H . 15.63 -11.52 -21.04
O26 P3O H . 19.69 -2.41 -25.80
O28 P3O H . 21.66 -6.14 -23.93
CL01 P3O H . 18.94 -0.95 -19.09
C02 P3O I . 1.98 7.29 -27.72
C03 P3O I . 2.37 8.35 -28.51
C04 P3O I . 1.96 8.39 -29.82
C05 P3O I . 1.16 7.34 -30.36
C06 P3O I . 0.72 7.39 -31.84
C08 P3O I . -1.77 8.05 -31.64
C10 P3O I . -3.61 6.40 -32.15
C11 P3O I . -2.58 5.37 -32.47
C12 P3O I . -2.99 4.03 -32.87
C14 P3O I . -4.83 2.69 -33.39
C15 P3O I . -4.44 1.38 -32.64
C16 P3O I . -4.99 1.10 -31.35
C17 P3O I . -4.63 -0.06 -30.71
C18 P3O I . -5.19 -0.37 -29.37
C20 P3O I . -3.76 -0.94 -31.30
C21 P3O I . -3.22 -0.65 -32.57
C22 P3O I . -3.58 0.52 -33.22
C23 P3O I . -5.19 4.70 -33.10
C24 P3O I . -4.90 6.09 -32.25
C25 P3O I . -4.18 8.74 -31.43
C27 P3O I . -1.14 5.70 -32.36
C29 P3O I . 0.78 6.26 -29.54
C30 P3O I . 1.15 6.22 -28.28
N07 P3O I . -0.75 7.03 -31.95
N09 P3O I . -3.20 7.73 -31.74
N13 P3O I . -4.49 3.75 -32.72
N19 P3O I . -5.62 -0.61 -28.35
O26 P3O I . -1.42 9.20 -31.29
O28 P3O I . -0.34 4.91 -32.60
CL01 P3O I . 2.51 7.23 -26.01
C02 P3O J . -11.97 19.77 -17.35
C03 P3O J . -11.71 20.99 -17.93
C04 P3O J . -12.74 21.71 -18.48
C05 P3O J . -14.06 21.19 -18.46
C06 P3O J . -15.21 22.01 -19.09
C08 P3O J . -16.70 22.71 -17.08
C10 P3O J . -18.98 21.67 -16.73
C11 P3O J . -18.77 20.83 -17.95
C12 P3O J . -19.80 19.91 -18.38
C14 P3O J . -21.92 19.03 -17.87
C15 P3O J . -21.62 17.53 -18.08
C16 P3O J . -21.22 16.71 -16.99
C17 P3O J . -20.97 15.37 -17.19
C18 P3O J . -20.55 14.50 -16.05
C20 P3O J . -21.09 14.83 -18.44
C21 P3O J . -21.48 15.65 -19.53
C22 P3O J . -21.74 17.00 -19.32
C23 P3O J . -21.30 20.71 -16.83
C24 P3O J . -20.11 21.55 -16.04
C25 P3O J . -18.14 23.42 -15.13
C27 P3O J . -17.52 20.96 -18.73
C29 P3O J . -14.32 19.93 -17.87
C30 P3O J . -13.33 19.24 -17.34
N07 P3O J . -16.49 21.87 -18.30
N09 P3O J . -17.95 22.59 -16.31
N13 P3O J . -20.89 19.65 -17.33
N19 P3O J . -20.24 13.85 -15.19
O26 P3O J . -15.81 23.51 -16.72
O28 P3O J . -17.35 20.31 -19.67
CL01 P3O J . -10.61 18.83 -16.63
C02 P3O K . -11.23 26.64 2.69
C03 P3O K . -10.84 27.96 2.58
C04 P3O K . -11.57 28.94 3.19
C05 P3O K . -12.75 28.59 3.92
C06 P3O K . -13.59 29.70 4.61
C08 P3O K . -13.25 29.35 7.15
C10 P3O K . -15.06 28.30 8.56
C11 P3O K . -15.93 28.16 7.35
C12 P3O K . -17.25 27.58 7.46
C14 P3O K . -18.87 26.81 8.98
C15 P3O K . -19.37 25.54 8.24
C16 P3O K . -18.81 24.26 8.53
C17 P3O K . -19.27 23.14 7.86
C18 P3O K . -18.70 21.80 8.15
C20 P3O K . -20.26 23.27 6.92
C21 P3O K . -20.82 24.54 6.64
C22 P3O K . -20.34 25.65 7.31
C23 P3O K . -17.16 27.68 9.76
C24 P3O K . -15.52 27.87 9.74
C25 P3O K . -12.90 29.02 9.63
C27 P3O K . -15.42 28.63 6.04
C29 P3O K . -13.15 27.24 4.02
C30 P3O K . -12.43 26.29 3.44
N07 P3O K . -14.11 29.22 5.94
N09 P3O K . -13.75 28.89 8.45
N13 P3O K . -17.58 26.97 8.83
N19 P3O K . -18.28 20.78 8.37
O26 P3O K . -12.11 29.85 7.06
O28 P3O K . -16.08 28.54 5.10
CL01 P3O K . -10.26 25.36 1.89
C02 P3O L . 3.68 22.60 17.50
C03 P3O L . 4.49 23.71 17.61
C04 P3O L . 4.67 24.32 18.82
C05 P3O L . 4.00 23.81 19.97
C06 P3O L . 4.19 24.51 21.34
C08 P3O L . 5.80 22.91 22.62
C10 P3O L . 4.95 21.50 24.53
C11 P3O L . 3.59 22.07 24.35
C12 P3O L . 2.50 21.65 25.21
C14 P3O L . 1.92 20.28 27.02
C15 P3O L . 0.62 19.70 26.43
C16 P3O L . 0.64 18.44 25.75
C17 P3O L . -0.53 17.92 25.22
C18 P3O L . -0.51 16.61 24.52
C20 P3O L . -1.70 18.61 25.35
C21 P3O L . -1.72 19.86 26.03
C22 P3O L . -0.54 20.38 26.56
C23 P3O L . 3.94 20.52 26.62
C24 P3O L . 5.16 20.59 25.49
C25 P3O L . 7.37 21.36 23.84
C27 P3O L . 3.35 23.07 23.27
C29 P3O L . 3.17 22.67 19.86
C30 P3O L . 3.01 22.08 18.69
N07 P3O L . 4.44 23.48 22.42
N09 P3O L . 6.03 21.91 23.67
N13 P3O L . 2.83 20.44 26.08
N19 P3O L . -0.49 15.62 23.98
O26 P3O L . 6.74 23.26 21.87
O28 P3O L . 2.30 23.52 23.13
CL01 P3O L . 3.47 21.81 15.90
C02 P3O M . 21.43 10.61 15.99
C03 P3O M . 22.44 11.54 15.92
C04 P3O M . 23.43 11.54 16.86
C05 P3O M . 23.41 10.58 17.92
C06 P3O M . 24.52 10.57 19.00
C08 P3O M . 25.94 8.57 18.17
C10 P3O M . 25.96 6.37 19.43
C11 P3O M . 25.00 6.95 20.42
C12 P3O M . 24.56 6.14 21.53
C14 P3O M . 24.54 3.97 22.44
C15 P3O M . 23.03 3.88 22.81
C16 P3O M . 22.14 3.02 22.10
C17 P3O M . 20.80 2.96 22.46
C18 P3O M . 19.87 2.07 21.72
C20 P3O M . 20.34 3.70 23.49
C21 P3O M . 21.22 4.55 24.20
C22 P3O M . 22.55 4.62 23.84
C23 P3O M . 25.92 4.38 20.98
C24 P3O M . 26.37 5.11 19.57
C25 P3O M . 27.33 6.63 17.33
C27 P3O M . 24.54 8.35 20.27
C29 P3O M . 22.36 9.63 17.99
C30 P3O M . 21.41 9.63 17.07
N07 P3O M . 25.00 9.14 19.16
N09 P3O M . 26.41 7.18 18.32
N13 P3O M . 24.76 4.63 21.33
N19 P3O M . 19.16 1.39 21.16
O26 P3O M . 26.33 9.26 17.21
O28 P3O M . 23.81 8.81 21.05
CL01 P3O M . 20.13 10.60 14.75
C02 P3O N . 28.45 -0.06 -1.03
C03 P3O N . 29.46 0.72 -1.56
C04 P3O N . 30.72 0.20 -1.69
C05 P3O N . 30.98 -1.13 -1.27
C06 P3O N . 32.41 -1.72 -1.42
C08 P3O N . 32.16 -3.29 -3.46
C10 P3O N . 32.12 -5.80 -3.21
C11 P3O N . 32.28 -5.64 -1.73
C12 P3O N . 32.35 -6.81 -0.88
C14 P3O N . 32.31 -9.14 -0.83
C15 P3O N . 31.32 -9.40 0.33
C16 P3O N . 29.96 -9.75 0.04
C17 P3O N . 29.08 -9.98 1.08
C18 P3O N . 27.67 -10.34 0.79
C20 P3O N . 29.51 -9.88 2.38
C21 P3O N . 30.86 -9.54 2.65
C22 P3O N . 31.74 -9.30 1.60
C23 P3O N . 32.46 -8.24 -2.68
C24 P3O N . 32.04 -7.02 -3.73
C25 P3O N . 31.91 -4.76 -5.49
C27 P3O N . 32.37 -4.27 -1.14
C29 P3O N . 29.95 -1.93 -0.73
C30 P3O N . 28.74 -1.43 -0.60
N07 P3O N . 32.31 -3.12 -1.99
N09 P3O N . 32.06 -4.62 -4.05
N13 P3O N . 31.95 -8.12 -1.56
N19 P3O N . 26.59 -10.62 0.57
O26 P3O N . 32.11 -2.27 -4.20
O28 P3O N . 32.50 -4.15 -0.01
CL01 P3O N . 26.79 0.61 -0.86
#